data_1EJ4
# 
_entry.id   1EJ4 
# 
_audit_conform.dict_name       mmcif_pdbx.dic 
_audit_conform.dict_version    5.387 
_audit_conform.dict_location   http://mmcif.pdb.org/dictionaries/ascii/mmcif_pdbx.dic 
# 
loop_
_database_2.database_id 
_database_2.database_code 
_database_2.pdbx_database_accession 
_database_2.pdbx_DOI 
PDB   1EJ4         pdb_00001ej4 10.2210/pdb1ej4/pdb 
RCSB  RCSB010626   ?            ?                   
WWPDB D_1000010626 ?            ?                   
# 
loop_
_pdbx_audit_revision_history.ordinal 
_pdbx_audit_revision_history.data_content_type 
_pdbx_audit_revision_history.major_revision 
_pdbx_audit_revision_history.minor_revision 
_pdbx_audit_revision_history.revision_date 
1 'Structure model' 1 0 2000-03-15 
2 'Structure model' 1 1 2008-04-27 
3 'Structure model' 1 2 2011-07-13 
4 'Structure model' 1 3 2018-01-31 
5 'Structure model' 1 4 2021-02-03 
6 'Structure model' 1 5 2024-02-07 
7 'Structure model' 2 0 2024-03-06 
# 
_pdbx_audit_revision_details.ordinal             1 
_pdbx_audit_revision_details.revision_ordinal    1 
_pdbx_audit_revision_details.data_content_type   'Structure model' 
_pdbx_audit_revision_details.provider            repository 
_pdbx_audit_revision_details.type                'Initial release' 
_pdbx_audit_revision_details.description         ? 
_pdbx_audit_revision_details.details             ? 
# 
loop_
_pdbx_audit_revision_group.ordinal 
_pdbx_audit_revision_group.revision_ordinal 
_pdbx_audit_revision_group.data_content_type 
_pdbx_audit_revision_group.group 
1  2 'Structure model' 'Version format compliance' 
2  3 'Structure model' 'Version format compliance' 
3  4 'Structure model' 'Experimental preparation'  
4  5 'Structure model' 'Database references'       
5  5 'Structure model' 'Derived calculations'      
6  5 'Structure model' 'Structure summary'         
7  6 'Structure model' 'Data collection'           
8  6 'Structure model' 'Database references'       
9  7 'Structure model' 'Data collection'           
10 7 'Structure model' 'Non-polymer description'   
11 7 'Structure model' 'Structure summary'         
# 
loop_
_pdbx_audit_revision_category.ordinal 
_pdbx_audit_revision_category.revision_ordinal 
_pdbx_audit_revision_category.data_content_type 
_pdbx_audit_revision_category.category 
1  4 'Structure model' exptl_crystal_grow 
2  5 'Structure model' audit_author       
3  5 'Structure model' citation_author    
4  5 'Structure model' struct_site        
5  6 'Structure model' chem_comp_atom     
6  6 'Structure model' chem_comp_bond     
7  6 'Structure model' database_2         
8  7 'Structure model' chem_comp          
9  7 'Structure model' chem_comp_atom     
10 7 'Structure model' chem_comp_bond     
11 7 'Structure model' entity             
# 
loop_
_pdbx_audit_revision_item.ordinal 
_pdbx_audit_revision_item.revision_ordinal 
_pdbx_audit_revision_item.data_content_type 
_pdbx_audit_revision_item.item 
1  4 'Structure model' '_exptl_crystal_grow.temp'            
2  5 'Structure model' '_audit_author.identifier_ORCID'      
3  5 'Structure model' '_citation_author.identifier_ORCID'   
4  5 'Structure model' '_struct_site.pdbx_auth_asym_id'      
5  5 'Structure model' '_struct_site.pdbx_auth_comp_id'      
6  5 'Structure model' '_struct_site.pdbx_auth_seq_id'       
7  6 'Structure model' '_database_2.pdbx_DOI'                
8  6 'Structure model' '_database_2.pdbx_database_accession' 
9  7 'Structure model' '_chem_comp.formula'                  
10 7 'Structure model' '_chem_comp.formula_weight'           
11 7 'Structure model' '_entity.formula_weight'              
# 
_pdbx_database_status.status_code                     REL 
_pdbx_database_status.entry_id                        1EJ4 
_pdbx_database_status.recvd_initial_deposition_date   2000-02-28 
_pdbx_database_status.deposit_site                    RCSB 
_pdbx_database_status.process_site                    RCSB 
_pdbx_database_status.SG_entry                        . 
_pdbx_database_status.status_code_sf                  REL 
_pdbx_database_status.pdb_format_compatible           Y 
_pdbx_database_status.status_code_mr                  ? 
_pdbx_database_status.status_code_cs                  ? 
_pdbx_database_status.methods_development_category    ? 
_pdbx_database_status.status_code_nmr_data            ? 
# 
loop_
_pdbx_database_related.db_name 
_pdbx_database_related.db_id 
_pdbx_database_related.details 
_pdbx_database_related.content_type 
PDB 1EJ1 
;COCRYSTAL STRUCTURE OF THE MESSENGER RNA 5' CAP-BINDING PROTEIN (EIF4E) BOU 
ND TO 7-METHYL-GDP
;
unspecified 
PDB 1EJH 'EIF4E/EIF4G PEPTIDE/7-METHYL-GDP'                                                                unspecified 
# 
loop_
_audit_author.name 
_audit_author.pdbx_ordinal 
_audit_author.identifier_ORCID 
'Marcotrigiano, J.' 1 ?                   
'Gingras, A.-C.'    2 ?                   
'Sonenberg, N.'     3 ?                   
'Burley, S.K.'      4 0000-0002-2487-9713 
# 
_citation.id                        primary 
_citation.title                     
'Cap-dependent translation initiation in eukaryotes is regulated by a molecular mimic of eIF4G.' 
_citation.journal_abbrev            Mol.Cell 
_citation.journal_volume            3 
_citation.page_first                707 
_citation.page_last                 716 
_citation.year                      1999 
_citation.journal_id_ASTM           MOCEFL 
_citation.country                   US 
_citation.journal_id_ISSN           1097-2765 
_citation.journal_id_CSD            2168 
_citation.book_publisher            ? 
_citation.pdbx_database_id_PubMed   10394359 
_citation.pdbx_database_id_DOI      '10.1016/S1097-2765(01)80003-4' 
# 
loop_
_citation_author.citation_id 
_citation_author.name 
_citation_author.ordinal 
_citation_author.identifier_ORCID 
primary 'Marcotrigiano, J.' 1 ?                   
primary 'Gingras, A.C.'     2 ?                   
primary 'Sonenberg, N.'     3 ?                   
primary 'Burley, S.K.'      4 0000-0002-2487-9713 
# 
loop_
_entity.id 
_entity.type 
_entity.src_method 
_entity.pdbx_description 
_entity.formula_weight 
_entity.pdbx_number_of_molecules 
_entity.pdbx_ec 
_entity.pdbx_mutation 
_entity.pdbx_fragment 
_entity.details 
1 polymer     man 'EUKARYOTIC INITIATION FACTOR 4E'                               22145.113 1  ? ? 'RESIDUES 28-217' ? 
2 polymer     syn 'EUKARYOTIC TRANSLATION INITIATION FACTOR 4E BINDING PROTEIN 1' 1861.240  1  ? ? 'RESIDUES 51-67'  ? 
3 non-polymer syn "7N-METHYL-8-HYDROGUANOSINE-5'-DIPHOSPHATE"                     458.235   1  ? ? ?                 ? 
4 water       nat water                                                           18.015    85 ? ? ?                 ? 
# 
loop_
_entity_poly.entity_id 
_entity_poly.type 
_entity_poly.nstd_linkage 
_entity_poly.nstd_monomer 
_entity_poly.pdbx_seq_one_letter_code 
_entity_poly.pdbx_seq_one_letter_code_can 
_entity_poly.pdbx_strand_id 
_entity_poly.pdbx_target_identifier 
1 'polypeptide(L)' no no 
;VANPEHYIKHPLQNRWALWFFKNDKSKTWQANLRLISKFDTVEDFWALYNHIQLSSNLMPGCDYSLFKDGIEPMWEDEKN
KRGGRWLITLNKQQRRSDLDRFWLETLLCLIGESFDDYSDDVCGAVVNVRAKGDKIAIWTTECENRDAVTHIGRVYKERL
GLPPKIVIGYQSHADTATKSGSTTKNRFVV
;
;VANPEHYIKHPLQNRWALWFFKNDKSKTWQANLRLISKFDTVEDFWALYNHIQLSSNLMPGCDYSLFKDGIEPMWEDEKN
KRGGRWLITLNKQQRRSDLDRFWLETLLCLIGESFDDYSDDVCGAVVNVRAKGDKIAIWTTECENRDAVTHIGRVYKERL
GLPPKIVIGYQSHADTATKSGSTTKNRFVV
;
A ? 
2 'polypeptide(L)' no no RIIYDRKFLMECRN RIIYDRKFLMECRN B ? 
# 
loop_
_pdbx_entity_nonpoly.entity_id 
_pdbx_entity_nonpoly.name 
_pdbx_entity_nonpoly.comp_id 
3 "7N-METHYL-8-HYDROGUANOSINE-5'-DIPHOSPHATE" M7G 
4 water                                       HOH 
# 
loop_
_entity_poly_seq.entity_id 
_entity_poly_seq.num 
_entity_poly_seq.mon_id 
_entity_poly_seq.hetero 
1 1   VAL n 
1 2   ALA n 
1 3   ASN n 
1 4   PRO n 
1 5   GLU n 
1 6   HIS n 
1 7   TYR n 
1 8   ILE n 
1 9   LYS n 
1 10  HIS n 
1 11  PRO n 
1 12  LEU n 
1 13  GLN n 
1 14  ASN n 
1 15  ARG n 
1 16  TRP n 
1 17  ALA n 
1 18  LEU n 
1 19  TRP n 
1 20  PHE n 
1 21  PHE n 
1 22  LYS n 
1 23  ASN n 
1 24  ASP n 
1 25  LYS n 
1 26  SER n 
1 27  LYS n 
1 28  THR n 
1 29  TRP n 
1 30  GLN n 
1 31  ALA n 
1 32  ASN n 
1 33  LEU n 
1 34  ARG n 
1 35  LEU n 
1 36  ILE n 
1 37  SER n 
1 38  LYS n 
1 39  PHE n 
1 40  ASP n 
1 41  THR n 
1 42  VAL n 
1 43  GLU n 
1 44  ASP n 
1 45  PHE n 
1 46  TRP n 
1 47  ALA n 
1 48  LEU n 
1 49  TYR n 
1 50  ASN n 
1 51  HIS n 
1 52  ILE n 
1 53  GLN n 
1 54  LEU n 
1 55  SER n 
1 56  SER n 
1 57  ASN n 
1 58  LEU n 
1 59  MET n 
1 60  PRO n 
1 61  GLY n 
1 62  CYS n 
1 63  ASP n 
1 64  TYR n 
1 65  SER n 
1 66  LEU n 
1 67  PHE n 
1 68  LYS n 
1 69  ASP n 
1 70  GLY n 
1 71  ILE n 
1 72  GLU n 
1 73  PRO n 
1 74  MET n 
1 75  TRP n 
1 76  GLU n 
1 77  ASP n 
1 78  GLU n 
1 79  LYS n 
1 80  ASN n 
1 81  LYS n 
1 82  ARG n 
1 83  GLY n 
1 84  GLY n 
1 85  ARG n 
1 86  TRP n 
1 87  LEU n 
1 88  ILE n 
1 89  THR n 
1 90  LEU n 
1 91  ASN n 
1 92  LYS n 
1 93  GLN n 
1 94  GLN n 
1 95  ARG n 
1 96  ARG n 
1 97  SER n 
1 98  ASP n 
1 99  LEU n 
1 100 ASP n 
1 101 ARG n 
1 102 PHE n 
1 103 TRP n 
1 104 LEU n 
1 105 GLU n 
1 106 THR n 
1 107 LEU n 
1 108 LEU n 
1 109 CYS n 
1 110 LEU n 
1 111 ILE n 
1 112 GLY n 
1 113 GLU n 
1 114 SER n 
1 115 PHE n 
1 116 ASP n 
1 117 ASP n 
1 118 TYR n 
1 119 SER n 
1 120 ASP n 
1 121 ASP n 
1 122 VAL n 
1 123 CYS n 
1 124 GLY n 
1 125 ALA n 
1 126 VAL n 
1 127 VAL n 
1 128 ASN n 
1 129 VAL n 
1 130 ARG n 
1 131 ALA n 
1 132 LYS n 
1 133 GLY n 
1 134 ASP n 
1 135 LYS n 
1 136 ILE n 
1 137 ALA n 
1 138 ILE n 
1 139 TRP n 
1 140 THR n 
1 141 THR n 
1 142 GLU n 
1 143 CYS n 
1 144 GLU n 
1 145 ASN n 
1 146 ARG n 
1 147 ASP n 
1 148 ALA n 
1 149 VAL n 
1 150 THR n 
1 151 HIS n 
1 152 ILE n 
1 153 GLY n 
1 154 ARG n 
1 155 VAL n 
1 156 TYR n 
1 157 LYS n 
1 158 GLU n 
1 159 ARG n 
1 160 LEU n 
1 161 GLY n 
1 162 LEU n 
1 163 PRO n 
1 164 PRO n 
1 165 LYS n 
1 166 ILE n 
1 167 VAL n 
1 168 ILE n 
1 169 GLY n 
1 170 TYR n 
1 171 GLN n 
1 172 SER n 
1 173 HIS n 
1 174 ALA n 
1 175 ASP n 
1 176 THR n 
1 177 ALA n 
1 178 THR n 
1 179 LYS n 
1 180 SER n 
1 181 GLY n 
1 182 SER n 
1 183 THR n 
1 184 THR n 
1 185 LYS n 
1 186 ASN n 
1 187 ARG n 
1 188 PHE n 
1 189 VAL n 
1 190 VAL n 
2 1   ARG n 
2 2   ILE n 
2 3   ILE n 
2 4   TYR n 
2 5   ASP n 
2 6   ARG n 
2 7   LYS n 
2 8   PHE n 
2 9   LEU n 
2 10  MET n 
2 11  GLU n 
2 12  CYS n 
2 13  ARG n 
2 14  ASN n 
# 
_entity_src_gen.entity_id                          1 
_entity_src_gen.pdbx_src_id                        1 
_entity_src_gen.pdbx_alt_source_flag               sample 
_entity_src_gen.pdbx_seq_type                      ? 
_entity_src_gen.pdbx_beg_seq_num                   ? 
_entity_src_gen.pdbx_end_seq_num                   ? 
_entity_src_gen.gene_src_common_name               'house mouse' 
_entity_src_gen.gene_src_genus                     Mus 
_entity_src_gen.pdbx_gene_src_gene                 ? 
_entity_src_gen.gene_src_species                   ? 
_entity_src_gen.gene_src_strain                    ? 
_entity_src_gen.gene_src_tissue                    ? 
_entity_src_gen.gene_src_tissue_fraction           ? 
_entity_src_gen.gene_src_details                   ? 
_entity_src_gen.pdbx_gene_src_fragment             ? 
_entity_src_gen.pdbx_gene_src_scientific_name      'Mus musculus' 
_entity_src_gen.pdbx_gene_src_ncbi_taxonomy_id     10090 
_entity_src_gen.pdbx_gene_src_variant              ? 
_entity_src_gen.pdbx_gene_src_cell_line            ? 
_entity_src_gen.pdbx_gene_src_atcc                 ? 
_entity_src_gen.pdbx_gene_src_organ                ? 
_entity_src_gen.pdbx_gene_src_organelle            ? 
_entity_src_gen.pdbx_gene_src_cell                 ? 
_entity_src_gen.pdbx_gene_src_cellular_location    ? 
_entity_src_gen.host_org_common_name               ? 
_entity_src_gen.pdbx_host_org_scientific_name      'Escherichia coli' 
_entity_src_gen.pdbx_host_org_ncbi_taxonomy_id     562 
_entity_src_gen.host_org_genus                     Escherichia 
_entity_src_gen.pdbx_host_org_gene                 ? 
_entity_src_gen.pdbx_host_org_organ                ? 
_entity_src_gen.host_org_species                   ? 
_entity_src_gen.pdbx_host_org_tissue               ? 
_entity_src_gen.pdbx_host_org_tissue_fraction      ? 
_entity_src_gen.pdbx_host_org_strain               ? 
_entity_src_gen.pdbx_host_org_variant              ? 
_entity_src_gen.pdbx_host_org_cell_line            ? 
_entity_src_gen.pdbx_host_org_atcc                 ? 
_entity_src_gen.pdbx_host_org_culture_collection   ? 
_entity_src_gen.pdbx_host_org_cell                 ? 
_entity_src_gen.pdbx_host_org_organelle            ? 
_entity_src_gen.pdbx_host_org_cellular_location    ? 
_entity_src_gen.pdbx_host_org_vector_type          PLASMID 
_entity_src_gen.pdbx_host_org_vector               ? 
_entity_src_gen.host_org_details                   ? 
_entity_src_gen.expression_system_id               ? 
_entity_src_gen.plasmid_name                       PET3B 
_entity_src_gen.plasmid_details                    ? 
_entity_src_gen.pdbx_description                   ? 
# 
_pdbx_entity_src_syn.entity_id              2 
_pdbx_entity_src_syn.pdbx_src_id            1 
_pdbx_entity_src_syn.pdbx_alt_source_flag   sample 
_pdbx_entity_src_syn.pdbx_beg_seq_num       ? 
_pdbx_entity_src_syn.pdbx_end_seq_num       ? 
_pdbx_entity_src_syn.organism_scientific    ? 
_pdbx_entity_src_syn.organism_common_name   ? 
_pdbx_entity_src_syn.ncbi_taxonomy_id       ? 
_pdbx_entity_src_syn.details                
'THIS PEPTIDE WAS CHEMICALLY SYNTHESIZED. THE SEQUENCE OF THIS PEPTIDE NATURALLY OCCURS IN HUMANS (HOMO SAPIENS)' 
# 
loop_
_chem_comp.id 
_chem_comp.type 
_chem_comp.mon_nstd_flag 
_chem_comp.name 
_chem_comp.pdbx_synonyms 
_chem_comp.formula 
_chem_comp.formula_weight 
ALA 'L-peptide linking' y ALANINE                                     ? 'C3 H7 N O2'          89.093  
ARG 'L-peptide linking' y ARGININE                                    ? 'C6 H15 N4 O2 1'      175.209 
ASN 'L-peptide linking' y ASPARAGINE                                  ? 'C4 H8 N2 O3'         132.118 
ASP 'L-peptide linking' y 'ASPARTIC ACID'                             ? 'C4 H7 N O4'          133.103 
CYS 'L-peptide linking' y CYSTEINE                                    ? 'C3 H7 N O2 S'        121.158 
GLN 'L-peptide linking' y GLUTAMINE                                   ? 'C5 H10 N2 O3'        146.144 
GLU 'L-peptide linking' y 'GLUTAMIC ACID'                             ? 'C5 H9 N O4'          147.129 
GLY 'peptide linking'   y GLYCINE                                     ? 'C2 H5 N O2'          75.067  
HIS 'L-peptide linking' y HISTIDINE                                   ? 'C6 H10 N3 O2 1'      156.162 
HOH non-polymer         . WATER                                       ? 'H2 O'                18.015  
ILE 'L-peptide linking' y ISOLEUCINE                                  ? 'C6 H13 N O2'         131.173 
LEU 'L-peptide linking' y LEUCINE                                     ? 'C6 H13 N O2'         131.173 
LYS 'L-peptide linking' y LYSINE                                      ? 'C6 H15 N2 O2 1'      147.195 
M7G non-polymer         . "7N-METHYL-8-HYDROGUANOSINE-5'-DIPHOSPHATE" ? 'C11 H18 N5 O11 P2 1' 458.235 
MET 'L-peptide linking' y METHIONINE                                  ? 'C5 H11 N O2 S'       149.211 
PHE 'L-peptide linking' y PHENYLALANINE                               ? 'C9 H11 N O2'         165.189 
PRO 'L-peptide linking' y PROLINE                                     ? 'C5 H9 N O2'          115.130 
SER 'L-peptide linking' y SERINE                                      ? 'C3 H7 N O3'          105.093 
THR 'L-peptide linking' y THREONINE                                   ? 'C4 H9 N O3'          119.119 
TRP 'L-peptide linking' y TRYPTOPHAN                                  ? 'C11 H12 N2 O2'       204.225 
TYR 'L-peptide linking' y TYROSINE                                    ? 'C9 H11 N O3'         181.189 
VAL 'L-peptide linking' y VALINE                                      ? 'C5 H11 N O2'         117.146 
# 
loop_
_pdbx_poly_seq_scheme.asym_id 
_pdbx_poly_seq_scheme.entity_id 
_pdbx_poly_seq_scheme.seq_id 
_pdbx_poly_seq_scheme.mon_id 
_pdbx_poly_seq_scheme.ndb_seq_num 
_pdbx_poly_seq_scheme.pdb_seq_num 
_pdbx_poly_seq_scheme.auth_seq_num 
_pdbx_poly_seq_scheme.pdb_mon_id 
_pdbx_poly_seq_scheme.auth_mon_id 
_pdbx_poly_seq_scheme.pdb_strand_id 
_pdbx_poly_seq_scheme.pdb_ins_code 
_pdbx_poly_seq_scheme.hetero 
A 1 1   VAL 1   28  ?   ?   ?   A . n 
A 1 2   ALA 2   29  ?   ?   ?   A . n 
A 1 3   ASN 3   30  ?   ?   ?   A . n 
A 1 4   PRO 4   31  ?   ?   ?   A . n 
A 1 5   GLU 5   32  32  GLU ALA A . n 
A 1 6   HIS 6   33  33  HIS HIS A . n 
A 1 7   TYR 7   34  34  TYR TYR A . n 
A 1 8   ILE 8   35  35  ILE ILE A . n 
A 1 9   LYS 9   36  36  LYS LYS A . n 
A 1 10  HIS 10  37  37  HIS HIS A . n 
A 1 11  PRO 11  38  38  PRO PRO A . n 
A 1 12  LEU 12  39  39  LEU LEU A . n 
A 1 13  GLN 13  40  40  GLN GLN A . n 
A 1 14  ASN 14  41  41  ASN ASN A . n 
A 1 15  ARG 15  42  42  ARG ARG A . n 
A 1 16  TRP 16  43  43  TRP TRP A . n 
A 1 17  ALA 17  44  44  ALA ALA A . n 
A 1 18  LEU 18  45  45  LEU LEU A . n 
A 1 19  TRP 19  46  46  TRP TRP A . n 
A 1 20  PHE 20  47  47  PHE PHE A . n 
A 1 21  PHE 21  48  48  PHE PHE A . n 
A 1 22  LYS 22  49  49  LYS LYS A . n 
A 1 23  ASN 23  50  50  ASN ASN A . n 
A 1 24  ASP 24  51  51  ASP ASP A . n 
A 1 25  LYS 25  52  52  LYS LYS A . n 
A 1 26  SER 26  53  53  SER SER A . n 
A 1 27  LYS 27  54  54  LYS LYS A . n 
A 1 28  THR 28  55  55  THR THR A . n 
A 1 29  TRP 29  56  56  TRP TRP A . n 
A 1 30  GLN 30  57  57  GLN GLN A . n 
A 1 31  ALA 31  58  58  ALA ALA A . n 
A 1 32  ASN 32  59  59  ASN ASN A . n 
A 1 33  LEU 33  60  60  LEU LEU A . n 
A 1 34  ARG 34  61  61  ARG ARG A . n 
A 1 35  LEU 35  62  62  LEU LEU A . n 
A 1 36  ILE 36  63  63  ILE ILE A . n 
A 1 37  SER 37  64  64  SER SER A . n 
A 1 38  LYS 38  65  65  LYS LYS A . n 
A 1 39  PHE 39  66  66  PHE PHE A . n 
A 1 40  ASP 40  67  67  ASP ASP A . n 
A 1 41  THR 41  68  68  THR THR A . n 
A 1 42  VAL 42  69  69  VAL VAL A . n 
A 1 43  GLU 43  70  70  GLU GLU A . n 
A 1 44  ASP 44  71  71  ASP ASP A . n 
A 1 45  PHE 45  72  72  PHE PHE A . n 
A 1 46  TRP 46  73  73  TRP TRP A . n 
A 1 47  ALA 47  74  74  ALA ALA A . n 
A 1 48  LEU 48  75  75  LEU LEU A . n 
A 1 49  TYR 49  76  76  TYR TYR A . n 
A 1 50  ASN 50  77  77  ASN ASN A . n 
A 1 51  HIS 51  78  78  HIS HIS A . n 
A 1 52  ILE 52  79  79  ILE ILE A . n 
A 1 53  GLN 53  80  80  GLN GLN A . n 
A 1 54  LEU 54  81  81  LEU LEU A . n 
A 1 55  SER 55  82  82  SER SER A . n 
A 1 56  SER 56  83  83  SER SER A . n 
A 1 57  ASN 57  84  84  ASN ASN A . n 
A 1 58  LEU 58  85  85  LEU LEU A . n 
A 1 59  MET 59  86  86  MET MET A . n 
A 1 60  PRO 60  87  87  PRO PRO A . n 
A 1 61  GLY 61  88  88  GLY GLY A . n 
A 1 62  CYS 62  89  89  CYS CYS A . n 
A 1 63  ASP 63  90  90  ASP ASP A . n 
A 1 64  TYR 64  91  91  TYR TYR A . n 
A 1 65  SER 65  92  92  SER SER A . n 
A 1 66  LEU 66  93  93  LEU LEU A . n 
A 1 67  PHE 67  94  94  PHE PHE A . n 
A 1 68  LYS 68  95  95  LYS LYS A . n 
A 1 69  ASP 69  96  96  ASP ASP A . n 
A 1 70  GLY 70  97  97  GLY GLY A . n 
A 1 71  ILE 71  98  98  ILE ILE A . n 
A 1 72  GLU 72  99  99  GLU GLU A . n 
A 1 73  PRO 73  100 100 PRO PRO A . n 
A 1 74  MET 74  101 101 MET MET A . n 
A 1 75  TRP 75  102 102 TRP TRP A . n 
A 1 76  GLU 76  103 103 GLU GLU A . n 
A 1 77  ASP 77  104 104 ASP ASP A . n 
A 1 78  GLU 78  105 105 GLU GLU A . n 
A 1 79  LYS 79  106 106 LYS LYS A . n 
A 1 80  ASN 80  107 107 ASN ASN A . n 
A 1 81  LYS 81  108 108 LYS LYS A . n 
A 1 82  ARG 82  109 109 ARG ARG A . n 
A 1 83  GLY 83  110 110 GLY GLY A . n 
A 1 84  GLY 84  111 111 GLY GLY A . n 
A 1 85  ARG 85  112 112 ARG ARG A . n 
A 1 86  TRP 86  113 113 TRP TRP A . n 
A 1 87  LEU 87  114 114 LEU LEU A . n 
A 1 88  ILE 88  115 115 ILE ILE A . n 
A 1 89  THR 89  116 116 THR THR A . n 
A 1 90  LEU 90  117 117 LEU LEU A . n 
A 1 91  ASN 91  118 118 ASN ASN A . n 
A 1 92  LYS 92  119 119 LYS ALA A . n 
A 1 93  GLN 93  120 120 GLN ALA A . n 
A 1 94  GLN 94  121 121 GLN GLN A . n 
A 1 95  ARG 95  122 122 ARG ARG A . n 
A 1 96  ARG 96  123 123 ARG ARG A . n 
A 1 97  SER 97  124 124 SER SER A . n 
A 1 98  ASP 98  125 125 ASP ASP A . n 
A 1 99  LEU 99  126 126 LEU LEU A . n 
A 1 100 ASP 100 127 127 ASP ASP A . n 
A 1 101 ARG 101 128 128 ARG ARG A . n 
A 1 102 PHE 102 129 129 PHE PHE A . n 
A 1 103 TRP 103 130 130 TRP TRP A . n 
A 1 104 LEU 104 131 131 LEU LEU A . n 
A 1 105 GLU 105 132 132 GLU GLU A . n 
A 1 106 THR 106 133 133 THR THR A . n 
A 1 107 LEU 107 134 134 LEU LEU A . n 
A 1 108 LEU 108 135 135 LEU LEU A . n 
A 1 109 CYS 109 136 136 CYS CYS A . n 
A 1 110 LEU 110 137 137 LEU LEU A . n 
A 1 111 ILE 111 138 138 ILE ILE A . n 
A 1 112 GLY 112 139 139 GLY GLY A . n 
A 1 113 GLU 113 140 140 GLU GLU A . n 
A 1 114 SER 114 141 141 SER SER A . n 
A 1 115 PHE 115 142 142 PHE PHE A . n 
A 1 116 ASP 116 143 143 ASP ASP A . n 
A 1 117 ASP 117 144 144 ASP ASP A . n 
A 1 118 TYR 118 145 145 TYR TYR A . n 
A 1 119 SER 119 146 146 SER SER A . n 
A 1 120 ASP 120 147 147 ASP ASP A . n 
A 1 121 ASP 121 148 148 ASP ASP A . n 
A 1 122 VAL 122 149 149 VAL VAL A . n 
A 1 123 CYS 123 150 150 CYS CYS A . n 
A 1 124 GLY 124 151 151 GLY GLY A . n 
A 1 125 ALA 125 152 152 ALA ALA A . n 
A 1 126 VAL 126 153 153 VAL VAL A . n 
A 1 127 VAL 127 154 154 VAL VAL A . n 
A 1 128 ASN 128 155 155 ASN ASN A . n 
A 1 129 VAL 129 156 156 VAL VAL A . n 
A 1 130 ARG 130 157 157 ARG ARG A . n 
A 1 131 ALA 131 158 158 ALA ALA A . n 
A 1 132 LYS 132 159 159 LYS LYS A . n 
A 1 133 GLY 133 160 160 GLY GLY A . n 
A 1 134 ASP 134 161 161 ASP ASP A . n 
A 1 135 LYS 135 162 162 LYS LYS A . n 
A 1 136 ILE 136 163 163 ILE ILE A . n 
A 1 137 ALA 137 164 164 ALA ALA A . n 
A 1 138 ILE 138 165 165 ILE ILE A . n 
A 1 139 TRP 139 166 166 TRP TRP A . n 
A 1 140 THR 140 167 167 THR THR A . n 
A 1 141 THR 141 168 168 THR THR A . n 
A 1 142 GLU 142 169 169 GLU GLU A . n 
A 1 143 CYS 143 170 170 CYS CYS A . n 
A 1 144 GLU 144 171 171 GLU GLU A . n 
A 1 145 ASN 145 172 172 ASN ASN A . n 
A 1 146 ARG 146 173 173 ARG ARG A . n 
A 1 147 ASP 147 174 174 ASP ASP A . n 
A 1 148 ALA 148 175 175 ALA ALA A . n 
A 1 149 VAL 149 176 176 VAL VAL A . n 
A 1 150 THR 150 177 177 THR THR A . n 
A 1 151 HIS 151 178 178 HIS HIS A . n 
A 1 152 ILE 152 179 179 ILE ILE A . n 
A 1 153 GLY 153 180 180 GLY GLY A . n 
A 1 154 ARG 154 181 181 ARG ARG A . n 
A 1 155 VAL 155 182 182 VAL VAL A . n 
A 1 156 TYR 156 183 183 TYR TYR A . n 
A 1 157 LYS 157 184 184 LYS LYS A . n 
A 1 158 GLU 158 185 185 GLU GLU A . n 
A 1 159 ARG 159 186 186 ARG ARG A . n 
A 1 160 LEU 160 187 187 LEU LEU A . n 
A 1 161 GLY 161 188 188 GLY GLY A . n 
A 1 162 LEU 162 189 189 LEU LEU A . n 
A 1 163 PRO 163 190 190 PRO PRO A . n 
A 1 164 PRO 164 191 191 PRO PRO A . n 
A 1 165 LYS 165 192 192 LYS LYS A . n 
A 1 166 ILE 166 193 193 ILE ILE A . n 
A 1 167 VAL 167 194 194 VAL VAL A . n 
A 1 168 ILE 168 195 195 ILE ILE A . n 
A 1 169 GLY 169 196 196 GLY GLY A . n 
A 1 170 TYR 170 197 197 TYR TYR A . n 
A 1 171 GLN 171 198 198 GLN GLN A . n 
A 1 172 SER 172 199 199 SER SER A . n 
A 1 173 HIS 173 200 200 HIS HIS A . n 
A 1 174 ALA 174 201 201 ALA ALA A . n 
A 1 175 ASP 175 202 202 ASP ASP A . n 
A 1 176 THR 176 203 203 THR THR A . n 
A 1 177 ALA 177 204 204 ALA ALA A . n 
A 1 178 THR 178 205 205 THR THR A . n 
A 1 179 LYS 179 206 ?   ?   ?   A . n 
A 1 180 SER 180 207 ?   ?   ?   A . n 
A 1 181 GLY 181 208 ?   ?   ?   A . n 
A 1 182 SER 182 209 ?   ?   ?   A . n 
A 1 183 THR 183 210 ?   ?   ?   A . n 
A 1 184 THR 184 211 ?   ?   ?   A . n 
A 1 185 LYS 185 212 ?   ?   ?   A . n 
A 1 186 ASN 186 213 213 ASN ASN A . n 
A 1 187 ARG 187 214 214 ARG ARG A . n 
A 1 188 PHE 188 215 215 PHE PHE A . n 
A 1 189 VAL 189 216 216 VAL VAL A . n 
A 1 190 VAL 190 217 217 VAL VAL A . n 
B 2 1   ARG 1   51  51  ARG ARG B . n 
B 2 2   ILE 2   52  52  ILE ILE B . n 
B 2 3   ILE 3   53  53  ILE ILE B . n 
B 2 4   TYR 4   54  54  TYR TYR B . n 
B 2 5   ASP 5   55  55  ASP ASP B . n 
B 2 6   ARG 6   56  56  ARG ARG B . n 
B 2 7   LYS 7   57  57  LYS ALA B . n 
B 2 8   PHE 8   58  58  PHE PHE B . n 
B 2 9   LEU 9   59  59  LEU LEU B . n 
B 2 10  MET 10  60  60  MET MET B . n 
B 2 11  GLU 11  61  61  GLU GLU B . n 
B 2 12  CYS 12  62  62  CYS CYS B . n 
B 2 13  ARG 13  63  63  ARG ARG B . n 
B 2 14  ASN 14  64  64  ASN ASN B . n 
# 
loop_
_pdbx_nonpoly_scheme.asym_id 
_pdbx_nonpoly_scheme.entity_id 
_pdbx_nonpoly_scheme.mon_id 
_pdbx_nonpoly_scheme.ndb_seq_num 
_pdbx_nonpoly_scheme.pdb_seq_num 
_pdbx_nonpoly_scheme.auth_seq_num 
_pdbx_nonpoly_scheme.pdb_mon_id 
_pdbx_nonpoly_scheme.auth_mon_id 
_pdbx_nonpoly_scheme.pdb_strand_id 
_pdbx_nonpoly_scheme.pdb_ins_code 
C 3 M7G 1  1000 1000 M7G M7G A . 
D 4 HOH 1  1001 1    HOH TIP A . 
D 4 HOH 2  1002 2    HOH TIP A . 
D 4 HOH 3  1003 3    HOH TIP A . 
D 4 HOH 4  1004 4    HOH TIP A . 
D 4 HOH 5  1005 6    HOH TIP A . 
D 4 HOH 6  1006 7    HOH TIP A . 
D 4 HOH 7  1007 8    HOH TIP A . 
D 4 HOH 8  1008 9    HOH TIP A . 
D 4 HOH 9  1009 10   HOH TIP A . 
D 4 HOH 10 1010 11   HOH TIP A . 
D 4 HOH 11 1011 12   HOH TIP A . 
D 4 HOH 12 1012 13   HOH TIP A . 
D 4 HOH 13 1013 14   HOH TIP A . 
D 4 HOH 14 1014 16   HOH TIP A . 
D 4 HOH 15 1015 17   HOH TIP A . 
D 4 HOH 16 1016 19   HOH TIP A . 
D 4 HOH 17 1017 21   HOH TIP A . 
D 4 HOH 18 1018 22   HOH TIP A . 
D 4 HOH 19 1019 23   HOH TIP A . 
D 4 HOH 20 1020 25   HOH TIP A . 
D 4 HOH 21 1021 26   HOH TIP A . 
D 4 HOH 22 1022 27   HOH TIP A . 
D 4 HOH 23 1023 28   HOH TIP A . 
D 4 HOH 24 1024 30   HOH TIP A . 
D 4 HOH 25 1025 31   HOH TIP A . 
D 4 HOH 26 1026 32   HOH TIP A . 
D 4 HOH 27 1027 33   HOH TIP A . 
D 4 HOH 28 1028 34   HOH TIP A . 
D 4 HOH 29 1029 35   HOH TIP A . 
D 4 HOH 30 1030 36   HOH TIP A . 
D 4 HOH 31 1031 37   HOH TIP A . 
D 4 HOH 32 1032 38   HOH TIP A . 
D 4 HOH 33 1033 45   HOH TIP A . 
D 4 HOH 34 1034 46   HOH TIP A . 
D 4 HOH 35 1035 47   HOH TIP A . 
D 4 HOH 36 1036 48   HOH TIP A . 
D 4 HOH 37 1037 50   HOH TIP A . 
D 4 HOH 38 1038 53   HOH TIP A . 
D 4 HOH 39 1039 54   HOH TIP A . 
D 4 HOH 40 1040 55   HOH TIP A . 
D 4 HOH 41 1041 56   HOH TIP A . 
D 4 HOH 42 1042 57   HOH TIP A . 
D 4 HOH 43 1043 58   HOH TIP A . 
D 4 HOH 44 1044 59   HOH TIP A . 
D 4 HOH 45 1045 60   HOH TIP A . 
D 4 HOH 46 1046 61   HOH TIP A . 
D 4 HOH 47 1047 62   HOH TIP A . 
D 4 HOH 48 1048 64   HOH TIP A . 
D 4 HOH 49 1049 65   HOH TIP A . 
D 4 HOH 50 1050 66   HOH TIP A . 
D 4 HOH 51 1051 68   HOH TIP A . 
D 4 HOH 52 1052 69   HOH TIP A . 
D 4 HOH 53 1053 70   HOH TIP A . 
D 4 HOH 54 1054 73   HOH TIP A . 
D 4 HOH 55 1055 74   HOH TIP A . 
D 4 HOH 56 1056 76   HOH TIP A . 
D 4 HOH 57 1057 77   HOH TIP A . 
D 4 HOH 58 1058 78   HOH TIP A . 
D 4 HOH 59 1059 79   HOH TIP A . 
D 4 HOH 60 1060 80   HOH TIP A . 
D 4 HOH 61 1061 81   HOH TIP A . 
D 4 HOH 62 1062 82   HOH TIP A . 
D 4 HOH 63 1063 83   HOH TIP A . 
D 4 HOH 64 1064 84   HOH TIP A . 
D 4 HOH 65 1065 85   HOH TIP A . 
D 4 HOH 66 1066 86   HOH TIP A . 
D 4 HOH 67 1067 87   HOH TIP A . 
D 4 HOH 68 1068 88   HOH TIP A . 
D 4 HOH 69 1069 89   HOH TIP A . 
D 4 HOH 70 1070 90   HOH TIP A . 
D 4 HOH 71 1071 93   HOH TIP A . 
D 4 HOH 72 1072 94   HOH TIP A . 
E 4 HOH 1  65   5    HOH TIP B . 
E 4 HOH 2  66   18   HOH TIP B . 
E 4 HOH 3  67   20   HOH TIP B . 
E 4 HOH 4  68   39   HOH TIP B . 
E 4 HOH 5  69   40   HOH TIP B . 
E 4 HOH 6  70   41   HOH TIP B . 
E 4 HOH 7  71   43   HOH TIP B . 
E 4 HOH 8  72   44   HOH TIP B . 
E 4 HOH 9  73   49   HOH TIP B . 
E 4 HOH 10 74   52   HOH TIP B . 
E 4 HOH 11 75   63   HOH TIP B . 
E 4 HOH 12 76   72   HOH TIP B . 
E 4 HOH 13 77   92   HOH TIP B . 
# 
loop_
_pdbx_unobs_or_zero_occ_atoms.id 
_pdbx_unobs_or_zero_occ_atoms.PDB_model_num 
_pdbx_unobs_or_zero_occ_atoms.polymer_flag 
_pdbx_unobs_or_zero_occ_atoms.occupancy_flag 
_pdbx_unobs_or_zero_occ_atoms.auth_asym_id 
_pdbx_unobs_or_zero_occ_atoms.auth_comp_id 
_pdbx_unobs_or_zero_occ_atoms.auth_seq_id 
_pdbx_unobs_or_zero_occ_atoms.PDB_ins_code 
_pdbx_unobs_or_zero_occ_atoms.auth_atom_id 
_pdbx_unobs_or_zero_occ_atoms.label_alt_id 
_pdbx_unobs_or_zero_occ_atoms.label_asym_id 
_pdbx_unobs_or_zero_occ_atoms.label_comp_id 
_pdbx_unobs_or_zero_occ_atoms.label_seq_id 
_pdbx_unobs_or_zero_occ_atoms.label_atom_id 
1  1 Y 1 A GLU 32  ? CG  ? A GLU 5  CG  
2  1 Y 1 A GLU 32  ? CD  ? A GLU 5  CD  
3  1 Y 1 A GLU 32  ? OE1 ? A GLU 5  OE1 
4  1 Y 1 A GLU 32  ? OE2 ? A GLU 5  OE2 
5  1 Y 1 A LYS 119 ? CG  ? A LYS 92 CG  
6  1 Y 1 A LYS 119 ? CD  ? A LYS 92 CD  
7  1 Y 1 A LYS 119 ? CE  ? A LYS 92 CE  
8  1 Y 1 A LYS 119 ? NZ  ? A LYS 92 NZ  
9  1 Y 1 A GLN 120 ? CG  ? A GLN 93 CG  
10 1 Y 1 A GLN 120 ? CD  ? A GLN 93 CD  
11 1 Y 1 A GLN 120 ? OE1 ? A GLN 93 OE1 
12 1 Y 1 A GLN 120 ? NE2 ? A GLN 93 NE2 
13 1 Y 1 B LYS 57  ? CG  ? B LYS 7  CG  
14 1 Y 1 B LYS 57  ? CD  ? B LYS 7  CD  
15 1 Y 1 B LYS 57  ? CE  ? B LYS 7  CE  
16 1 Y 1 B LYS 57  ? NZ  ? B LYS 7  NZ  
# 
loop_
_software.name 
_software.classification 
_software.version 
_software.citation_id 
_software.pdbx_ordinal 
AMoRE     phasing          . ? 1 
CNS       refinement       . ? 2 
DENZO     'data reduction' . ? 3 
SCALEPACK 'data scaling'   . ? 4 
# 
_cell.entry_id           1EJ4 
_cell.length_a           81.900 
_cell.length_b           45.200 
_cell.length_c           62.100 
_cell.angle_alpha        90.00 
_cell.angle_beta         101.8 
_cell.angle_gamma        90.00 
_cell.Z_PDB              4 
_cell.pdbx_unique_axis   ? 
# 
_symmetry.entry_id                         1EJ4 
_symmetry.space_group_name_H-M             'C 1 2 1' 
_symmetry.pdbx_full_space_group_name_H-M   ? 
_symmetry.cell_setting                     ? 
_symmetry.Int_Tables_number                5 
# 
_exptl.entry_id          1EJ4 
_exptl.method            'X-RAY DIFFRACTION' 
_exptl.crystals_number   1 
# 
_exptl_crystal.id                    1 
_exptl_crystal.density_meas          ? 
_exptl_crystal.density_Matthews      2.34 
_exptl_crystal.density_percent_sol   47.50 
_exptl_crystal.description           ? 
# 
_exptl_crystal_grow.crystal_id      1 
_exptl_crystal_grow.method          'VAPOR DIFFUSION, HANGING DROP' 
_exptl_crystal_grow.temp            293.0 
_exptl_crystal_grow.temp_details    ? 
_exptl_crystal_grow.pH              7.5 
_exptl_crystal_grow.pdbx_details    'PEG4000, pH 7.5, VAPOR DIFFUSION, HANGING DROP, temperature 20K' 
_exptl_crystal_grow.pdbx_pH_range   . 
# 
_diffrn.id                     1 
_diffrn.ambient_temp           100 
_diffrn.ambient_temp_details   ? 
_diffrn.crystal_id             1 
# 
_diffrn_detector.diffrn_id              1 
_diffrn_detector.detector               'IMAGE PLATE' 
_diffrn_detector.type                   'RIGAKU RAXIS IIC' 
_diffrn_detector.pdbx_collection_date   1997-09-15 
_diffrn_detector.details                ? 
# 
_diffrn_radiation.diffrn_id                        1 
_diffrn_radiation.wavelength_id                    1 
_diffrn_radiation.pdbx_monochromatic_or_laue_m_l   M 
_diffrn_radiation.monochromator                    ? 
_diffrn_radiation.pdbx_diffrn_protocol             'SINGLE WAVELENGTH' 
_diffrn_radiation.pdbx_scattering_type             x-ray 
# 
_diffrn_radiation_wavelength.id           1 
_diffrn_radiation_wavelength.wavelength   1.5418 
_diffrn_radiation_wavelength.wt           1.0 
# 
_diffrn_source.diffrn_id                   1 
_diffrn_source.source                      'ROTATING ANODE' 
_diffrn_source.type                        'RIGAKU RU200' 
_diffrn_source.pdbx_synchrotron_site       ? 
_diffrn_source.pdbx_synchrotron_beamline   ? 
_diffrn_source.pdbx_wavelength             1.5418 
_diffrn_source.pdbx_wavelength_list        ? 
# 
_reflns.entry_id                     1EJ4 
_reflns.observed_criterion_sigma_I   5.0 
_reflns.observed_criterion_sigma_F   ? 
_reflns.d_resolution_low             30 
_reflns.d_resolution_high            2.25 
_reflns.number_obs                   ? 
_reflns.number_all                   10817 
_reflns.percent_possible_obs         97.4 
_reflns.pdbx_Rmerge_I_obs            0.0520000 
_reflns.pdbx_Rsym_value              ? 
_reflns.pdbx_netI_over_sigmaI        24.9 
_reflns.B_iso_Wilson_estimate        ? 
_reflns.pdbx_redundancy              4 
_reflns.R_free_details               ? 
_reflns.limit_h_max                  ? 
_reflns.limit_h_min                  ? 
_reflns.limit_k_max                  ? 
_reflns.limit_k_min                  ? 
_reflns.limit_l_max                  ? 
_reflns.limit_l_min                  ? 
_reflns.observed_criterion_F_max     ? 
_reflns.observed_criterion_F_min     ? 
_reflns.pdbx_diffrn_id               1 
_reflns.pdbx_ordinal                 1 
# 
_reflns_shell.d_res_high             2.25 
_reflns_shell.d_res_low              2.33 
_reflns_shell.percent_possible_all   84.8 
_reflns_shell.Rmerge_I_obs           0.1030000 
_reflns_shell.pdbx_Rsym_value        ? 
_reflns_shell.meanI_over_sigI_obs    ? 
_reflns_shell.pdbx_redundancy        4 
_reflns_shell.percent_possible_obs   ? 
_reflns_shell.number_unique_all      ? 
_reflns_shell.pdbx_diffrn_id         ? 
_reflns_shell.pdbx_ordinal           1 
# 
_refine.entry_id                                 1EJ4 
_refine.ls_number_reflns_obs                     ? 
_refine.ls_number_reflns_all                     ? 
_refine.pdbx_ls_sigma_I                          ? 
_refine.pdbx_ls_sigma_F                          2 
_refine.pdbx_data_cutoff_high_absF               ? 
_refine.pdbx_data_cutoff_low_absF                ? 
_refine.ls_d_res_low                             25 
_refine.ls_d_res_high                            2.25 
_refine.ls_percent_reflns_obs                    ? 
_refine.ls_R_factor_obs                          ? 
_refine.ls_R_factor_all                          ? 
_refine.ls_R_factor_R_work                       0.2190000 
_refine.ls_R_factor_R_free                       0.2670000 
_refine.ls_R_factor_R_free_error                 ? 
_refine.ls_R_factor_R_free_error_details         ? 
_refine.ls_percent_reflns_R_free                 ? 
_refine.ls_number_reflns_R_free                  ? 
_refine.ls_number_parameters                     ? 
_refine.ls_number_restraints                     ? 
_refine.occupancy_min                            ? 
_refine.occupancy_max                            ? 
_refine.B_iso_mean                               ? 
_refine.aniso_B[1][1]                            ? 
_refine.aniso_B[2][2]                            ? 
_refine.aniso_B[3][3]                            ? 
_refine.aniso_B[1][2]                            ? 
_refine.aniso_B[1][3]                            ? 
_refine.aniso_B[2][3]                            ? 
_refine.solvent_model_details                    ? 
_refine.solvent_model_param_ksol                 ? 
_refine.solvent_model_param_bsol                 ? 
_refine.pdbx_ls_cross_valid_method               ? 
_refine.details                                  ? 
_refine.pdbx_starting_model                      ? 
_refine.pdbx_method_to_determine_struct          ? 
_refine.pdbx_isotropic_thermal_model             ? 
_refine.pdbx_stereochemistry_target_values       ? 
_refine.pdbx_stereochem_target_val_spec_case     ? 
_refine.pdbx_R_Free_selection_details            '10% of the data' 
_refine.pdbx_overall_ESU_R_Free                  ? 
_refine.overall_SU_B                             ? 
_refine.ls_redundancy_reflns_obs                 ? 
_refine.B_iso_min                                ? 
_refine.B_iso_max                                ? 
_refine.overall_SU_ML                            ? 
_refine.pdbx_overall_ESU_R                       ? 
_refine.pdbx_data_cutoff_high_rms_absF           ? 
_refine.correlation_coeff_Fo_to_Fc               ? 
_refine.correlation_coeff_Fo_to_Fc_free          ? 
_refine.overall_SU_R_Cruickshank_DPI             ? 
_refine.overall_SU_R_free                        ? 
_refine.pdbx_refine_id                           'X-RAY DIFFRACTION' 
_refine.pdbx_diffrn_id                           1 
_refine.pdbx_TLS_residual_ADP_flag               ? 
_refine.pdbx_solvent_vdw_probe_radii             ? 
_refine.pdbx_solvent_ion_probe_radii             ? 
_refine.pdbx_solvent_shrinkage_radii             ? 
_refine.pdbx_overall_phase_error                 ? 
_refine.pdbx_overall_SU_R_free_Cruickshank_DPI   ? 
_refine.pdbx_overall_SU_R_Blow_DPI               ? 
_refine.pdbx_overall_SU_R_free_Blow_DPI          ? 
# 
_refine_hist.pdbx_refine_id                   'X-RAY DIFFRACTION' 
_refine_hist.cycle_id                         LAST 
_refine_hist.pdbx_number_atoms_protein        1599 
_refine_hist.pdbx_number_atoms_nucleic_acid   0 
_refine_hist.pdbx_number_atoms_ligand         29 
_refine_hist.number_atoms_solvent             85 
_refine_hist.number_atoms_total               1713 
_refine_hist.d_res_high                       2.25 
_refine_hist.d_res_low                        25 
# 
_struct.entry_id                  1EJ4 
_struct.title                     'COCRYSTAL STRUCTURE OF EIF4E/4E-BP1 PEPTIDE' 
_struct.pdbx_model_details        ? 
_struct.pdbx_CASP_flag            ? 
_struct.pdbx_model_type_details   ? 
# 
_struct_keywords.entry_id        1EJ4 
_struct_keywords.pdbx_keywords   TRANSLATION 
_struct_keywords.text            'eIF4E/4E-BP/7-methyl-GDP, TRANSLATION' 
# 
loop_
_struct_asym.id 
_struct_asym.pdbx_blank_PDB_chainid_flag 
_struct_asym.pdbx_modified 
_struct_asym.entity_id 
_struct_asym.details 
A N N 1 ? 
B N N 2 ? 
C N N 3 ? 
D N N 4 ? 
E N N 4 ? 
# 
loop_
_struct_ref.id 
_struct_ref.db_name 
_struct_ref.db_code 
_struct_ref.entity_id 
_struct_ref.pdbx_db_accession 
_struct_ref.pdbx_align_begin 
_struct_ref.pdbx_seq_one_letter_code 
_struct_ref.pdbx_db_isoform 
1 UNP IF4E_MOUSE 1 P63073  28 
;VANPEHYIKHPLQNRWALWFFKNDKSKTWQANLRLISKFDTVEDFWALYNHIQLSSNLMPGCDYSLFKDGIEPMWEDEKN
KRGGRWLITLNKQQRRSDLDRFWLETLLCLIGESFDDYSDDVCGAVVNVRAKGDKIAIWTTECENRDAVTHIGRVYKERL
GLPPKIVIGYQSHADTATKSGSTTKNRFVV
;
? 
2 GB  NP_004086  2 4758258 51 RIIYDRKFLMECRN ? 
# 
loop_
_struct_ref_seq.align_id 
_struct_ref_seq.ref_id 
_struct_ref_seq.pdbx_PDB_id_code 
_struct_ref_seq.pdbx_strand_id 
_struct_ref_seq.seq_align_beg 
_struct_ref_seq.pdbx_seq_align_beg_ins_code 
_struct_ref_seq.seq_align_end 
_struct_ref_seq.pdbx_seq_align_end_ins_code 
_struct_ref_seq.pdbx_db_accession 
_struct_ref_seq.db_align_beg 
_struct_ref_seq.pdbx_db_align_beg_ins_code 
_struct_ref_seq.db_align_end 
_struct_ref_seq.pdbx_db_align_end_ins_code 
_struct_ref_seq.pdbx_auth_seq_align_beg 
_struct_ref_seq.pdbx_auth_seq_align_end 
1 1 1EJ4 A 1 ? 190 ? P63073  28 ? 217 ? 28 217 
2 2 1EJ4 B 1 ? 14  ? 4758258 51 ? 64  ? 51 64  
# 
_pdbx_struct_assembly.id                   1 
_pdbx_struct_assembly.details              author_and_software_defined_assembly 
_pdbx_struct_assembly.method_details       PISA 
_pdbx_struct_assembly.oligomeric_details   dimeric 
_pdbx_struct_assembly.oligomeric_count     2 
# 
loop_
_pdbx_struct_assembly_prop.biol_id 
_pdbx_struct_assembly_prop.type 
_pdbx_struct_assembly_prop.value 
_pdbx_struct_assembly_prop.details 
1 'ABSA (A^2)' 1890 ? 
1 MORE         -10  ? 
1 'SSA (A^2)'  9840 ? 
# 
_pdbx_struct_assembly_gen.assembly_id       1 
_pdbx_struct_assembly_gen.oper_expression   1 
_pdbx_struct_assembly_gen.asym_id_list      A,B,C,D,E 
# 
_pdbx_struct_oper_list.id                   1 
_pdbx_struct_oper_list.type                 'identity operation' 
_pdbx_struct_oper_list.name                 1_555 
_pdbx_struct_oper_list.symmetry_operation   x,y,z 
_pdbx_struct_oper_list.matrix[1][1]         1.0000000000 
_pdbx_struct_oper_list.matrix[1][2]         0.0000000000 
_pdbx_struct_oper_list.matrix[1][3]         0.0000000000 
_pdbx_struct_oper_list.vector[1]            0.0000000000 
_pdbx_struct_oper_list.matrix[2][1]         0.0000000000 
_pdbx_struct_oper_list.matrix[2][2]         1.0000000000 
_pdbx_struct_oper_list.matrix[2][3]         0.0000000000 
_pdbx_struct_oper_list.vector[2]            0.0000000000 
_pdbx_struct_oper_list.matrix[3][1]         0.0000000000 
_pdbx_struct_oper_list.matrix[3][2]         0.0000000000 
_pdbx_struct_oper_list.matrix[3][3]         1.0000000000 
_pdbx_struct_oper_list.vector[3]            0.0000000000 
# 
_struct_biol.id                    1 
_struct_biol.pdbx_parent_biol_id   ? 
_struct_biol.details               ? 
# 
loop_
_struct_conf.conf_type_id 
_struct_conf.id 
_struct_conf.pdbx_PDB_helix_id 
_struct_conf.beg_label_comp_id 
_struct_conf.beg_label_asym_id 
_struct_conf.beg_label_seq_id 
_struct_conf.pdbx_beg_PDB_ins_code 
_struct_conf.end_label_comp_id 
_struct_conf.end_label_asym_id 
_struct_conf.end_label_seq_id 
_struct_conf.pdbx_end_PDB_ins_code 
_struct_conf.beg_auth_comp_id 
_struct_conf.beg_auth_asym_id 
_struct_conf.beg_auth_seq_id 
_struct_conf.end_auth_comp_id 
_struct_conf.end_auth_asym_id 
_struct_conf.end_auth_seq_id 
_struct_conf.pdbx_PDB_helix_class 
_struct_conf.details 
_struct_conf.pdbx_PDB_helix_length 
HELX_P HELX_P1 1 THR A 28  ? ALA A 31  ? THR A 55  ALA A 58  5 ? 4  
HELX_P HELX_P2 2 VAL A 42  ? ILE A 52  ? VAL A 69  ILE A 79  1 ? 11 
HELX_P HELX_P3 3 LEU A 54  ? LEU A 58  ? LEU A 81  LEU A 85  5 ? 5  
HELX_P HELX_P4 4 ASN A 91  ? ARG A 95  ? ASN A 118 ARG A 122 5 ? 5  
HELX_P HELX_P5 5 ASP A 98  ? GLY A 112 ? ASP A 125 GLY A 139 1 ? 15 
HELX_P HELX_P6 6 PHE A 115 ? ASP A 120 ? PHE A 142 ASP A 147 5 ? 6  
HELX_P HELX_P7 7 ASN A 145 ? GLY A 161 ? ASN A 172 GLY A 188 1 ? 17 
HELX_P HELX_P8 8 HIS A 173 ? THR A 178 ? HIS A 200 THR A 205 1 ? 6  
HELX_P HELX_P9 9 ASP B 5   ? CYS B 12  ? ASP B 55  CYS B 62  1 ? 8  
# 
_struct_conf_type.id          HELX_P 
_struct_conf_type.criteria    ? 
_struct_conf_type.reference   ? 
# 
_struct_sheet.id               A 
_struct_sheet.type             ? 
_struct_sheet.number_strands   8 
_struct_sheet.details          ? 
# 
loop_
_struct_sheet_order.sheet_id 
_struct_sheet_order.range_id_1 
_struct_sheet_order.range_id_2 
_struct_sheet_order.offset 
_struct_sheet_order.sense 
A 1 2 ? anti-parallel 
A 2 3 ? anti-parallel 
A 3 4 ? anti-parallel 
A 4 5 ? anti-parallel 
A 5 6 ? anti-parallel 
A 6 7 ? anti-parallel 
A 7 8 ? anti-parallel 
# 
loop_
_struct_sheet_range.sheet_id 
_struct_sheet_range.id 
_struct_sheet_range.beg_label_comp_id 
_struct_sheet_range.beg_label_asym_id 
_struct_sheet_range.beg_label_seq_id 
_struct_sheet_range.pdbx_beg_PDB_ins_code 
_struct_sheet_range.end_label_comp_id 
_struct_sheet_range.end_label_asym_id 
_struct_sheet_range.end_label_seq_id 
_struct_sheet_range.pdbx_end_PDB_ins_code 
_struct_sheet_range.beg_auth_comp_id 
_struct_sheet_range.beg_auth_asym_id 
_struct_sheet_range.beg_auth_seq_id 
_struct_sheet_range.end_auth_comp_id 
_struct_sheet_range.end_auth_asym_id 
_struct_sheet_range.end_auth_seq_id 
A 1 LEU A 33  ? THR A 41  ? LEU A 60  THR A 68  
A 2 PRO A 11  ? PHE A 21  ? PRO A 38  PHE A 48  
A 3 CYS A 62  ? LYS A 68  ? CYS A 89  LYS A 95  
A 4 VAL A 122 ? ARG A 130 ? VAL A 149 ARG A 157 
A 5 GLY A 133 ? THR A 140 ? GLY A 160 THR A 167 
A 6 GLY A 84  ? LEU A 90  ? GLY A 111 LEU A 117 
A 7 ILE A 168 ? SER A 172 ? ILE A 195 SER A 199 
A 8 PHE A 188 ? VAL A 190 ? PHE A 215 VAL A 217 
# 
loop_
_pdbx_struct_sheet_hbond.sheet_id 
_pdbx_struct_sheet_hbond.range_id_1 
_pdbx_struct_sheet_hbond.range_id_2 
_pdbx_struct_sheet_hbond.range_1_label_atom_id 
_pdbx_struct_sheet_hbond.range_1_label_comp_id 
_pdbx_struct_sheet_hbond.range_1_label_asym_id 
_pdbx_struct_sheet_hbond.range_1_label_seq_id 
_pdbx_struct_sheet_hbond.range_1_PDB_ins_code 
_pdbx_struct_sheet_hbond.range_1_auth_atom_id 
_pdbx_struct_sheet_hbond.range_1_auth_comp_id 
_pdbx_struct_sheet_hbond.range_1_auth_asym_id 
_pdbx_struct_sheet_hbond.range_1_auth_seq_id 
_pdbx_struct_sheet_hbond.range_2_label_atom_id 
_pdbx_struct_sheet_hbond.range_2_label_comp_id 
_pdbx_struct_sheet_hbond.range_2_label_asym_id 
_pdbx_struct_sheet_hbond.range_2_label_seq_id 
_pdbx_struct_sheet_hbond.range_2_PDB_ins_code 
_pdbx_struct_sheet_hbond.range_2_auth_atom_id 
_pdbx_struct_sheet_hbond.range_2_auth_comp_id 
_pdbx_struct_sheet_hbond.range_2_auth_asym_id 
_pdbx_struct_sheet_hbond.range_2_auth_seq_id 
A 1 2 O ASP A 40  ? O ASP A 67  N LEU A 12  ? N LEU A 39  
A 2 3 N PHE A 21  ? N PHE A 48  O ASP A 63  ? O ASP A 90  
A 3 4 N LYS A 68  ? N LYS A 95  O CYS A 123 ? O CYS A 150 
A 4 5 O ARG A 130 ? O ARG A 157 N GLY A 133 ? N GLY A 160 
A 5 6 N THR A 140 ? N THR A 167 O GLY A 84  ? O GLY A 111 
A 6 7 N LEU A 87  ? N LEU A 114 O GLY A 169 ? O GLY A 196 
A 7 8 N TYR A 170 ? N TYR A 197 O PHE A 188 ? O PHE A 215 
# 
_struct_site.id                   AC1 
_struct_site.pdbx_evidence_code   Software 
_struct_site.pdbx_auth_asym_id    A 
_struct_site.pdbx_auth_comp_id    M7G 
_struct_site.pdbx_auth_seq_id     1000 
_struct_site.pdbx_auth_ins_code   ? 
_struct_site.pdbx_num_residues    9 
_struct_site.details              'BINDING SITE FOR RESIDUE M7G A 1000' 
# 
loop_
_struct_site_gen.id 
_struct_site_gen.site_id 
_struct_site_gen.pdbx_num_res 
_struct_site_gen.label_comp_id 
_struct_site_gen.label_asym_id 
_struct_site_gen.label_seq_id 
_struct_site_gen.pdbx_auth_ins_code 
_struct_site_gen.auth_comp_id 
_struct_site_gen.auth_asym_id 
_struct_site_gen.auth_seq_id 
_struct_site_gen.label_atom_id 
_struct_site_gen.label_alt_id 
_struct_site_gen.symmetry 
_struct_site_gen.details 
1 AC1 9 TRP A 29  ? TRP A 56   . ? 1_555 ? 
2 AC1 9 MET A 74  ? MET A 101  . ? 1_555 ? 
3 AC1 9 TRP A 75  ? TRP A 102  . ? 1_555 ? 
4 AC1 9 GLU A 76  ? GLU A 103  . ? 1_555 ? 
5 AC1 9 ARG A 130 ? ARG A 157  . ? 1_555 ? 
6 AC1 9 LYS A 132 ? LYS A 159  . ? 1_555 ? 
7 AC1 9 LYS A 135 ? LYS A 162  . ? 1_555 ? 
8 AC1 9 HOH D .   ? HOH A 1026 . ? 1_555 ? 
9 AC1 9 HOH D .   ? HOH A 1070 . ? 1_555 ? 
# 
loop_
_pdbx_validate_close_contact.id 
_pdbx_validate_close_contact.PDB_model_num 
_pdbx_validate_close_contact.auth_atom_id_1 
_pdbx_validate_close_contact.auth_asym_id_1 
_pdbx_validate_close_contact.auth_comp_id_1 
_pdbx_validate_close_contact.auth_seq_id_1 
_pdbx_validate_close_contact.PDB_ins_code_1 
_pdbx_validate_close_contact.label_alt_id_1 
_pdbx_validate_close_contact.auth_atom_id_2 
_pdbx_validate_close_contact.auth_asym_id_2 
_pdbx_validate_close_contact.auth_comp_id_2 
_pdbx_validate_close_contact.auth_seq_id_2 
_pdbx_validate_close_contact.PDB_ins_code_2 
_pdbx_validate_close_contact.label_alt_id_2 
_pdbx_validate_close_contact.dist 
1 1 O A HOH 1018 ? ? O A HOH 1026 ? ? 1.58 
2 1 O A HOH 1029 ? ? O A HOH 1071 ? ? 2.03 
# 
loop_
_pdbx_validate_torsion.id 
_pdbx_validate_torsion.PDB_model_num 
_pdbx_validate_torsion.auth_comp_id 
_pdbx_validate_torsion.auth_asym_id 
_pdbx_validate_torsion.auth_seq_id 
_pdbx_validate_torsion.PDB_ins_code 
_pdbx_validate_torsion.label_alt_id 
_pdbx_validate_torsion.phi 
_pdbx_validate_torsion.psi 
1 1 ASN A 50  ? ? -50.16  71.91   
2 1 ASP A 67  ? ? -141.68 20.01   
3 1 PRO A 100 ? ? -65.85  57.04   
4 1 ASP A 143 ? ? 52.13   -146.76 
5 1 PRO A 190 ? ? -41.75  158.12  
6 1 VAL A 194 ? ? 59.70   102.97  
# 
loop_
_pdbx_unobs_or_zero_occ_residues.id 
_pdbx_unobs_or_zero_occ_residues.PDB_model_num 
_pdbx_unobs_or_zero_occ_residues.polymer_flag 
_pdbx_unobs_or_zero_occ_residues.occupancy_flag 
_pdbx_unobs_or_zero_occ_residues.auth_asym_id 
_pdbx_unobs_or_zero_occ_residues.auth_comp_id 
_pdbx_unobs_or_zero_occ_residues.auth_seq_id 
_pdbx_unobs_or_zero_occ_residues.PDB_ins_code 
_pdbx_unobs_or_zero_occ_residues.label_asym_id 
_pdbx_unobs_or_zero_occ_residues.label_comp_id 
_pdbx_unobs_or_zero_occ_residues.label_seq_id 
1  1 Y 1 A VAL 28  ? A VAL 1   
2  1 Y 1 A ALA 29  ? A ALA 2   
3  1 Y 1 A ASN 30  ? A ASN 3   
4  1 Y 1 A PRO 31  ? A PRO 4   
5  1 Y 1 A LYS 206 ? A LYS 179 
6  1 Y 1 A SER 207 ? A SER 180 
7  1 Y 1 A GLY 208 ? A GLY 181 
8  1 Y 1 A SER 209 ? A SER 182 
9  1 Y 1 A THR 210 ? A THR 183 
10 1 Y 1 A THR 211 ? A THR 184 
11 1 Y 1 A LYS 212 ? A LYS 185 
# 
loop_
_chem_comp_atom.comp_id 
_chem_comp_atom.atom_id 
_chem_comp_atom.type_symbol 
_chem_comp_atom.pdbx_aromatic_flag 
_chem_comp_atom.pdbx_stereo_config 
_chem_comp_atom.pdbx_ordinal 
ALA N      N N N 1   
ALA CA     C N S 2   
ALA C      C N N 3   
ALA O      O N N 4   
ALA CB     C N N 5   
ALA OXT    O N N 6   
ALA H      H N N 7   
ALA H2     H N N 8   
ALA HA     H N N 9   
ALA HB1    H N N 10  
ALA HB2    H N N 11  
ALA HB3    H N N 12  
ALA HXT    H N N 13  
ARG N      N N N 14  
ARG CA     C N S 15  
ARG C      C N N 16  
ARG O      O N N 17  
ARG CB     C N N 18  
ARG CG     C N N 19  
ARG CD     C N N 20  
ARG NE     N N N 21  
ARG CZ     C N N 22  
ARG NH1    N N N 23  
ARG NH2    N N N 24  
ARG OXT    O N N 25  
ARG H      H N N 26  
ARG H2     H N N 27  
ARG HA     H N N 28  
ARG HB2    H N N 29  
ARG HB3    H N N 30  
ARG HG2    H N N 31  
ARG HG3    H N N 32  
ARG HD2    H N N 33  
ARG HD3    H N N 34  
ARG HE     H N N 35  
ARG HH11   H N N 36  
ARG HH12   H N N 37  
ARG HH21   H N N 38  
ARG HH22   H N N 39  
ARG HXT    H N N 40  
ASN N      N N N 41  
ASN CA     C N S 42  
ASN C      C N N 43  
ASN O      O N N 44  
ASN CB     C N N 45  
ASN CG     C N N 46  
ASN OD1    O N N 47  
ASN ND2    N N N 48  
ASN OXT    O N N 49  
ASN H      H N N 50  
ASN H2     H N N 51  
ASN HA     H N N 52  
ASN HB2    H N N 53  
ASN HB3    H N N 54  
ASN HD21   H N N 55  
ASN HD22   H N N 56  
ASN HXT    H N N 57  
ASP N      N N N 58  
ASP CA     C N S 59  
ASP C      C N N 60  
ASP O      O N N 61  
ASP CB     C N N 62  
ASP CG     C N N 63  
ASP OD1    O N N 64  
ASP OD2    O N N 65  
ASP OXT    O N N 66  
ASP H      H N N 67  
ASP H2     H N N 68  
ASP HA     H N N 69  
ASP HB2    H N N 70  
ASP HB3    H N N 71  
ASP HD2    H N N 72  
ASP HXT    H N N 73  
CYS N      N N N 74  
CYS CA     C N R 75  
CYS C      C N N 76  
CYS O      O N N 77  
CYS CB     C N N 78  
CYS SG     S N N 79  
CYS OXT    O N N 80  
CYS H      H N N 81  
CYS H2     H N N 82  
CYS HA     H N N 83  
CYS HB2    H N N 84  
CYS HB3    H N N 85  
CYS HG     H N N 86  
CYS HXT    H N N 87  
GLN N      N N N 88  
GLN CA     C N S 89  
GLN C      C N N 90  
GLN O      O N N 91  
GLN CB     C N N 92  
GLN CG     C N N 93  
GLN CD     C N N 94  
GLN OE1    O N N 95  
GLN NE2    N N N 96  
GLN OXT    O N N 97  
GLN H      H N N 98  
GLN H2     H N N 99  
GLN HA     H N N 100 
GLN HB2    H N N 101 
GLN HB3    H N N 102 
GLN HG2    H N N 103 
GLN HG3    H N N 104 
GLN HE21   H N N 105 
GLN HE22   H N N 106 
GLN HXT    H N N 107 
GLU N      N N N 108 
GLU CA     C N S 109 
GLU C      C N N 110 
GLU O      O N N 111 
GLU CB     C N N 112 
GLU CG     C N N 113 
GLU CD     C N N 114 
GLU OE1    O N N 115 
GLU OE2    O N N 116 
GLU OXT    O N N 117 
GLU H      H N N 118 
GLU H2     H N N 119 
GLU HA     H N N 120 
GLU HB2    H N N 121 
GLU HB3    H N N 122 
GLU HG2    H N N 123 
GLU HG3    H N N 124 
GLU HE2    H N N 125 
GLU HXT    H N N 126 
GLY N      N N N 127 
GLY CA     C N N 128 
GLY C      C N N 129 
GLY O      O N N 130 
GLY OXT    O N N 131 
GLY H      H N N 132 
GLY H2     H N N 133 
GLY HA2    H N N 134 
GLY HA3    H N N 135 
GLY HXT    H N N 136 
HIS N      N N N 137 
HIS CA     C N S 138 
HIS C      C N N 139 
HIS O      O N N 140 
HIS CB     C N N 141 
HIS CG     C Y N 142 
HIS ND1    N Y N 143 
HIS CD2    C Y N 144 
HIS CE1    C Y N 145 
HIS NE2    N Y N 146 
HIS OXT    O N N 147 
HIS H      H N N 148 
HIS H2     H N N 149 
HIS HA     H N N 150 
HIS HB2    H N N 151 
HIS HB3    H N N 152 
HIS HD1    H N N 153 
HIS HD2    H N N 154 
HIS HE1    H N N 155 
HIS HE2    H N N 156 
HIS HXT    H N N 157 
HOH O      O N N 158 
HOH H1     H N N 159 
HOH H2     H N N 160 
ILE N      N N N 161 
ILE CA     C N S 162 
ILE C      C N N 163 
ILE O      O N N 164 
ILE CB     C N S 165 
ILE CG1    C N N 166 
ILE CG2    C N N 167 
ILE CD1    C N N 168 
ILE OXT    O N N 169 
ILE H      H N N 170 
ILE H2     H N N 171 
ILE HA     H N N 172 
ILE HB     H N N 173 
ILE HG12   H N N 174 
ILE HG13   H N N 175 
ILE HG21   H N N 176 
ILE HG22   H N N 177 
ILE HG23   H N N 178 
ILE HD11   H N N 179 
ILE HD12   H N N 180 
ILE HD13   H N N 181 
ILE HXT    H N N 182 
LEU N      N N N 183 
LEU CA     C N S 184 
LEU C      C N N 185 
LEU O      O N N 186 
LEU CB     C N N 187 
LEU CG     C N N 188 
LEU CD1    C N N 189 
LEU CD2    C N N 190 
LEU OXT    O N N 191 
LEU H      H N N 192 
LEU H2     H N N 193 
LEU HA     H N N 194 
LEU HB2    H N N 195 
LEU HB3    H N N 196 
LEU HG     H N N 197 
LEU HD11   H N N 198 
LEU HD12   H N N 199 
LEU HD13   H N N 200 
LEU HD21   H N N 201 
LEU HD22   H N N 202 
LEU HD23   H N N 203 
LEU HXT    H N N 204 
LYS N      N N N 205 
LYS CA     C N S 206 
LYS C      C N N 207 
LYS O      O N N 208 
LYS CB     C N N 209 
LYS CG     C N N 210 
LYS CD     C N N 211 
LYS CE     C N N 212 
LYS NZ     N N N 213 
LYS OXT    O N N 214 
LYS H      H N N 215 
LYS H2     H N N 216 
LYS HA     H N N 217 
LYS HB2    H N N 218 
LYS HB3    H N N 219 
LYS HG2    H N N 220 
LYS HG3    H N N 221 
LYS HD2    H N N 222 
LYS HD3    H N N 223 
LYS HE2    H N N 224 
LYS HE3    H N N 225 
LYS HZ1    H N N 226 
LYS HZ2    H N N 227 
LYS HZ3    H N N 228 
LYS HXT    H N N 229 
M7G PA     P N N 230 
M7G O1A    O N N 231 
M7G O2A    O N N 232 
M7G O3A    O N N 233 
M7G "O5'"  O N N 234 
M7G PB     P N N 235 
M7G O1B    O N N 236 
M7G O2B    O N N 237 
M7G O3B    O N N 238 
M7G "C5'"  C N N 239 
M7G "C4'"  C N R 240 
M7G "O4'"  O N N 241 
M7G "C3'"  C N S 242 
M7G "O3'"  O N N 243 
M7G "C2'"  C N R 244 
M7G "O2'"  O N N 245 
M7G "C1'"  C N R 246 
M7G N9     N Y N 247 
M7G C8     C Y N 248 
M7G N7     N Y N 249 
M7G CM7    C N N 250 
M7G C5     C Y N 251 
M7G C6     C N N 252 
M7G O6     O N N 253 
M7G N1     N N N 254 
M7G C2     C N N 255 
M7G N2     N N N 256 
M7G N3     N N N 257 
M7G C4     C Y N 258 
M7G HOA2   H N N 259 
M7G HOB2   H N N 260 
M7G HOB3   H N N 261 
M7G "H5'1" H N N 262 
M7G "H5'2" H N N 263 
M7G "H4'"  H N N 264 
M7G "H3'"  H N N 265 
M7G "HO3'" H N N 266 
M7G "H2'"  H N N 267 
M7G "HO2'" H N N 268 
M7G "H1'"  H N N 269 
M7G H81    H N N 270 
M7G HM71   H N N 271 
M7G HM72   H N N 272 
M7G HM73   H N N 273 
M7G HN1    H N N 274 
M7G HN21   H N N 275 
M7G HN22   H N N 276 
MET N      N N N 277 
MET CA     C N S 278 
MET C      C N N 279 
MET O      O N N 280 
MET CB     C N N 281 
MET CG     C N N 282 
MET SD     S N N 283 
MET CE     C N N 284 
MET OXT    O N N 285 
MET H      H N N 286 
MET H2     H N N 287 
MET HA     H N N 288 
MET HB2    H N N 289 
MET HB3    H N N 290 
MET HG2    H N N 291 
MET HG3    H N N 292 
MET HE1    H N N 293 
MET HE2    H N N 294 
MET HE3    H N N 295 
MET HXT    H N N 296 
PHE N      N N N 297 
PHE CA     C N S 298 
PHE C      C N N 299 
PHE O      O N N 300 
PHE CB     C N N 301 
PHE CG     C Y N 302 
PHE CD1    C Y N 303 
PHE CD2    C Y N 304 
PHE CE1    C Y N 305 
PHE CE2    C Y N 306 
PHE CZ     C Y N 307 
PHE OXT    O N N 308 
PHE H      H N N 309 
PHE H2     H N N 310 
PHE HA     H N N 311 
PHE HB2    H N N 312 
PHE HB3    H N N 313 
PHE HD1    H N N 314 
PHE HD2    H N N 315 
PHE HE1    H N N 316 
PHE HE2    H N N 317 
PHE HZ     H N N 318 
PHE HXT    H N N 319 
PRO N      N N N 320 
PRO CA     C N S 321 
PRO C      C N N 322 
PRO O      O N N 323 
PRO CB     C N N 324 
PRO CG     C N N 325 
PRO CD     C N N 326 
PRO OXT    O N N 327 
PRO H      H N N 328 
PRO HA     H N N 329 
PRO HB2    H N N 330 
PRO HB3    H N N 331 
PRO HG2    H N N 332 
PRO HG3    H N N 333 
PRO HD2    H N N 334 
PRO HD3    H N N 335 
PRO HXT    H N N 336 
SER N      N N N 337 
SER CA     C N S 338 
SER C      C N N 339 
SER O      O N N 340 
SER CB     C N N 341 
SER OG     O N N 342 
SER OXT    O N N 343 
SER H      H N N 344 
SER H2     H N N 345 
SER HA     H N N 346 
SER HB2    H N N 347 
SER HB3    H N N 348 
SER HG     H N N 349 
SER HXT    H N N 350 
THR N      N N N 351 
THR CA     C N S 352 
THR C      C N N 353 
THR O      O N N 354 
THR CB     C N R 355 
THR OG1    O N N 356 
THR CG2    C N N 357 
THR OXT    O N N 358 
THR H      H N N 359 
THR H2     H N N 360 
THR HA     H N N 361 
THR HB     H N N 362 
THR HG1    H N N 363 
THR HG21   H N N 364 
THR HG22   H N N 365 
THR HG23   H N N 366 
THR HXT    H N N 367 
TRP N      N N N 368 
TRP CA     C N S 369 
TRP C      C N N 370 
TRP O      O N N 371 
TRP CB     C N N 372 
TRP CG     C Y N 373 
TRP CD1    C Y N 374 
TRP CD2    C Y N 375 
TRP NE1    N Y N 376 
TRP CE2    C Y N 377 
TRP CE3    C Y N 378 
TRP CZ2    C Y N 379 
TRP CZ3    C Y N 380 
TRP CH2    C Y N 381 
TRP OXT    O N N 382 
TRP H      H N N 383 
TRP H2     H N N 384 
TRP HA     H N N 385 
TRP HB2    H N N 386 
TRP HB3    H N N 387 
TRP HD1    H N N 388 
TRP HE1    H N N 389 
TRP HE3    H N N 390 
TRP HZ2    H N N 391 
TRP HZ3    H N N 392 
TRP HH2    H N N 393 
TRP HXT    H N N 394 
TYR N      N N N 395 
TYR CA     C N S 396 
TYR C      C N N 397 
TYR O      O N N 398 
TYR CB     C N N 399 
TYR CG     C Y N 400 
TYR CD1    C Y N 401 
TYR CD2    C Y N 402 
TYR CE1    C Y N 403 
TYR CE2    C Y N 404 
TYR CZ     C Y N 405 
TYR OH     O N N 406 
TYR OXT    O N N 407 
TYR H      H N N 408 
TYR H2     H N N 409 
TYR HA     H N N 410 
TYR HB2    H N N 411 
TYR HB3    H N N 412 
TYR HD1    H N N 413 
TYR HD2    H N N 414 
TYR HE1    H N N 415 
TYR HE2    H N N 416 
TYR HH     H N N 417 
TYR HXT    H N N 418 
VAL N      N N N 419 
VAL CA     C N S 420 
VAL C      C N N 421 
VAL O      O N N 422 
VAL CB     C N N 423 
VAL CG1    C N N 424 
VAL CG2    C N N 425 
VAL OXT    O N N 426 
VAL H      H N N 427 
VAL H2     H N N 428 
VAL HA     H N N 429 
VAL HB     H N N 430 
VAL HG11   H N N 431 
VAL HG12   H N N 432 
VAL HG13   H N N 433 
VAL HG21   H N N 434 
VAL HG22   H N N 435 
VAL HG23   H N N 436 
VAL HXT    H N N 437 
# 
loop_
_chem_comp_bond.comp_id 
_chem_comp_bond.atom_id_1 
_chem_comp_bond.atom_id_2 
_chem_comp_bond.value_order 
_chem_comp_bond.pdbx_aromatic_flag 
_chem_comp_bond.pdbx_stereo_config 
_chem_comp_bond.pdbx_ordinal 
ALA N     CA     sing N N 1   
ALA N     H      sing N N 2   
ALA N     H2     sing N N 3   
ALA CA    C      sing N N 4   
ALA CA    CB     sing N N 5   
ALA CA    HA     sing N N 6   
ALA C     O      doub N N 7   
ALA C     OXT    sing N N 8   
ALA CB    HB1    sing N N 9   
ALA CB    HB2    sing N N 10  
ALA CB    HB3    sing N N 11  
ALA OXT   HXT    sing N N 12  
ARG N     CA     sing N N 13  
ARG N     H      sing N N 14  
ARG N     H2     sing N N 15  
ARG CA    C      sing N N 16  
ARG CA    CB     sing N N 17  
ARG CA    HA     sing N N 18  
ARG C     O      doub N N 19  
ARG C     OXT    sing N N 20  
ARG CB    CG     sing N N 21  
ARG CB    HB2    sing N N 22  
ARG CB    HB3    sing N N 23  
ARG CG    CD     sing N N 24  
ARG CG    HG2    sing N N 25  
ARG CG    HG3    sing N N 26  
ARG CD    NE     sing N N 27  
ARG CD    HD2    sing N N 28  
ARG CD    HD3    sing N N 29  
ARG NE    CZ     sing N N 30  
ARG NE    HE     sing N N 31  
ARG CZ    NH1    sing N N 32  
ARG CZ    NH2    doub N N 33  
ARG NH1   HH11   sing N N 34  
ARG NH1   HH12   sing N N 35  
ARG NH2   HH21   sing N N 36  
ARG NH2   HH22   sing N N 37  
ARG OXT   HXT    sing N N 38  
ASN N     CA     sing N N 39  
ASN N     H      sing N N 40  
ASN N     H2     sing N N 41  
ASN CA    C      sing N N 42  
ASN CA    CB     sing N N 43  
ASN CA    HA     sing N N 44  
ASN C     O      doub N N 45  
ASN C     OXT    sing N N 46  
ASN CB    CG     sing N N 47  
ASN CB    HB2    sing N N 48  
ASN CB    HB3    sing N N 49  
ASN CG    OD1    doub N N 50  
ASN CG    ND2    sing N N 51  
ASN ND2   HD21   sing N N 52  
ASN ND2   HD22   sing N N 53  
ASN OXT   HXT    sing N N 54  
ASP N     CA     sing N N 55  
ASP N     H      sing N N 56  
ASP N     H2     sing N N 57  
ASP CA    C      sing N N 58  
ASP CA    CB     sing N N 59  
ASP CA    HA     sing N N 60  
ASP C     O      doub N N 61  
ASP C     OXT    sing N N 62  
ASP CB    CG     sing N N 63  
ASP CB    HB2    sing N N 64  
ASP CB    HB3    sing N N 65  
ASP CG    OD1    doub N N 66  
ASP CG    OD2    sing N N 67  
ASP OD2   HD2    sing N N 68  
ASP OXT   HXT    sing N N 69  
CYS N     CA     sing N N 70  
CYS N     H      sing N N 71  
CYS N     H2     sing N N 72  
CYS CA    C      sing N N 73  
CYS CA    CB     sing N N 74  
CYS CA    HA     sing N N 75  
CYS C     O      doub N N 76  
CYS C     OXT    sing N N 77  
CYS CB    SG     sing N N 78  
CYS CB    HB2    sing N N 79  
CYS CB    HB3    sing N N 80  
CYS SG    HG     sing N N 81  
CYS OXT   HXT    sing N N 82  
GLN N     CA     sing N N 83  
GLN N     H      sing N N 84  
GLN N     H2     sing N N 85  
GLN CA    C      sing N N 86  
GLN CA    CB     sing N N 87  
GLN CA    HA     sing N N 88  
GLN C     O      doub N N 89  
GLN C     OXT    sing N N 90  
GLN CB    CG     sing N N 91  
GLN CB    HB2    sing N N 92  
GLN CB    HB3    sing N N 93  
GLN CG    CD     sing N N 94  
GLN CG    HG2    sing N N 95  
GLN CG    HG3    sing N N 96  
GLN CD    OE1    doub N N 97  
GLN CD    NE2    sing N N 98  
GLN NE2   HE21   sing N N 99  
GLN NE2   HE22   sing N N 100 
GLN OXT   HXT    sing N N 101 
GLU N     CA     sing N N 102 
GLU N     H      sing N N 103 
GLU N     H2     sing N N 104 
GLU CA    C      sing N N 105 
GLU CA    CB     sing N N 106 
GLU CA    HA     sing N N 107 
GLU C     O      doub N N 108 
GLU C     OXT    sing N N 109 
GLU CB    CG     sing N N 110 
GLU CB    HB2    sing N N 111 
GLU CB    HB3    sing N N 112 
GLU CG    CD     sing N N 113 
GLU CG    HG2    sing N N 114 
GLU CG    HG3    sing N N 115 
GLU CD    OE1    doub N N 116 
GLU CD    OE2    sing N N 117 
GLU OE2   HE2    sing N N 118 
GLU OXT   HXT    sing N N 119 
GLY N     CA     sing N N 120 
GLY N     H      sing N N 121 
GLY N     H2     sing N N 122 
GLY CA    C      sing N N 123 
GLY CA    HA2    sing N N 124 
GLY CA    HA3    sing N N 125 
GLY C     O      doub N N 126 
GLY C     OXT    sing N N 127 
GLY OXT   HXT    sing N N 128 
HIS N     CA     sing N N 129 
HIS N     H      sing N N 130 
HIS N     H2     sing N N 131 
HIS CA    C      sing N N 132 
HIS CA    CB     sing N N 133 
HIS CA    HA     sing N N 134 
HIS C     O      doub N N 135 
HIS C     OXT    sing N N 136 
HIS CB    CG     sing N N 137 
HIS CB    HB2    sing N N 138 
HIS CB    HB3    sing N N 139 
HIS CG    ND1    sing Y N 140 
HIS CG    CD2    doub Y N 141 
HIS ND1   CE1    doub Y N 142 
HIS ND1   HD1    sing N N 143 
HIS CD2   NE2    sing Y N 144 
HIS CD2   HD2    sing N N 145 
HIS CE1   NE2    sing Y N 146 
HIS CE1   HE1    sing N N 147 
HIS NE2   HE2    sing N N 148 
HIS OXT   HXT    sing N N 149 
HOH O     H1     sing N N 150 
HOH O     H2     sing N N 151 
ILE N     CA     sing N N 152 
ILE N     H      sing N N 153 
ILE N     H2     sing N N 154 
ILE CA    C      sing N N 155 
ILE CA    CB     sing N N 156 
ILE CA    HA     sing N N 157 
ILE C     O      doub N N 158 
ILE C     OXT    sing N N 159 
ILE CB    CG1    sing N N 160 
ILE CB    CG2    sing N N 161 
ILE CB    HB     sing N N 162 
ILE CG1   CD1    sing N N 163 
ILE CG1   HG12   sing N N 164 
ILE CG1   HG13   sing N N 165 
ILE CG2   HG21   sing N N 166 
ILE CG2   HG22   sing N N 167 
ILE CG2   HG23   sing N N 168 
ILE CD1   HD11   sing N N 169 
ILE CD1   HD12   sing N N 170 
ILE CD1   HD13   sing N N 171 
ILE OXT   HXT    sing N N 172 
LEU N     CA     sing N N 173 
LEU N     H      sing N N 174 
LEU N     H2     sing N N 175 
LEU CA    C      sing N N 176 
LEU CA    CB     sing N N 177 
LEU CA    HA     sing N N 178 
LEU C     O      doub N N 179 
LEU C     OXT    sing N N 180 
LEU CB    CG     sing N N 181 
LEU CB    HB2    sing N N 182 
LEU CB    HB3    sing N N 183 
LEU CG    CD1    sing N N 184 
LEU CG    CD2    sing N N 185 
LEU CG    HG     sing N N 186 
LEU CD1   HD11   sing N N 187 
LEU CD1   HD12   sing N N 188 
LEU CD1   HD13   sing N N 189 
LEU CD2   HD21   sing N N 190 
LEU CD2   HD22   sing N N 191 
LEU CD2   HD23   sing N N 192 
LEU OXT   HXT    sing N N 193 
LYS N     CA     sing N N 194 
LYS N     H      sing N N 195 
LYS N     H2     sing N N 196 
LYS CA    C      sing N N 197 
LYS CA    CB     sing N N 198 
LYS CA    HA     sing N N 199 
LYS C     O      doub N N 200 
LYS C     OXT    sing N N 201 
LYS CB    CG     sing N N 202 
LYS CB    HB2    sing N N 203 
LYS CB    HB3    sing N N 204 
LYS CG    CD     sing N N 205 
LYS CG    HG2    sing N N 206 
LYS CG    HG3    sing N N 207 
LYS CD    CE     sing N N 208 
LYS CD    HD2    sing N N 209 
LYS CD    HD3    sing N N 210 
LYS CE    NZ     sing N N 211 
LYS CE    HE2    sing N N 212 
LYS CE    HE3    sing N N 213 
LYS NZ    HZ1    sing N N 214 
LYS NZ    HZ2    sing N N 215 
LYS NZ    HZ3    sing N N 216 
LYS OXT   HXT    sing N N 217 
M7G PA    O1A    doub N N 218 
M7G PA    O2A    sing N N 219 
M7G PA    O3A    sing N N 220 
M7G PA    "O5'"  sing N N 221 
M7G O2A   HOA2   sing N N 222 
M7G O3A   PB     sing N N 223 
M7G "O5'" "C5'"  sing N N 224 
M7G PB    O1B    doub N N 225 
M7G PB    O2B    sing N N 226 
M7G PB    O3B    sing N N 227 
M7G O2B   HOB2   sing N N 228 
M7G O3B   HOB3   sing N N 229 
M7G "C5'" "C4'"  sing N N 230 
M7G "C5'" "H5'1" sing N N 231 
M7G "C5'" "H5'2" sing N N 232 
M7G "C4'" "O4'"  sing N N 233 
M7G "C4'" "C3'"  sing N N 234 
M7G "C4'" "H4'"  sing N N 235 
M7G "O4'" "C1'"  sing N N 236 
M7G "C3'" "O3'"  sing N N 237 
M7G "C3'" "C2'"  sing N N 238 
M7G "C3'" "H3'"  sing N N 239 
M7G "O3'" "HO3'" sing N N 240 
M7G "C2'" "O2'"  sing N N 241 
M7G "C2'" "C1'"  sing N N 242 
M7G "C2'" "H2'"  sing N N 243 
M7G "O2'" "HO2'" sing N N 244 
M7G "C1'" N9     sing N N 245 
M7G "C1'" "H1'"  sing N N 246 
M7G N9    C8     sing Y N 247 
M7G N9    C4     sing Y N 248 
M7G C8    N7     doub Y N 249 
M7G C8    H81    sing N N 250 
M7G N7    CM7    sing N N 251 
M7G N7    C5     sing Y N 252 
M7G CM7   HM71   sing N N 253 
M7G CM7   HM72   sing N N 254 
M7G CM7   HM73   sing N N 255 
M7G C5    C6     sing N N 256 
M7G C5    C4     doub Y N 257 
M7G C6    O6     doub N N 258 
M7G C6    N1     sing N N 259 
M7G N1    C2     sing N N 260 
M7G N1    HN1    sing N N 261 
M7G C2    N2     sing N N 262 
M7G C2    N3     doub N N 263 
M7G N2    HN21   sing N N 264 
M7G N2    HN22   sing N N 265 
M7G N3    C4     sing N N 266 
MET N     CA     sing N N 267 
MET N     H      sing N N 268 
MET N     H2     sing N N 269 
MET CA    C      sing N N 270 
MET CA    CB     sing N N 271 
MET CA    HA     sing N N 272 
MET C     O      doub N N 273 
MET C     OXT    sing N N 274 
MET CB    CG     sing N N 275 
MET CB    HB2    sing N N 276 
MET CB    HB3    sing N N 277 
MET CG    SD     sing N N 278 
MET CG    HG2    sing N N 279 
MET CG    HG3    sing N N 280 
MET SD    CE     sing N N 281 
MET CE    HE1    sing N N 282 
MET CE    HE2    sing N N 283 
MET CE    HE3    sing N N 284 
MET OXT   HXT    sing N N 285 
PHE N     CA     sing N N 286 
PHE N     H      sing N N 287 
PHE N     H2     sing N N 288 
PHE CA    C      sing N N 289 
PHE CA    CB     sing N N 290 
PHE CA    HA     sing N N 291 
PHE C     O      doub N N 292 
PHE C     OXT    sing N N 293 
PHE CB    CG     sing N N 294 
PHE CB    HB2    sing N N 295 
PHE CB    HB3    sing N N 296 
PHE CG    CD1    doub Y N 297 
PHE CG    CD2    sing Y N 298 
PHE CD1   CE1    sing Y N 299 
PHE CD1   HD1    sing N N 300 
PHE CD2   CE2    doub Y N 301 
PHE CD2   HD2    sing N N 302 
PHE CE1   CZ     doub Y N 303 
PHE CE1   HE1    sing N N 304 
PHE CE2   CZ     sing Y N 305 
PHE CE2   HE2    sing N N 306 
PHE CZ    HZ     sing N N 307 
PHE OXT   HXT    sing N N 308 
PRO N     CA     sing N N 309 
PRO N     CD     sing N N 310 
PRO N     H      sing N N 311 
PRO CA    C      sing N N 312 
PRO CA    CB     sing N N 313 
PRO CA    HA     sing N N 314 
PRO C     O      doub N N 315 
PRO C     OXT    sing N N 316 
PRO CB    CG     sing N N 317 
PRO CB    HB2    sing N N 318 
PRO CB    HB3    sing N N 319 
PRO CG    CD     sing N N 320 
PRO CG    HG2    sing N N 321 
PRO CG    HG3    sing N N 322 
PRO CD    HD2    sing N N 323 
PRO CD    HD3    sing N N 324 
PRO OXT   HXT    sing N N 325 
SER N     CA     sing N N 326 
SER N     H      sing N N 327 
SER N     H2     sing N N 328 
SER CA    C      sing N N 329 
SER CA    CB     sing N N 330 
SER CA    HA     sing N N 331 
SER C     O      doub N N 332 
SER C     OXT    sing N N 333 
SER CB    OG     sing N N 334 
SER CB    HB2    sing N N 335 
SER CB    HB3    sing N N 336 
SER OG    HG     sing N N 337 
SER OXT   HXT    sing N N 338 
THR N     CA     sing N N 339 
THR N     H      sing N N 340 
THR N     H2     sing N N 341 
THR CA    C      sing N N 342 
THR CA    CB     sing N N 343 
THR CA    HA     sing N N 344 
THR C     O      doub N N 345 
THR C     OXT    sing N N 346 
THR CB    OG1    sing N N 347 
THR CB    CG2    sing N N 348 
THR CB    HB     sing N N 349 
THR OG1   HG1    sing N N 350 
THR CG2   HG21   sing N N 351 
THR CG2   HG22   sing N N 352 
THR CG2   HG23   sing N N 353 
THR OXT   HXT    sing N N 354 
TRP N     CA     sing N N 355 
TRP N     H      sing N N 356 
TRP N     H2     sing N N 357 
TRP CA    C      sing N N 358 
TRP CA    CB     sing N N 359 
TRP CA    HA     sing N N 360 
TRP C     O      doub N N 361 
TRP C     OXT    sing N N 362 
TRP CB    CG     sing N N 363 
TRP CB    HB2    sing N N 364 
TRP CB    HB3    sing N N 365 
TRP CG    CD1    doub Y N 366 
TRP CG    CD2    sing Y N 367 
TRP CD1   NE1    sing Y N 368 
TRP CD1   HD1    sing N N 369 
TRP CD2   CE2    doub Y N 370 
TRP CD2   CE3    sing Y N 371 
TRP NE1   CE2    sing Y N 372 
TRP NE1   HE1    sing N N 373 
TRP CE2   CZ2    sing Y N 374 
TRP CE3   CZ3    doub Y N 375 
TRP CE3   HE3    sing N N 376 
TRP CZ2   CH2    doub Y N 377 
TRP CZ2   HZ2    sing N N 378 
TRP CZ3   CH2    sing Y N 379 
TRP CZ3   HZ3    sing N N 380 
TRP CH2   HH2    sing N N 381 
TRP OXT   HXT    sing N N 382 
TYR N     CA     sing N N 383 
TYR N     H      sing N N 384 
TYR N     H2     sing N N 385 
TYR CA    C      sing N N 386 
TYR CA    CB     sing N N 387 
TYR CA    HA     sing N N 388 
TYR C     O      doub N N 389 
TYR C     OXT    sing N N 390 
TYR CB    CG     sing N N 391 
TYR CB    HB2    sing N N 392 
TYR CB    HB3    sing N N 393 
TYR CG    CD1    doub Y N 394 
TYR CG    CD2    sing Y N 395 
TYR CD1   CE1    sing Y N 396 
TYR CD1   HD1    sing N N 397 
TYR CD2   CE2    doub Y N 398 
TYR CD2   HD2    sing N N 399 
TYR CE1   CZ     doub Y N 400 
TYR CE1   HE1    sing N N 401 
TYR CE2   CZ     sing Y N 402 
TYR CE2   HE2    sing N N 403 
TYR CZ    OH     sing N N 404 
TYR OH    HH     sing N N 405 
TYR OXT   HXT    sing N N 406 
VAL N     CA     sing N N 407 
VAL N     H      sing N N 408 
VAL N     H2     sing N N 409 
VAL CA    C      sing N N 410 
VAL CA    CB     sing N N 411 
VAL CA    HA     sing N N 412 
VAL C     O      doub N N 413 
VAL C     OXT    sing N N 414 
VAL CB    CG1    sing N N 415 
VAL CB    CG2    sing N N 416 
VAL CB    HB     sing N N 417 
VAL CG1   HG11   sing N N 418 
VAL CG1   HG12   sing N N 419 
VAL CG1   HG13   sing N N 420 
VAL CG2   HG21   sing N N 421 
VAL CG2   HG22   sing N N 422 
VAL CG2   HG23   sing N N 423 
VAL OXT   HXT    sing N N 424 
# 
_atom_sites.entry_id                    1EJ4 
_atom_sites.fract_transf_matrix[1][1]   -0.01129532 
_atom_sites.fract_transf_matrix[1][2]   -0.00413643 
_atom_sites.fract_transf_matrix[1][3]   -0.00330112 
_atom_sites.fract_transf_matrix[2][1]   0.00595777 
_atom_sites.fract_transf_matrix[2][2]   -0.02060297 
_atom_sites.fract_transf_matrix[2][3]   0.00543084 
_atom_sites.fract_transf_matrix[3][1]   -0.00832614 
_atom_sites.fract_transf_matrix[3][2]   0.00131619 
_atom_sites.fract_transf_matrix[3][3]   0.01412722 
_atom_sites.fract_transf_vector[1]      0.168982 
_atom_sites.fract_transf_vector[2]      0.015157 
_atom_sites.fract_transf_vector[3]      0.196989 
# 
loop_
_atom_type.symbol 
C 
N 
O 
P 
S 
# 
loop_
_atom_site.group_PDB 
_atom_site.id 
_atom_site.type_symbol 
_atom_site.label_atom_id 
_atom_site.label_alt_id 
_atom_site.label_comp_id 
_atom_site.label_asym_id 
_atom_site.label_entity_id 
_atom_site.label_seq_id 
_atom_site.pdbx_PDB_ins_code 
_atom_site.Cartn_x 
_atom_site.Cartn_y 
_atom_site.Cartn_z 
_atom_site.occupancy 
_atom_site.B_iso_or_equiv 
_atom_site.pdbx_formal_charge 
_atom_site.auth_seq_id 
_atom_site.auth_comp_id 
_atom_site.auth_asym_id 
_atom_site.auth_atom_id 
_atom_site.pdbx_PDB_model_num 
ATOM   1    N N     . GLU A 1 5   ? -8.309  -12.000 -21.698 1.00 35.09 ? 32   GLU A N     1 
ATOM   2    C CA    . GLU A 1 5   ? -8.916  -12.653 -22.891 1.00 33.56 ? 32   GLU A CA    1 
ATOM   3    C C     . GLU A 1 5   ? -7.846  -13.001 -23.914 1.00 33.49 ? 32   GLU A C     1 
ATOM   4    O O     . GLU A 1 5   ? -7.536  -14.172 -24.116 1.00 33.95 ? 32   GLU A O     1 
ATOM   5    C CB    . GLU A 1 5   ? -9.981  -11.743 -23.533 1.00 33.81 ? 32   GLU A CB    1 
ATOM   6    N N     . HIS A 1 6   ? -7.267  -12.004 -24.568 1.00 34.04 ? 33   HIS A N     1 
ATOM   7    C CA    . HIS A 1 6   ? -6.261  -12.334 -25.562 1.00 32.75 ? 33   HIS A CA    1 
ATOM   8    C C     . HIS A 1 6   ? -4.842  -11.883 -25.253 1.00 30.92 ? 33   HIS A C     1 
ATOM   9    O O     . HIS A 1 6   ? -3.954  -11.926 -26.110 1.00 31.11 ? 33   HIS A O     1 
ATOM   10   C CB    . HIS A 1 6   ? -6.724  -11.879 -26.949 1.00 34.62 ? 33   HIS A CB    1 
ATOM   11   C CG    . HIS A 1 6   ? -7.918  -12.636 -27.450 1.00 35.61 ? 33   HIS A CG    1 
ATOM   12   N ND1   . HIS A 1 6   ? -8.039  -14.005 -27.316 1.00 36.18 ? 33   HIS A ND1   1 
ATOM   13   C CD2   . HIS A 1 6   ? -9.025  -12.228 -28.116 1.00 35.44 ? 33   HIS A CD2   1 
ATOM   14   C CE1   . HIS A 1 6   ? -9.167  -14.407 -27.875 1.00 35.58 ? 33   HIS A CE1   1 
ATOM   15   N NE2   . HIS A 1 6   ? -9.784  -13.347 -28.369 1.00 36.65 ? 33   HIS A NE2   1 
ATOM   16   N N     . TYR A 1 7   ? -4.655  -11.463 -24.008 1.00 28.06 ? 34   TYR A N     1 
ATOM   17   C CA    . TYR A 1 7   ? -3.368  -11.059 -23.461 1.00 26.66 ? 34   TYR A CA    1 
ATOM   18   C C     . TYR A 1 7   ? -2.391  -10.082 -24.155 1.00 27.17 ? 34   TYR A C     1 
ATOM   19   O O     . TYR A 1 7   ? -1.183  -10.331 -24.124 1.00 26.37 ? 34   TYR A O     1 
ATOM   20   C CB    . TYR A 1 7   ? -2.587  -12.330 -23.081 1.00 24.73 ? 34   TYR A CB    1 
ATOM   21   C CG    . TYR A 1 7   ? -3.341  -13.266 -22.141 1.00 22.88 ? 34   TYR A CG    1 
ATOM   22   C CD1   . TYR A 1 7   ? -4.144  -14.302 -22.632 1.00 20.25 ? 34   TYR A CD1   1 
ATOM   23   C CD2   . TYR A 1 7   ? -3.274  -13.086 -20.765 1.00 20.31 ? 34   TYR A CD2   1 
ATOM   24   C CE1   . TYR A 1 7   ? -4.859  -15.135 -21.763 1.00 20.37 ? 34   TYR A CE1   1 
ATOM   25   C CE2   . TYR A 1 7   ? -3.975  -13.904 -19.894 1.00 20.23 ? 34   TYR A CE2   1 
ATOM   26   C CZ    . TYR A 1 7   ? -4.766  -14.925 -20.388 1.00 19.65 ? 34   TYR A CZ    1 
ATOM   27   O OH    . TYR A 1 7   ? -5.453  -15.712 -19.485 1.00 18.34 ? 34   TYR A OH    1 
ATOM   28   N N     . ILE A 1 8   ? -2.870  -8.989  -24.762 1.00 26.56 ? 35   ILE A N     1 
ATOM   29   C CA    . ILE A 1 8   ? -1.931  -8.027  -25.357 1.00 26.07 ? 35   ILE A CA    1 
ATOM   30   C C     . ILE A 1 8   ? -1.334  -7.288  -24.158 1.00 25.28 ? 35   ILE A C     1 
ATOM   31   O O     . ILE A 1 8   ? -0.180  -6.884  -24.168 1.00 26.57 ? 35   ILE A O     1 
ATOM   32   C CB    . ILE A 1 8   ? -2.617  -7.044  -26.344 1.00 26.80 ? 35   ILE A CB    1 
ATOM   33   C CG1   . ILE A 1 8   ? -3.849  -6.408  -25.693 1.00 28.79 ? 35   ILE A CG1   1 
ATOM   34   C CG2   . ILE A 1 8   ? -2.970  -7.782  -27.640 1.00 25.10 ? 35   ILE A CG2   1 
ATOM   35   C CD1   . ILE A 1 8   ? -5.075  -7.313  -25.410 1.00 20.33 ? 35   ILE A CD1   1 
ATOM   36   N N     . LYS A 1 9   ? -2.145  -7.111  -23.122 1.00 24.19 ? 36   LYS A N     1 
ATOM   37   C CA    . LYS A 1 9   ? -1.693  -6.540  -21.858 1.00 22.76 ? 36   LYS A CA    1 
ATOM   38   C C     . LYS A 1 9   ? -2.076  -7.574  -20.816 1.00 21.63 ? 36   LYS A C     1 
ATOM   39   O O     . LYS A 1 9   ? -3.007  -8.366  -21.025 1.00 22.16 ? 36   LYS A O     1 
ATOM   40   C CB    . LYS A 1 9   ? -2.345  -5.190  -21.538 1.00 23.05 ? 36   LYS A CB    1 
ATOM   41   C CG    . LYS A 1 9   ? -1.609  -4.029  -22.186 1.00 23.71 ? 36   LYS A CG    1 
ATOM   42   C CD    . LYS A 1 9   ? -2.117  -2.674  -21.764 1.00 23.08 ? 36   LYS A CD    1 
ATOM   43   C CE    . LYS A 1 9   ? -1.370  -1.603  -22.552 1.00 23.85 ? 36   LYS A CE    1 
ATOM   44   N NZ    . LYS A 1 9   ? -1.808  -0.243  -22.175 1.00 26.89 ? 36   LYS A NZ    1 
ATOM   45   N N     . HIS A 1 10  ? -1.360  -7.605  -19.704 1.00 19.91 ? 37   HIS A N     1 
ATOM   46   C CA    . HIS A 1 10  ? -1.691  -8.591  -18.693 1.00 18.60 ? 37   HIS A CA    1 
ATOM   47   C C     . HIS A 1 10  ? -2.649  -8.042  -17.653 1.00 16.86 ? 37   HIS A C     1 
ATOM   48   O O     . HIS A 1 10  ? -2.346  -7.081  -16.946 1.00 15.51 ? 37   HIS A O     1 
ATOM   49   C CB    . HIS A 1 10  ? -0.419  -9.138  -18.046 1.00 19.97 ? 37   HIS A CB    1 
ATOM   50   C CG    . HIS A 1 10  ? 0.552   -9.698  -19.037 1.00 20.12 ? 37   HIS A CG    1 
ATOM   51   N ND1   . HIS A 1 10  ? 1.412   -8.904  -19.766 1.00 22.14 ? 37   HIS A ND1   1 
ATOM   52   C CD2   . HIS A 1 10  ? 0.752   -10.966 -19.470 1.00 20.64 ? 37   HIS A CD2   1 
ATOM   53   C CE1   . HIS A 1 10  ? 2.102   -9.659  -20.605 1.00 21.69 ? 37   HIS A CE1   1 
ATOM   54   N NE2   . HIS A 1 10  ? 1.719   -10.914 -20.445 1.00 21.73 ? 37   HIS A NE2   1 
ATOM   55   N N     . PRO A 1 11  ? -3.834  -8.661  -17.553 1.00 16.74 ? 38   PRO A N     1 
ATOM   56   C CA    . PRO A 1 11  ? -4.881  -8.260  -16.612 1.00 16.02 ? 38   PRO A CA    1 
ATOM   57   C C     . PRO A 1 11  ? -4.499  -8.397  -15.151 1.00 15.42 ? 38   PRO A C     1 
ATOM   58   O O     . PRO A 1 11  ? -3.711  -9.257  -14.778 1.00 15.05 ? 38   PRO A O     1 
ATOM   59   C CB    . PRO A 1 11  ? -6.041  -9.179  -16.992 1.00 14.98 ? 38   PRO A CB    1 
ATOM   60   C CG    . PRO A 1 11  ? -5.310  -10.433 -17.416 1.00 14.95 ? 38   PRO A CG    1 
ATOM   61   C CD    . PRO A 1 11  ? -4.296  -9.809  -18.354 1.00 15.54 ? 38   PRO A CD    1 
ATOM   62   N N     . LEU A 1 12  ? -5.078  -7.529  -14.330 1.00 14.72 ? 39   LEU A N     1 
ATOM   63   C CA    . LEU A 1 12  ? -4.852  -7.559  -12.894 1.00 13.16 ? 39   LEU A CA    1 
ATOM   64   C C     . LEU A 1 12  ? -6.104  -8.098  -12.217 1.00 13.05 ? 39   LEU A C     1 
ATOM   65   O O     . LEU A 1 12  ? -7.206  -7.979  -12.764 1.00 12.05 ? 39   LEU A O     1 
ATOM   66   C CB    . LEU A 1 12  ? -4.547  -6.160  -12.376 1.00 10.51 ? 39   LEU A CB    1 
ATOM   67   C CG    . LEU A 1 12  ? -3.211  -5.554  -12.755 1.00 7.42  ? 39   LEU A CG    1 
ATOM   68   C CD1   . LEU A 1 12  ? -3.109  -4.208  -12.066 1.00 7.61  ? 39   LEU A CD1   1 
ATOM   69   C CD2   . LEU A 1 12  ? -2.068  -6.477  -12.309 1.00 8.01  ? 39   LEU A CD2   1 
ATOM   70   N N     . GLN A 1 13  ? -5.945  -8.689  -11.032 1.00 13.21 ? 40   GLN A N     1 
ATOM   71   C CA    . GLN A 1 13  ? -7.098  -9.243  -10.327 1.00 13.36 ? 40   GLN A CA    1 
ATOM   72   C C     . GLN A 1 13  ? -8.071  -8.124  -9.969  1.00 14.85 ? 40   GLN A C     1 
ATOM   73   O O     . GLN A 1 13  ? -9.299  -8.312  -10.025 1.00 15.41 ? 40   GLN A O     1 
ATOM   74   C CB    . GLN A 1 13  ? -6.643  -9.981  -9.060  1.00 14.22 ? 40   GLN A CB    1 
ATOM   75   C CG    . GLN A 1 13  ? -7.745  -10.622 -8.187  1.00 11.46 ? 40   GLN A CG    1 
ATOM   76   C CD    . GLN A 1 13  ? -8.494  -11.772 -8.851  1.00 10.66 ? 40   GLN A CD    1 
ATOM   77   O OE1   . GLN A 1 13  ? -8.034  -12.379 -9.823  1.00 8.84  ? 40   GLN A OE1   1 
ATOM   78   N NE2   . GLN A 1 13  ? -9.644  -12.105 -8.289  1.00 13.92 ? 40   GLN A NE2   1 
ATOM   79   N N     . ASN A 1 14  ? -7.529  -6.960  -9.618  1.00 13.35 ? 41   ASN A N     1 
ATOM   80   C CA    . ASN A 1 14  ? -8.359  -5.809  -9.261  1.00 13.36 ? 41   ASN A CA    1 
ATOM   81   C C     . ASN A 1 14  ? -7.986  -4.537  -10.037 1.00 12.73 ? 41   ASN A C     1 
ATOM   82   O O     . ASN A 1 14  ? -6.880  -4.414  -10.559 1.00 12.07 ? 41   ASN A O     1 
ATOM   83   C CB    . ASN A 1 14  ? -8.240  -5.472  -7.761  1.00 13.49 ? 41   ASN A CB    1 
ATOM   84   C CG    . ASN A 1 14  ? -8.654  -6.621  -6.842  1.00 16.57 ? 41   ASN A CG    1 
ATOM   85   O OD1   . ASN A 1 14  ? -7.845  -7.495  -6.494  1.00 19.09 ? 41   ASN A OD1   1 
ATOM   86   N ND2   . ASN A 1 14  ? -9.916  -6.623  -6.444  1.00 16.33 ? 41   ASN A ND2   1 
ATOM   87   N N     . ARG A 1 15  ? -8.927  -3.605  -10.136 1.00 12.33 ? 42   ARG A N     1 
ATOM   88   C CA    . ARG A 1 15  ? -8.636  -2.317  -10.757 1.00 13.08 ? 42   ARG A CA    1 
ATOM   89   C C     . ARG A 1 15  ? -8.137  -1.544  -9.535  1.00 12.97 ? 42   ARG A C     1 
ATOM   90   O O     . ARG A 1 15  ? -8.717  -1.670  -8.461  1.00 12.09 ? 42   ARG A O     1 
ATOM   91   C CB    . ARG A 1 15  ? -9.908  -1.653  -11.299 1.00 13.88 ? 42   ARG A CB    1 
ATOM   92   C CG    . ARG A 1 15  ? -9.700  -0.251  -11.886 1.00 15.32 ? 42   ARG A CG    1 
ATOM   93   C CD    . ARG A 1 15  ? -10.981 0.180   -12.585 1.00 15.86 ? 42   ARG A CD    1 
ATOM   94   N NE    . ARG A 1 15  ? -10.923 1.479   -13.248 1.00 14.98 ? 42   ARG A NE    1 
ATOM   95   C CZ    . ARG A 1 15  ? -10.141 1.779   -14.285 1.00 16.87 ? 42   ARG A CZ    1 
ATOM   96   N NH1   . ARG A 1 15  ? -9.322  0.871   -14.803 1.00 16.50 ? 42   ARG A NH1   1 
ATOM   97   N NH2   . ARG A 1 15  ? -10.202 2.993   -14.825 1.00 16.47 ? 42   ARG A NH2   1 
ATOM   98   N N     . TRP A 1 16  ? -7.050  -0.793  -9.673  1.00 12.34 ? 43   TRP A N     1 
ATOM   99   C CA    . TRP A 1 16  ? -6.529  -0.039  -8.537  1.00 12.34 ? 43   TRP A CA    1 
ATOM   100  C C     . TRP A 1 16  ? -6.570  1.454   -8.802  1.00 12.81 ? 43   TRP A C     1 
ATOM   101  O O     . TRP A 1 16  ? -6.541  1.870   -9.946  1.00 12.82 ? 43   TRP A O     1 
ATOM   102  C CB    . TRP A 1 16  ? -5.094  -0.459  -8.208  1.00 10.22 ? 43   TRP A CB    1 
ATOM   103  C CG    . TRP A 1 16  ? -4.965  -1.879  -7.768  1.00 12.39 ? 43   TRP A CG    1 
ATOM   104  C CD1   . TRP A 1 16  ? -4.946  -2.992  -8.566  1.00 11.96 ? 43   TRP A CD1   1 
ATOM   105  C CD2   . TRP A 1 16  ? -4.924  -2.353  -6.415  1.00 10.93 ? 43   TRP A CD2   1 
ATOM   106  N NE1   . TRP A 1 16  ? -4.898  -4.125  -7.791  1.00 12.63 ? 43   TRP A NE1   1 
ATOM   107  C CE2   . TRP A 1 16  ? -4.886  -3.762  -6.467  1.00 11.00 ? 43   TRP A CE2   1 
ATOM   108  C CE3   . TRP A 1 16  ? -4.919  -1.719  -5.164  1.00 10.36 ? 43   TRP A CE3   1 
ATOM   109  C CZ2   . TRP A 1 16  ? -4.843  -4.554  -5.315  1.00 11.65 ? 43   TRP A CZ2   1 
ATOM   110  C CZ3   . TRP A 1 16  ? -4.876  -2.503  -4.015  1.00 8.77  ? 43   TRP A CZ3   1 
ATOM   111  C CH2   . TRP A 1 16  ? -4.839  -3.909  -4.099  1.00 11.09 ? 43   TRP A CH2   1 
ATOM   112  N N     . ALA A 1 17  ? -6.631  2.247   -7.732  1.00 12.70 ? 44   ALA A N     1 
ATOM   113  C CA    . ALA A 1 17  ? -6.686  3.702   -7.835  1.00 13.07 ? 44   ALA A CA    1 
ATOM   114  C C     . ALA A 1 17  ? -5.557  4.298   -7.005  1.00 12.95 ? 44   ALA A C     1 
ATOM   115  O O     . ALA A 1 17  ? -5.389  3.926   -5.846  1.00 12.84 ? 44   ALA A O     1 
ATOM   116  C CB    . ALA A 1 17  ? -8.056  4.224   -7.318  1.00 10.63 ? 44   ALA A CB    1 
ATOM   117  N N     . LEU A 1 18  ? -4.782  5.211   -7.592  1.00 13.39 ? 45   LEU A N     1 
ATOM   118  C CA    . LEU A 1 18  ? -3.679  5.849   -6.863  1.00 14.05 ? 45   LEU A CA    1 
ATOM   119  C C     . LEU A 1 18  ? -4.120  7.239   -6.400  1.00 13.45 ? 45   LEU A C     1 
ATOM   120  O O     . LEU A 1 18  ? -4.585  8.059   -7.194  1.00 14.61 ? 45   LEU A O     1 
ATOM   121  C CB    . LEU A 1 18  ? -2.418  5.947   -7.745  1.00 14.80 ? 45   LEU A CB    1 
ATOM   122  C CG    . LEU A 1 18  ? -1.179  6.600   -7.103  1.00 16.33 ? 45   LEU A CG    1 
ATOM   123  C CD1   . LEU A 1 18  ? -0.783  5.843   -5.842  1.00 15.03 ? 45   LEU A CD1   1 
ATOM   124  C CD2   . LEU A 1 18  ? -0.024  6.639   -8.096  1.00 16.24 ? 45   LEU A CD2   1 
ATOM   125  N N     . TRP A 1 19  ? -3.990  7.486   -5.105  1.00 12.39 ? 46   TRP A N     1 
ATOM   126  C CA    . TRP A 1 19  ? -4.402  8.750   -4.519  1.00 12.29 ? 46   TRP A CA    1 
ATOM   127  C C     . TRP A 1 19  ? -3.218  9.563   -4.034  1.00 11.89 ? 46   TRP A C     1 
ATOM   128  O O     . TRP A 1 19  ? -2.169  9.019   -3.700  1.00 12.00 ? 46   TRP A O     1 
ATOM   129  C CB    . TRP A 1 19  ? -5.354  8.514   -3.332  1.00 11.34 ? 46   TRP A CB    1 
ATOM   130  C CG    . TRP A 1 19  ? -6.576  7.715   -3.655  1.00 12.91 ? 46   TRP A CG    1 
ATOM   131  C CD1   . TRP A 1 19  ? -6.652  6.370   -3.847  1.00 12.54 ? 46   TRP A CD1   1 
ATOM   132  C CD2   . TRP A 1 19  ? -7.910  8.222   -3.820  1.00 12.05 ? 46   TRP A CD2   1 
ATOM   133  N NE1   . TRP A 1 19  ? -7.947  6.005   -4.115  1.00 12.85 ? 46   TRP A NE1   1 
ATOM   134  C CE2   . TRP A 1 19  ? -8.740  7.123   -4.104  1.00 11.94 ? 46   TRP A CE2   1 
ATOM   135  C CE3   . TRP A 1 19  ? -8.478  9.501   -3.750  1.00 11.74 ? 46   TRP A CE3   1 
ATOM   136  C CZ2   . TRP A 1 19  ? -10.121 7.257   -4.323  1.00 14.07 ? 46   TRP A CZ2   1 
ATOM   137  C CZ3   . TRP A 1 19  ? -9.852  9.639   -3.966  1.00 13.39 ? 46   TRP A CZ3   1 
ATOM   138  C CH2   . TRP A 1 19  ? -10.656 8.525   -4.248  1.00 13.00 ? 46   TRP A CH2   1 
ATOM   139  N N     . PHE A 1 20  ? -3.414  10.870  -3.981  1.00 12.45 ? 47   PHE A N     1 
ATOM   140  C CA    . PHE A 1 20  ? -2.401  11.802  -3.531  1.00 13.82 ? 47   PHE A CA    1 
ATOM   141  C C     . PHE A 1 20  ? -3.037  12.684  -2.463  1.00 15.11 ? 47   PHE A C     1 
ATOM   142  O O     . PHE A 1 20  ? -4.190  13.080  -2.588  1.00 16.26 ? 47   PHE A O     1 
ATOM   143  C CB    . PHE A 1 20  ? -1.939  12.683  -4.696  1.00 13.78 ? 47   PHE A CB    1 
ATOM   144  C CG    . PHE A 1 20  ? -1.018  13.801  -4.286  1.00 13.80 ? 47   PHE A CG    1 
ATOM   145  C CD1   . PHE A 1 20  ? 0.241   13.525  -3.758  1.00 13.31 ? 47   PHE A CD1   1 
ATOM   146  C CD2   . PHE A 1 20  ? -1.410  15.126  -4.437  1.00 11.80 ? 47   PHE A CD2   1 
ATOM   147  C CE1   . PHE A 1 20  ? 1.098   14.556  -3.392  1.00 14.30 ? 47   PHE A CE1   1 
ATOM   148  C CE2   . PHE A 1 20  ? -0.570  16.164  -4.077  1.00 15.56 ? 47   PHE A CE2   1 
ATOM   149  C CZ    . PHE A 1 20  ? 0.694   15.885  -3.553  1.00 15.93 ? 47   PHE A CZ    1 
ATOM   150  N N     . PHE A 1 21  ? -2.294  12.965  -1.406  1.00 15.36 ? 48   PHE A N     1 
ATOM   151  C CA    . PHE A 1 21  ? -2.786  13.823  -0.352  1.00 18.76 ? 48   PHE A CA    1 
ATOM   152  C C     . PHE A 1 21  ? -1.809  14.984  -0.191  1.00 20.36 ? 48   PHE A C     1 
ATOM   153  O O     . PHE A 1 21  ? -0.588  14.789  -0.232  1.00 18.59 ? 48   PHE A O     1 
ATOM   154  C CB    . PHE A 1 21  ? -2.879  13.084  0.990   1.00 18.75 ? 48   PHE A CB    1 
ATOM   155  C CG    . PHE A 1 21  ? -3.368  13.961  2.118   1.00 16.02 ? 48   PHE A CG    1 
ATOM   156  C CD1   . PHE A 1 21  ? -4.732  14.111  2.363   1.00 17.13 ? 48   PHE A CD1   1 
ATOM   157  C CD2   . PHE A 1 21  ? -2.470  14.691  2.877   1.00 16.25 ? 48   PHE A CD2   1 
ATOM   158  C CE1   . PHE A 1 21  ? -5.197  14.970  3.336   1.00 14.64 ? 48   PHE A CE1   1 
ATOM   159  C CE2   . PHE A 1 21  ? -2.909  15.559  3.854   1.00 16.16 ? 48   PHE A CE2   1 
ATOM   160  C CZ    . PHE A 1 21  ? -4.291  15.700  4.087   1.00 18.35 ? 48   PHE A CZ    1 
ATOM   161  N N     . LYS A 1 22  ? -2.359  16.183  -0.006  1.00 22.98 ? 49   LYS A N     1 
ATOM   162  C CA    . LYS A 1 22  ? -1.565  17.388  0.189   1.00 27.72 ? 49   LYS A CA    1 
ATOM   163  C C     . LYS A 1 22  ? -2.049  18.017  1.485   1.00 30.98 ? 49   LYS A C     1 
ATOM   164  O O     . LYS A 1 22  ? -3.184  18.494  1.560   1.00 29.65 ? 49   LYS A O     1 
ATOM   165  C CB    . LYS A 1 22  ? -1.768  18.374  -0.962  1.00 28.76 ? 49   LYS A CB    1 
ATOM   166  C CG    . LYS A 1 22  ? -0.927  19.639  -0.849  1.00 30.07 ? 49   LYS A CG    1 
ATOM   167  C CD    . LYS A 1 22  ? 0.539   19.335  -1.061  1.00 32.84 ? 49   LYS A CD    1 
ATOM   168  C CE    . LYS A 1 22  ? 1.437   20.560  -0.892  1.00 34.23 ? 49   LYS A CE    1 
ATOM   169  N NZ    . LYS A 1 22  ? 1.615   21.000  0.516   1.00 35.23 ? 49   LYS A NZ    1 
ATOM   170  N N     . ASN A 1 23  ? -1.178  17.990  2.497   1.00 35.77 ? 50   ASN A N     1 
ATOM   171  C CA    . ASN A 1 23  ? -1.457  18.530  3.827   1.00 39.39 ? 50   ASN A CA    1 
ATOM   172  C C     . ASN A 1 23  ? -2.007  19.956  3.793   1.00 40.86 ? 50   ASN A C     1 
ATOM   173  O O     . ASN A 1 23  ? -1.327  20.915  4.170   1.00 41.65 ? 50   ASN A O     1 
ATOM   174  C CB    . ASN A 1 23  ? -0.186  18.488  4.677   1.00 40.63 ? 50   ASN A CB    1 
ATOM   175  C CG    . ASN A 1 23  ? -0.452  18.824  6.132   1.00 42.22 ? 50   ASN A CG    1 
ATOM   176  O OD1   . ASN A 1 23  ? -0.770  19.967  6.474   1.00 43.72 ? 50   ASN A OD1   1 
ATOM   177  N ND2   . ASN A 1 23  ? -0.343  17.817  7.000   1.00 42.77 ? 50   ASN A ND2   1 
ATOM   178  N N     . ASP A 1 24  ? -3.252  20.080  3.354   1.00 41.87 ? 51   ASP A N     1 
ATOM   179  C CA    . ASP A 1 24  ? -3.897  21.376  3.246   1.00 42.73 ? 51   ASP A CA    1 
ATOM   180  C C     . ASP A 1 24  ? -4.417  21.837  4.612   1.00 43.78 ? 51   ASP A C     1 
ATOM   181  O O     . ASP A 1 24  ? -4.670  21.013  5.506   1.00 42.55 ? 51   ASP A O     1 
ATOM   182  C CB    . ASP A 1 24  ? -5.041  21.275  2.236   1.00 42.21 ? 51   ASP A CB    1 
ATOM   183  C CG    . ASP A 1 24  ? -5.685  22.604  1.951   1.00 43.00 ? 51   ASP A CG    1 
ATOM   184  O OD1   . ASP A 1 24  ? -6.181  23.243  2.900   1.00 43.02 ? 51   ASP A OD1   1 
ATOM   185  O OD2   . ASP A 1 24  ? -5.702  23.002  0.770   1.00 42.68 ? 51   ASP A OD2   1 
ATOM   186  N N     . LYS A 1 25  ? -4.559  23.156  4.764   1.00 43.93 ? 52   LYS A N     1 
ATOM   187  C CA    . LYS A 1 25  ? -5.046  23.757  6.008   1.00 44.25 ? 52   LYS A CA    1 
ATOM   188  C C     . LYS A 1 25  ? -6.426  24.439  5.946   1.00 43.97 ? 52   LYS A C     1 
ATOM   189  O O     . LYS A 1 25  ? -6.827  25.086  6.910   1.00 44.77 ? 52   LYS A O     1 
ATOM   190  C CB    . LYS A 1 25  ? -4.014  24.761  6.552   1.00 43.87 ? 52   LYS A CB    1 
ATOM   191  C CG    . LYS A 1 25  ? -2.952  24.167  7.498   1.00 43.96 ? 52   LYS A CG    1 
ATOM   192  C CD    . LYS A 1 25  ? -2.017  23.161  6.832   1.00 42.96 ? 52   LYS A CD    1 
ATOM   193  C CE    . LYS A 1 25  ? -1.074  22.524  7.864   1.00 43.63 ? 52   LYS A CE    1 
ATOM   194  N NZ    . LYS A 1 25  ? -0.206  23.510  8.587   1.00 40.83 ? 52   LYS A NZ    1 
ATOM   195  N N     . SER A 1 26  ? -7.160  24.285  4.845   1.00 43.96 ? 53   SER A N     1 
ATOM   196  C CA    . SER A 1 26  ? -8.477  24.916  4.725   1.00 43.76 ? 53   SER A CA    1 
ATOM   197  C C     . SER A 1 26  ? -9.575  24.037  4.116   1.00 43.59 ? 53   SER A C     1 
ATOM   198  O O     . SER A 1 26  ? -10.514 24.548  3.488   1.00 43.45 ? 53   SER A O     1 
ATOM   199  C CB    . SER A 1 26  ? -8.361  26.194  3.901   1.00 44.93 ? 53   SER A CB    1 
ATOM   200  O OG    . SER A 1 26  ? -7.896  25.896  2.596   1.00 47.80 ? 53   SER A OG    1 
ATOM   201  N N     . LYS A 1 27  ? -9.453  22.722  4.308   1.00 42.99 ? 54   LYS A N     1 
ATOM   202  C CA    . LYS A 1 27  ? -10.420 21.736  3.801   1.00 40.79 ? 54   LYS A CA    1 
ATOM   203  C C     . LYS A 1 27  ? -10.449 20.604  4.826   1.00 39.09 ? 54   LYS A C     1 
ATOM   204  O O     . LYS A 1 27  ? -9.495  20.448  5.586   1.00 40.21 ? 54   LYS A O     1 
ATOM   205  C CB    . LYS A 1 27  ? -9.948  21.172  2.453   1.00 40.25 ? 54   LYS A CB    1 
ATOM   206  C CG    . LYS A 1 27  ? -9.729  22.212  1.364   1.00 40.53 ? 54   LYS A CG    1 
ATOM   207  C CD    . LYS A 1 27  ? -8.910  21.659  0.190   1.00 39.67 ? 54   LYS A CD    1 
ATOM   208  C CE    . LYS A 1 27  ? -9.630  20.591  -0.613  1.00 38.69 ? 54   LYS A CE    1 
ATOM   209  N NZ    . LYS A 1 27  ? -10.773 21.136  -1.387  1.00 39.01 ? 54   LYS A NZ    1 
ATOM   210  N N     . THR A 1 28  ? -11.523 19.818  4.871   1.00 36.71 ? 55   THR A N     1 
ATOM   211  C CA    . THR A 1 28  ? -11.538 18.705  5.818   1.00 34.97 ? 55   THR A CA    1 
ATOM   212  C C     . THR A 1 28  ? -10.488 17.706  5.318   1.00 34.44 ? 55   THR A C     1 
ATOM   213  O O     . THR A 1 28  ? -10.191 17.644  4.116   1.00 34.12 ? 55   THR A O     1 
ATOM   214  C CB    . THR A 1 28  ? -12.916 17.987  5.890   1.00 34.75 ? 55   THR A CB    1 
ATOM   215  O OG1   . THR A 1 28  ? -13.248 17.440  4.607   1.00 34.19 ? 55   THR A OG1   1 
ATOM   216  C CG2   . THR A 1 28  ? -14.015 18.959  6.345   1.00 33.41 ? 55   THR A CG2   1 
ATOM   217  N N     . TRP A 1 29  ? -9.914  16.933  6.231   1.00 31.93 ? 56   TRP A N     1 
ATOM   218  C CA    . TRP A 1 29  ? -8.912  15.954  5.835   1.00 30.81 ? 56   TRP A CA    1 
ATOM   219  C C     . TRP A 1 29  ? -9.440  15.120  4.668   1.00 30.13 ? 56   TRP A C     1 
ATOM   220  O O     . TRP A 1 29  ? -8.723  14.835  3.709   1.00 28.81 ? 56   TRP A O     1 
ATOM   221  C CB    . TRP A 1 29  ? -8.584  15.004  6.990   1.00 28.33 ? 56   TRP A CB    1 
ATOM   222  C CG    . TRP A 1 29  ? -7.528  14.013  6.620   1.00 26.01 ? 56   TRP A CG    1 
ATOM   223  C CD1   . TRP A 1 29  ? -6.183  14.162  6.758   1.00 25.01 ? 56   TRP A CD1   1 
ATOM   224  C CD2   . TRP A 1 29  ? -7.725  12.773  5.924   1.00 26.67 ? 56   TRP A CD2   1 
ATOM   225  N NE1   . TRP A 1 29  ? -5.523  13.097  6.190   1.00 24.93 ? 56   TRP A NE1   1 
ATOM   226  C CE2   . TRP A 1 29  ? -6.446  12.230  5.669   1.00 26.22 ? 56   TRP A CE2   1 
ATOM   227  C CE3   . TRP A 1 29  ? -8.859  12.070  5.488   1.00 26.05 ? 56   TRP A CE3   1 
ATOM   228  C CZ2   . TRP A 1 29  ? -6.267  11.016  4.998   1.00 26.40 ? 56   TRP A CZ2   1 
ATOM   229  C CZ3   . TRP A 1 29  ? -8.681  10.862  4.819   1.00 25.73 ? 56   TRP A CZ3   1 
ATOM   230  C CH2   . TRP A 1 29  ? -7.394  10.349  4.581   1.00 26.75 ? 56   TRP A CH2   1 
ATOM   231  N N     . GLN A 1 30  ? -10.703 14.734  4.762   1.00 29.53 ? 57   GLN A N     1 
ATOM   232  C CA    . GLN A 1 30  ? -11.311 13.897  3.744   1.00 30.70 ? 57   GLN A CA    1 
ATOM   233  C C     . GLN A 1 30  ? -11.446 14.558  2.371   1.00 30.54 ? 57   GLN A C     1 
ATOM   234  O O     . GLN A 1 30  ? -11.400 13.880  1.340   1.00 29.31 ? 57   GLN A O     1 
ATOM   235  C CB    . GLN A 1 30  ? -12.673 13.425  4.243   1.00 32.01 ? 57   GLN A CB    1 
ATOM   236  C CG    . GLN A 1 30  ? -13.264 12.291  3.434   1.00 36.91 ? 57   GLN A CG    1 
ATOM   237  C CD    . GLN A 1 30  ? -14.568 11.790  4.026   1.00 39.00 ? 57   GLN A CD    1 
ATOM   238  O OE1   . GLN A 1 30  ? -14.663 11.547  5.242   1.00 40.01 ? 57   GLN A OE1   1 
ATOM   239  N NE2   . GLN A 1 30  ? -15.577 11.614  3.173   1.00 38.40 ? 57   GLN A NE2   1 
ATOM   240  N N     . ALA A 1 31  ? -11.608 15.878  2.357   1.00 31.09 ? 58   ALA A N     1 
ATOM   241  C CA    . ALA A 1 31  ? -11.756 16.627  1.109   1.00 30.82 ? 58   ALA A CA    1 
ATOM   242  C C     . ALA A 1 31  ? -10.426 16.812  0.354   1.00 30.27 ? 58   ALA A C     1 
ATOM   243  O O     . ALA A 1 31  ? -10.424 17.088  -0.848  1.00 29.21 ? 58   ALA A O     1 
ATOM   244  C CB    . ALA A 1 31  ? -12.397 17.990  1.392   1.00 29.62 ? 58   ALA A CB    1 
ATOM   245  N N     . ASN A 1 32  ? -9.306  16.663  1.063   1.00 30.15 ? 59   ASN A N     1 
ATOM   246  C CA    . ASN A 1 32  ? -7.979  16.804  0.461   1.00 29.32 ? 59   ASN A CA    1 
ATOM   247  C C     . ASN A 1 32  ? -7.475  15.575  -0.285  1.00 28.60 ? 59   ASN A C     1 
ATOM   248  O O     . ASN A 1 32  ? -6.466  15.649  -0.987  1.00 29.03 ? 59   ASN A O     1 
ATOM   249  C CB    . ASN A 1 32  ? -6.943  17.193  1.511   1.00 30.26 ? 59   ASN A CB    1 
ATOM   250  C CG    . ASN A 1 32  ? -7.054  18.634  1.911   1.00 31.44 ? 59   ASN A CG    1 
ATOM   251  O OD1   . ASN A 1 32  ? -7.130  19.510  1.053   1.00 32.40 ? 59   ASN A OD1   1 
ATOM   252  N ND2   . ASN A 1 32  ? -7.045  18.898  3.209   1.00 32.62 ? 59   ASN A ND2   1 
ATOM   253  N N     . LEU A 1 33  ? -8.148  14.442  -0.108  1.00 25.80 ? 60   LEU A N     1 
ATOM   254  C CA    . LEU A 1 33  ? -7.763  13.236  -0.820  1.00 24.31 ? 60   LEU A CA    1 
ATOM   255  C C     . LEU A 1 33  ? -8.020  13.544  -2.286  1.00 24.43 ? 60   LEU A C     1 
ATOM   256  O O     . LEU A 1 33  ? -9.130  13.921  -2.664  1.00 23.32 ? 60   LEU A O     1 
ATOM   257  C CB    . LEU A 1 33  ? -8.616  12.047  -0.381  1.00 23.87 ? 60   LEU A CB    1 
ATOM   258  C CG    . LEU A 1 33  ? -8.301  11.391  0.960   1.00 24.71 ? 60   LEU A CG    1 
ATOM   259  C CD1   . LEU A 1 33  ? -8.190  12.432  2.049   1.00 27.16 ? 60   LEU A CD1   1 
ATOM   260  C CD2   . LEU A 1 33  ? -9.394  10.385  1.281   1.00 25.26 ? 60   LEU A CD2   1 
ATOM   261  N N     . ARG A 1 34  ? -6.981  13.394  -3.101  1.00 24.12 ? 61   ARG A N     1 
ATOM   262  C CA    . ARG A 1 34  ? -7.072  13.677  -4.520  1.00 23.07 ? 61   ARG A CA    1 
ATOM   263  C C     . ARG A 1 34  ? -6.655  12.423  -5.292  1.00 22.20 ? 61   ARG A C     1 
ATOM   264  O O     . ARG A 1 34  ? -5.647  11.797  -4.977  1.00 22.26 ? 61   ARG A O     1 
ATOM   265  C CB    . ARG A 1 34  ? -6.157  14.855  -4.854  1.00 25.81 ? 61   ARG A CB    1 
ATOM   266  C CG    . ARG A 1 34  ? -6.658  15.686  -5.995  1.00 30.95 ? 61   ARG A CG    1 
ATOM   267  C CD    . ARG A 1 34  ? -7.981  16.367  -5.637  1.00 33.18 ? 61   ARG A CD    1 
ATOM   268  N NE    . ARG A 1 34  ? -8.703  16.748  -6.850  1.00 35.34 ? 61   ARG A NE    1 
ATOM   269  C CZ    . ARG A 1 34  ? -9.943  17.224  -6.876  1.00 36.44 ? 61   ARG A CZ    1 
ATOM   270  N NH1   . ARG A 1 34  ? -10.624 17.390  -5.744  1.00 37.16 ? 61   ARG A NH1   1 
ATOM   271  N NH2   . ARG A 1 34  ? -10.514 17.509  -8.040  1.00 37.28 ? 61   ARG A NH2   1 
ATOM   272  N N     . LEU A 1 35  ? -7.438  12.064  -6.301  1.00 19.98 ? 62   LEU A N     1 
ATOM   273  C CA    . LEU A 1 35  ? -7.189  10.867  -7.094  1.00 18.23 ? 62   LEU A CA    1 
ATOM   274  C C     . LEU A 1 35  ? -6.265  11.157  -8.282  1.00 16.93 ? 62   LEU A C     1 
ATOM   275  O O     . LEU A 1 35  ? -6.407  12.167  -8.953  1.00 16.73 ? 62   LEU A O     1 
ATOM   276  C CB    . LEU A 1 35  ? -8.545  10.318  -7.535  1.00 17.78 ? 62   LEU A CB    1 
ATOM   277  C CG    . LEU A 1 35  ? -8.825  9.002   -8.256  1.00 20.46 ? 62   LEU A CG    1 
ATOM   278  C CD1   . LEU A 1 35  ? -8.005  7.826   -7.725  1.00 19.67 ? 62   LEU A CD1   1 
ATOM   279  C CD2   . LEU A 1 35  ? -10.334 8.748   -8.083  1.00 19.65 ? 62   LEU A CD2   1 
ATOM   280  N N     . ILE A 1 36  ? -5.299  10.279  -8.523  1.00 14.55 ? 63   ILE A N     1 
ATOM   281  C CA    . ILE A 1 36  ? -4.358  10.489  -9.620  1.00 11.84 ? 63   ILE A CA    1 
ATOM   282  C C     . ILE A 1 36  ? -4.789  9.785   -10.903 1.00 11.76 ? 63   ILE A C     1 
ATOM   283  O O     . ILE A 1 36  ? -4.893  10.411  -11.970 1.00 10.40 ? 63   ILE A O     1 
ATOM   284  C CB    . ILE A 1 36  ? -2.922  10.021  -9.229  1.00 10.63 ? 63   ILE A CB    1 
ATOM   285  C CG1   . ILE A 1 36  ? -2.363  10.939  -8.141  1.00 8.89  ? 63   ILE A CG1   1 
ATOM   286  C CG2   . ILE A 1 36  ? -2.002  10.022  -10.459 1.00 11.80 ? 63   ILE A CG2   1 
ATOM   287  C CD1   . ILE A 1 36  ? -2.936  10.650  -6.814  1.00 20.33 ? 63   ILE A CD1   1 
ATOM   288  N N     . SER A 1 37  ? -5.040  8.487   -10.794 1.00 10.63 ? 64   SER A N     1 
ATOM   289  C CA    . SER A 1 37  ? -5.455  7.689   -11.933 1.00 11.19 ? 64   SER A CA    1 
ATOM   290  C C     . SER A 1 37  ? -5.845  6.294   -11.446 1.00 10.45 ? 64   SER A C     1 
ATOM   291  O O     . SER A 1 37  ? -5.674  5.978   -10.271 1.00 11.51 ? 64   SER A O     1 
ATOM   292  C CB    . SER A 1 37  ? -4.298  7.581   -12.937 1.00 12.54 ? 64   SER A CB    1 
ATOM   293  O OG    . SER A 1 37  ? -4.692  6.865   -14.093 1.00 13.80 ? 64   SER A OG    1 
ATOM   294  N N     . LYS A 1 38  ? -6.378  5.473   -12.351 1.00 9.73  ? 65   LYS A N     1 
ATOM   295  C CA    . LYS A 1 38  ? -6.754  4.093   -12.028 1.00 10.45 ? 65   LYS A CA    1 
ATOM   296  C C     . LYS A 1 38  ? -6.253  3.212   -13.160 1.00 10.83 ? 65   LYS A C     1 
ATOM   297  O O     . LYS A 1 38  ? -6.124  3.669   -14.295 1.00 9.78  ? 65   LYS A O     1 
ATOM   298  C CB    . LYS A 1 38  ? -8.270  3.935   -11.886 1.00 9.34  ? 65   LYS A CB    1 
ATOM   299  C CG    . LYS A 1 38  ? -8.852  4.700   -10.717 1.00 8.99  ? 65   LYS A CG    1 
ATOM   300  C CD    . LYS A 1 38  ? -10.342 4.479   -10.638 1.00 9.92  ? 65   LYS A CD    1 
ATOM   301  C CE    . LYS A 1 38  ? -10.978 5.249   -9.491  1.00 6.71  ? 65   LYS A CE    1 
ATOM   302  N NZ    . LYS A 1 38  ? -12.413 4.875   -9.425  1.00 6.91  ? 65   LYS A NZ    1 
ATOM   303  N N     . PHE A 1 39  ? -5.974  1.951   -12.853 1.00 11.56 ? 66   PHE A N     1 
ATOM   304  C CA    . PHE A 1 39  ? -5.462  1.031   -13.866 1.00 13.25 ? 66   PHE A CA    1 
ATOM   305  C C     . PHE A 1 39  ? -5.842  -0.392  -13.525 1.00 12.62 ? 66   PHE A C     1 
ATOM   306  O O     . PHE A 1 39  ? -6.128  -0.701  -12.371 1.00 13.91 ? 66   PHE A O     1 
ATOM   307  C CB    . PHE A 1 39  ? -3.935  1.159   -13.938 1.00 13.48 ? 66   PHE A CB    1 
ATOM   308  C CG    . PHE A 1 39  ? -3.237  0.855   -12.632 1.00 13.74 ? 66   PHE A CG    1 
ATOM   309  C CD1   . PHE A 1 39  ? -3.027  -0.457  -12.219 1.00 12.54 ? 66   PHE A CD1   1 
ATOM   310  C CD2   . PHE A 1 39  ? -2.836  1.886   -11.789 1.00 13.47 ? 66   PHE A CD2   1 
ATOM   311  C CE1   . PHE A 1 39  ? -2.428  -0.731  -10.981 1.00 12.50 ? 66   PHE A CE1   1 
ATOM   312  C CE2   . PHE A 1 39  ? -2.238  1.613   -10.554 1.00 11.48 ? 66   PHE A CE2   1 
ATOM   313  C CZ    . PHE A 1 39  ? -2.038  0.309   -10.155 1.00 10.30 ? 66   PHE A CZ    1 
ATOM   314  N N     . ASP A 1 40  ? -5.844  -1.266  -14.521 1.00 13.44 ? 67   ASP A N     1 
ATOM   315  C CA    . ASP A 1 40  ? -6.168  -2.653  -14.247 1.00 13.54 ? 67   ASP A CA    1 
ATOM   316  C C     . ASP A 1 40  ? -5.356  -3.700  -15.026 1.00 13.16 ? 67   ASP A C     1 
ATOM   317  O O     . ASP A 1 40  ? -5.769  -4.852  -15.150 1.00 11.44 ? 67   ASP A O     1 
ATOM   318  C CB    . ASP A 1 40  ? -7.680  -2.893  -14.393 1.00 14.09 ? 67   ASP A CB    1 
ATOM   319  C CG    . ASP A 1 40  ? -8.220  -2.442  -15.731 1.00 15.81 ? 67   ASP A CG    1 
ATOM   320  O OD1   . ASP A 1 40  ? -7.495  -2.614  -16.737 1.00 13.84 ? 67   ASP A OD1   1 
ATOM   321  O OD2   . ASP A 1 40  ? -9.375  -1.947  -15.772 1.00 15.50 ? 67   ASP A OD2   1 
ATOM   322  N N     . THR A 1 41  ? -4.195  -3.288  -15.539 1.00 13.69 ? 68   THR A N     1 
ATOM   323  C CA    . THR A 1 41  ? -3.264  -4.199  -16.213 1.00 13.04 ? 68   THR A CA    1 
ATOM   324  C C     . THR A 1 41  ? -1.868  -3.871  -15.653 1.00 13.79 ? 68   THR A C     1 
ATOM   325  O O     . THR A 1 41  ? -1.648  -2.793  -15.103 1.00 12.40 ? 68   THR A O     1 
ATOM   326  C CB    . THR A 1 41  ? -3.195  -4.015  -17.757 1.00 13.86 ? 68   THR A CB    1 
ATOM   327  O OG1   . THR A 1 41  ? -2.665  -2.721  -18.058 1.00 11.06 ? 68   THR A OG1   1 
ATOM   328  C CG2   . THR A 1 41  ? -4.585  -4.195  -18.400 1.00 12.06 ? 68   THR A CG2   1 
ATOM   329  N N     . VAL A 1 42  ? -0.930  -4.799  -15.823 1.00 14.18 ? 69   VAL A N     1 
ATOM   330  C CA    . VAL A 1 42  ? 0.434   -4.641  -15.346 1.00 13.46 ? 69   VAL A CA    1 
ATOM   331  C C     . VAL A 1 42  ? 1.173   -3.537  -16.106 1.00 15.19 ? 69   VAL A C     1 
ATOM   332  O O     . VAL A 1 42  ? 1.911   -2.734  -15.515 1.00 16.89 ? 69   VAL A O     1 
ATOM   333  C CB    . VAL A 1 42  ? 1.179   -5.995  -15.475 1.00 13.86 ? 69   VAL A CB    1 
ATOM   334  C CG1   . VAL A 1 42  ? 2.596   -5.892  -14.908 1.00 13.73 ? 69   VAL A CG1   1 
ATOM   335  C CG2   . VAL A 1 42  ? 0.385   -7.081  -14.728 1.00 10.81 ? 69   VAL A CG2   1 
ATOM   336  N N     . GLU A 1 43  ? 0.964   -3.482  -17.411 1.00 14.62 ? 70   GLU A N     1 
ATOM   337  C CA    . GLU A 1 43  ? 1.610   -2.472  -18.230 1.00 16.46 ? 70   GLU A CA    1 
ATOM   338  C C     . GLU A 1 43  ? 1.166   -1.061  -17.865 1.00 15.67 ? 70   GLU A C     1 
ATOM   339  O O     . GLU A 1 43  ? 1.977   -0.139  -17.841 1.00 15.55 ? 70   GLU A O     1 
ATOM   340  C CB    . GLU A 1 43  ? 1.334   -2.732  -19.714 1.00 17.84 ? 70   GLU A CB    1 
ATOM   341  C CG    . GLU A 1 43  ? 2.028   -3.976  -20.255 1.00 18.46 ? 70   GLU A CG    1 
ATOM   342  C CD    . GLU A 1 43  ? 1.385   -5.277  -19.806 1.00 18.43 ? 70   GLU A CD    1 
ATOM   343  O OE1   . GLU A 1 43  ? 1.950   -6.345  -20.129 1.00 21.27 ? 70   GLU A OE1   1 
ATOM   344  O OE2   . GLU A 1 43  ? 0.325   -5.244  -19.149 1.00 17.54 ? 70   GLU A OE2   1 
ATOM   345  N N     . ASP A 1 44  ? -0.123  -0.885  -17.601 1.00 15.85 ? 71   ASP A N     1 
ATOM   346  C CA    . ASP A 1 44  ? -0.616  0.433   -17.225 1.00 15.36 ? 71   ASP A CA    1 
ATOM   347  C C     . ASP A 1 44  ? -0.048  0.818   -15.865 1.00 13.33 ? 71   ASP A C     1 
ATOM   348  O O     . ASP A 1 44  ? 0.195   1.984   -15.597 1.00 13.32 ? 71   ASP A O     1 
ATOM   349  C CB    . ASP A 1 44  ? -2.153  0.460   -17.219 1.00 17.06 ? 71   ASP A CB    1 
ATOM   350  C CG    . ASP A 1 44  ? -2.735  0.351   -18.622 1.00 20.86 ? 71   ASP A CG    1 
ATOM   351  O OD1   . ASP A 1 44  ? -2.332  1.163   -19.482 1.00 20.45 ? 71   ASP A OD1   1 
ATOM   352  O OD2   . ASP A 1 44  ? -3.587  -0.536  -18.873 1.00 22.47 ? 71   ASP A OD2   1 
ATOM   353  N N     . PHE A 1 45  ? 0.171   -0.173  -15.011 1.00 12.64 ? 72   PHE A N     1 
ATOM   354  C CA    . PHE A 1 45  ? 0.764   0.076   -13.701 1.00 12.09 ? 72   PHE A CA    1 
ATOM   355  C C     . PHE A 1 45  ? 2.152   0.675   -13.886 1.00 10.79 ? 72   PHE A C     1 
ATOM   356  O O     . PHE A 1 45  ? 2.476   1.704   -13.305 1.00 9.93  ? 72   PHE A O     1 
ATOM   357  C CB    . PHE A 1 45  ? 0.913   -1.227  -12.902 1.00 13.11 ? 72   PHE A CB    1 
ATOM   358  C CG    . PHE A 1 45  ? 1.860   -1.102  -11.738 1.00 14.32 ? 72   PHE A CG    1 
ATOM   359  C CD1   . PHE A 1 45  ? 1.469   -0.459  -10.568 1.00 14.53 ? 72   PHE A CD1   1 
ATOM   360  C CD2   . PHE A 1 45  ? 3.171   -1.559  -11.845 1.00 12.48 ? 72   PHE A CD2   1 
ATOM   361  C CE1   . PHE A 1 45  ? 2.364   -0.276  -9.532  1.00 14.62 ? 72   PHE A CE1   1 
ATOM   362  C CE2   . PHE A 1 45  ? 4.079   -1.375  -10.812 1.00 11.75 ? 72   PHE A CE2   1 
ATOM   363  C CZ    . PHE A 1 45  ? 3.676   -0.735  -9.653  1.00 14.19 ? 72   PHE A CZ    1 
ATOM   364  N N     . TRP A 1 46  ? 2.975   0.009   -14.689 1.00 11.84 ? 73   TRP A N     1 
ATOM   365  C CA    . TRP A 1 46  ? 4.328   0.486   -14.923 1.00 12.21 ? 73   TRP A CA    1 
ATOM   366  C C     . TRP A 1 46  ? 4.398   1.847   -15.606 1.00 12.39 ? 73   TRP A C     1 
ATOM   367  O O     . TRP A 1 46  ? 5.322   2.616   -15.338 1.00 11.08 ? 73   TRP A O     1 
ATOM   368  C CB    . TRP A 1 46  ? 5.145   -0.543  -15.717 1.00 10.68 ? 73   TRP A CB    1 
ATOM   369  C CG    . TRP A 1 46  ? 5.542   -1.735  -14.901 1.00 9.86  ? 73   TRP A CG    1 
ATOM   370  C CD1   . TRP A 1 46  ? 5.115   -3.029  -15.065 1.00 9.40  ? 73   TRP A CD1   1 
ATOM   371  C CD2   . TRP A 1 46  ? 6.435   -1.742  -13.767 1.00 8.44  ? 73   TRP A CD2   1 
ATOM   372  N NE1   . TRP A 1 46  ? 5.688   -3.836  -14.104 1.00 10.69 ? 73   TRP A NE1   1 
ATOM   373  C CE2   . TRP A 1 46  ? 6.499   -3.074  -13.295 1.00 8.19  ? 73   TRP A CE2   1 
ATOM   374  C CE3   . TRP A 1 46  ? 7.181   -0.750  -13.107 1.00 7.15  ? 73   TRP A CE3   1 
ATOM   375  C CZ2   . TRP A 1 46  ? 7.285   -3.448  -12.188 1.00 7.09  ? 73   TRP A CZ2   1 
ATOM   376  C CZ3   . TRP A 1 46  ? 7.962   -1.117  -12.007 1.00 8.15  ? 73   TRP A CZ3   1 
ATOM   377  C CH2   . TRP A 1 46  ? 8.007   -2.463  -11.558 1.00 7.97  ? 73   TRP A CH2   1 
ATOM   378  N N     . ALA A 1 47  ? 3.439   2.157   -16.476 1.00 10.91 ? 74   ALA A N     1 
ATOM   379  C CA    . ALA A 1 47  ? 3.469   3.462   -17.153 1.00 10.70 ? 74   ALA A CA    1 
ATOM   380  C C     . ALA A 1 47  ? 3.194   4.566   -16.142 1.00 11.44 ? 74   ALA A C     1 
ATOM   381  O O     . ALA A 1 47  ? 3.764   5.634   -16.239 1.00 12.25 ? 74   ALA A O     1 
ATOM   382  C CB    . ALA A 1 47  ? 2.436   3.527   -18.287 1.00 10.47 ? 74   ALA A CB    1 
ATOM   383  N N     . LEU A 1 48  ? 2.315   4.306   -15.173 1.00 11.31 ? 75   LEU A N     1 
ATOM   384  C CA    . LEU A 1 48  ? 1.998   5.303   -14.146 1.00 9.81  ? 75   LEU A CA    1 
ATOM   385  C C     . LEU A 1 48  ? 3.157   5.461   -13.165 1.00 10.65 ? 75   LEU A C     1 
ATOM   386  O O     . LEU A 1 48  ? 3.622   6.567   -12.907 1.00 10.44 ? 75   LEU A O     1 
ATOM   387  C CB    . LEU A 1 48  ? 0.748   4.899   -13.350 1.00 7.98  ? 75   LEU A CB    1 
ATOM   388  C CG    . LEU A 1 48  ? 0.225   5.891   -12.296 1.00 3.19  ? 75   LEU A CG    1 
ATOM   389  C CD1   . LEU A 1 48  ? -0.290  7.150   -12.969 1.00 3.19  ? 75   LEU A CD1   1 
ATOM   390  C CD2   . LEU A 1 48  ? -0.905  5.250   -11.506 1.00 5.35  ? 75   LEU A CD2   1 
ATOM   391  N N     . TYR A 1 49  ? 3.616   4.341   -12.621 1.00 11.42 ? 76   TYR A N     1 
ATOM   392  C CA    . TYR A 1 49  ? 4.699   4.359   -11.665 1.00 11.49 ? 76   TYR A CA    1 
ATOM   393  C C     . TYR A 1 49  ? 5.933   5.024   -12.254 1.00 11.46 ? 76   TYR A C     1 
ATOM   394  O O     . TYR A 1 49  ? 6.560   5.847   -11.604 1.00 10.98 ? 76   TYR A O     1 
ATOM   395  C CB    . TYR A 1 49  ? 5.077   2.935   -11.228 1.00 12.48 ? 76   TYR A CB    1 
ATOM   396  C CG    . TYR A 1 49  ? 6.108   2.925   -10.111 1.00 11.81 ? 76   TYR A CG    1 
ATOM   397  C CD1   . TYR A 1 49  ? 5.741   3.210   -8.797  1.00 11.16 ? 76   TYR A CD1   1 
ATOM   398  C CD2   . TYR A 1 49  ? 7.457   2.702   -10.381 1.00 13.21 ? 76   TYR A CD2   1 
ATOM   399  C CE1   . TYR A 1 49  ? 6.688   3.269   -7.783  1.00 16.26 ? 76   TYR A CE1   1 
ATOM   400  C CE2   . TYR A 1 49  ? 8.428   2.761   -9.359  1.00 14.05 ? 76   TYR A CE2   1 
ATOM   401  C CZ    . TYR A 1 49  ? 8.037   3.039   -8.070  1.00 16.08 ? 76   TYR A CZ    1 
ATOM   402  O OH    . TYR A 1 49  ? 8.966   3.056   -7.043  1.00 20.59 ? 76   TYR A OH    1 
ATOM   403  N N     . ASN A 1 50  ? 6.289   4.651   -13.482 1.00 12.29 ? 77   ASN A N     1 
ATOM   404  C CA    . ASN A 1 50  ? 7.480   5.204   -14.112 1.00 11.66 ? 77   ASN A CA    1 
ATOM   405  C C     . ASN A 1 50  ? 7.399   6.675   -14.428 1.00 12.14 ? 77   ASN A C     1 
ATOM   406  O O     . ASN A 1 50  ? 8.415   7.336   -14.548 1.00 11.71 ? 77   ASN A O     1 
ATOM   407  C CB    . ASN A 1 50  ? 7.839   4.443   -15.388 1.00 10.55 ? 77   ASN A CB    1 
ATOM   408  C CG    . ASN A 1 50  ? 8.402   3.063   -15.099 1.00 13.44 ? 77   ASN A CG    1 
ATOM   409  O OD1   . ASN A 1 50  ? 8.867   2.799   -13.987 1.00 13.48 ? 77   ASN A OD1   1 
ATOM   410  N ND2   . ASN A 1 50  ? 8.395   2.185   -16.099 1.00 12.49 ? 77   ASN A ND2   1 
ATOM   411  N N     . HIS A 1 51  ? 6.189   7.190   -14.552 1.00 13.13 ? 78   HIS A N     1 
ATOM   412  C CA    . HIS A 1 51  ? 6.012   8.591   -14.883 1.00 13.44 ? 78   HIS A CA    1 
ATOM   413  C C     . HIS A 1 51  ? 5.909   9.533   -13.690 1.00 13.43 ? 78   HIS A C     1 
ATOM   414  O O     . HIS A 1 51  ? 6.628   10.529  -13.621 1.00 12.15 ? 78   HIS A O     1 
ATOM   415  C CB    . HIS A 1 51  ? 4.775   8.755   -15.766 1.00 11.97 ? 78   HIS A CB    1 
ATOM   416  C CG    . HIS A 1 51  ? 4.501   10.167  -16.144 1.00 10.67 ? 78   HIS A CG    1 
ATOM   417  N ND1   . HIS A 1 51  ? 3.716   11.005  -15.379 1.00 11.14 ? 78   HIS A ND1   1 
ATOM   418  C CD2   . HIS A 1 51  ? 4.970   10.915  -17.169 1.00 8.07  ? 78   HIS A CD2   1 
ATOM   419  C CE1   . HIS A 1 51  ? 3.715   12.210  -15.922 1.00 10.24 ? 78   HIS A CE1   1 
ATOM   420  N NE2   . HIS A 1 51  ? 4.467   12.180  -17.009 1.00 8.48  ? 78   HIS A NE2   1 
ATOM   421  N N     . ILE A 1 52  ? 5.015   9.218   -12.758 1.00 14.01 ? 79   ILE A N     1 
ATOM   422  C CA    . ILE A 1 52  ? 4.813   10.079  -11.600 1.00 15.18 ? 79   ILE A CA    1 
ATOM   423  C C     . ILE A 1 52  ? 6.077   10.179  -10.733 1.00 14.64 ? 79   ILE A C     1 
ATOM   424  O O     . ILE A 1 52  ? 6.963   9.325   -10.795 1.00 13.39 ? 79   ILE A O     1 
ATOM   425  C CB    . ILE A 1 52  ? 3.637   9.581   -10.721 1.00 14.98 ? 79   ILE A CB    1 
ATOM   426  C CG1   . ILE A 1 52  ? 3.995   8.226   -10.101 1.00 14.92 ? 79   ILE A CG1   1 
ATOM   427  C CG2   . ILE A 1 52  ? 2.347   9.490   -11.566 1.00 15.41 ? 79   ILE A CG2   1 
ATOM   428  C CD1   . ILE A 1 52  ? 3.073   7.773   -8.972  1.00 20.33 ? 79   ILE A CD1   1 
ATOM   429  N N     . GLN A 1 53  ? 6.137   11.228  -9.929  1.00 14.26 ? 80   GLN A N     1 
ATOM   430  C CA    . GLN A 1 53  ? 7.268   11.471  -9.036  1.00 16.36 ? 80   GLN A CA    1 
ATOM   431  C C     . GLN A 1 53  ? 7.334   10.399  -7.932  1.00 14.82 ? 80   GLN A C     1 
ATOM   432  O O     . GLN A 1 53  ? 6.302   10.002  -7.367  1.00 14.89 ? 80   GLN A O     1 
ATOM   433  C CB    . GLN A 1 53  ? 7.130   12.861  -8.406  1.00 17.45 ? 80   GLN A CB    1 
ATOM   434  C CG    . GLN A 1 53  ? 8.450   13.477  -8.018  1.00 23.23 ? 80   GLN A CG    1 
ATOM   435  C CD    . GLN A 1 53  ? 9.258   13.961  -9.207  1.00 23.30 ? 80   GLN A CD    1 
ATOM   436  O OE1   . GLN A 1 53  ? 9.131   13.464  -10.330 1.00 23.34 ? 80   GLN A OE1   1 
ATOM   437  N NE2   . GLN A 1 53  ? 10.114  14.927  -8.957  1.00 27.29 ? 80   GLN A NE2   1 
ATOM   438  N N     . LEU A 1 54  ? 8.544   9.922   -7.650  1.00 13.12 ? 81   LEU A N     1 
ATOM   439  C CA    . LEU A 1 54  ? 8.778   8.910   -6.617  1.00 12.19 ? 81   LEU A CA    1 
ATOM   440  C C     . LEU A 1 54  ? 8.366   9.424   -5.238  1.00 11.83 ? 81   LEU A C     1 
ATOM   441  O O     . LEU A 1 54  ? 8.322   10.633  -5.018  1.00 11.83 ? 81   LEU A O     1 
ATOM   442  C CB    . LEU A 1 54  ? 10.259  8.508   -6.594  1.00 9.18  ? 81   LEU A CB    1 
ATOM   443  C CG    . LEU A 1 54  ? 10.798  7.708   -7.790  1.00 10.16 ? 81   LEU A CG    1 
ATOM   444  C CD1   . LEU A 1 54  ? 12.366  7.617   -7.729  1.00 5.62  ? 81   LEU A CD1   1 
ATOM   445  C CD2   . LEU A 1 54  ? 10.136  6.299   -7.777  1.00 6.23  ? 81   LEU A CD2   1 
ATOM   446  N N     . SER A 1 55  ? 8.060   8.492   -4.329  1.00 12.35 ? 82   SER A N     1 
ATOM   447  C CA    . SER A 1 55  ? 7.649   8.790   -2.948  1.00 12.87 ? 82   SER A CA    1 
ATOM   448  C C     . SER A 1 55  ? 8.663   9.642   -2.201  1.00 13.38 ? 82   SER A C     1 
ATOM   449  O O     . SER A 1 55  ? 8.300   10.532  -1.401  1.00 11.15 ? 82   SER A O     1 
ATOM   450  C CB    . SER A 1 55  ? 7.476   7.491   -2.138  1.00 13.93 ? 82   SER A CB    1 
ATOM   451  O OG    . SER A 1 55  ? 6.334   6.776   -2.537  1.00 18.55 ? 82   SER A OG    1 
ATOM   452  N N     . SER A 1 56  ? 9.939   9.345   -2.444  1.00 13.08 ? 83   SER A N     1 
ATOM   453  C CA    . SER A 1 56  ? 11.010  10.059  -1.767  1.00 12.76 ? 83   SER A CA    1 
ATOM   454  C C     . SER A 1 56  ? 11.002  11.528  -2.132  1.00 14.76 ? 83   SER A C     1 
ATOM   455  O O     . SER A 1 56  ? 11.639  12.330  -1.465  1.00 16.94 ? 83   SER A O     1 
ATOM   456  C CB    . SER A 1 56  ? 12.365  9.435   -2.107  1.00 10.17 ? 83   SER A CB    1 
ATOM   457  O OG    . SER A 1 56  ? 12.600  9.454   -3.503  1.00 7.35  ? 83   SER A OG    1 
ATOM   458  N N     . ASN A 1 57  ? 10.274  11.902  -3.180  1.00 16.16 ? 84   ASN A N     1 
ATOM   459  C CA    . ASN A 1 57  ? 10.256  13.315  -3.555  1.00 16.89 ? 84   ASN A CA    1 
ATOM   460  C C     . ASN A 1 57  ? 8.999   14.069  -3.076  1.00 16.61 ? 84   ASN A C     1 
ATOM   461  O O     . ASN A 1 57  ? 8.841   15.266  -3.349  1.00 18.16 ? 84   ASN A O     1 
ATOM   462  C CB    . ASN A 1 57  ? 10.453  13.450  -5.074  1.00 18.57 ? 84   ASN A CB    1 
ATOM   463  C CG    . ASN A 1 57  ? 11.357  14.620  -5.438  1.00 19.48 ? 84   ASN A CG    1 
ATOM   464  O OD1   . ASN A 1 57  ? 12.285  14.953  -4.694  1.00 20.31 ? 84   ASN A OD1   1 
ATOM   465  N ND2   . ASN A 1 57  ? 11.115  15.227  -6.591  1.00 19.04 ? 84   ASN A ND2   1 
ATOM   466  N N     . LEU A 1 58  ? 8.117   13.374  -2.355  1.00 15.94 ? 85   LEU A N     1 
ATOM   467  C CA    . LEU A 1 58  ? 6.899   13.988  -1.798  1.00 16.79 ? 85   LEU A CA    1 
ATOM   468  C C     . LEU A 1 58  ? 7.280   14.997  -0.710  1.00 18.55 ? 85   LEU A C     1 
ATOM   469  O O     . LEU A 1 58  ? 8.124   14.704  0.147   1.00 18.92 ? 85   LEU A O     1 
ATOM   470  C CB    . LEU A 1 58  ? 6.002   12.934  -1.137  1.00 13.81 ? 85   LEU A CB    1 
ATOM   471  C CG    . LEU A 1 58  ? 5.199   11.871  -1.890  1.00 13.60 ? 85   LEU A CG    1 
ATOM   472  C CD1   . LEU A 1 58  ? 4.696   10.812  -0.875  1.00 10.61 ? 85   LEU A CD1   1 
ATOM   473  C CD2   . LEU A 1 58  ? 4.026   12.535  -2.648  1.00 12.68 ? 85   LEU A CD2   1 
ATOM   474  N N     . MET A 1 59  ? 6.669   16.176  -0.718  1.00 19.95 ? 86   MET A N     1 
ATOM   475  C CA    . MET A 1 59  ? 6.990   17.130  0.329   1.00 23.20 ? 86   MET A CA    1 
ATOM   476  C C     . MET A 1 59  ? 6.296   16.676  1.610   1.00 22.95 ? 86   MET A C     1 
ATOM   477  O O     . MET A 1 59  ? 5.204   16.099  1.576   1.00 23.49 ? 86   MET A O     1 
ATOM   478  C CB    . MET A 1 59  ? 6.611   18.571  -0.065  1.00 25.71 ? 86   MET A CB    1 
ATOM   479  C CG    . MET A 1 59  ? 5.255   18.770  -0.697  1.00 30.55 ? 86   MET A CG    1 
ATOM   480  S SD    . MET A 1 59  ? 4.984   20.508  -1.144  1.00 35.45 ? 86   MET A SD    1 
ATOM   481  C CE    . MET A 1 59  ? 4.928   21.275  0.501   1.00 34.30 ? 86   MET A CE    1 
ATOM   482  N N     . PRO A 1 60  ? 6.934   16.921  2.763   1.00 22.26 ? 87   PRO A N     1 
ATOM   483  C CA    . PRO A 1 60  ? 6.403   16.535  4.070   1.00 21.55 ? 87   PRO A CA    1 
ATOM   484  C C     . PRO A 1 60  ? 4.930   16.897  4.251   1.00 20.67 ? 87   PRO A C     1 
ATOM   485  O O     . PRO A 1 60  ? 4.507   17.985  3.886   1.00 20.94 ? 87   PRO A O     1 
ATOM   486  C CB    . PRO A 1 60  ? 7.330   17.276  5.031   1.00 22.01 ? 87   PRO A CB    1 
ATOM   487  C CG    . PRO A 1 60  ? 8.644   17.194  4.297   1.00 21.89 ? 87   PRO A CG    1 
ATOM   488  C CD    . PRO A 1 60  ? 8.185   17.677  2.932   1.00 21.82 ? 87   PRO A CD    1 
ATOM   489  N N     . GLY A 1 61  ? 4.161   15.975  4.825   1.00 19.93 ? 88   GLY A N     1 
ATOM   490  C CA    . GLY A 1 61  ? 2.747   16.217  5.031   1.00 18.60 ? 88   GLY A CA    1 
ATOM   491  C C     . GLY A 1 61  ? 1.905   15.656  3.888   1.00 17.89 ? 88   GLY A C     1 
ATOM   492  O O     . GLY A 1 61  ? 0.678   15.721  3.919   1.00 18.34 ? 88   GLY A O     1 
ATOM   493  N N     . CYS A 1 62  ? 2.559   15.113  2.868   1.00 16.57 ? 89   CYS A N     1 
ATOM   494  C CA    . CYS A 1 62  ? 1.833   14.534  1.747   1.00 14.99 ? 89   CYS A CA    1 
ATOM   495  C C     . CYS A 1 62  ? 1.932   13.012  1.743   1.00 14.22 ? 89   CYS A C     1 
ATOM   496  O O     . CYS A 1 62  ? 2.875   12.436  2.301   1.00 13.33 ? 89   CYS A O     1 
ATOM   497  C CB    . CYS A 1 62  ? 2.371   15.102  0.429   1.00 16.34 ? 89   CYS A CB    1 
ATOM   498  S SG    . CYS A 1 62  ? 2.165   16.915  0.216   1.00 15.95 ? 89   CYS A SG    1 
ATOM   499  N N     . ASP A 1 63  ? 0.963   12.366  1.102   1.00 15.16 ? 90   ASP A N     1 
ATOM   500  C CA    . ASP A 1 63  ? 0.932   10.907  1.003   1.00 14.87 ? 90   ASP A CA    1 
ATOM   501  C C     . ASP A 1 63  ? 0.580   10.425  -0.405  1.00 14.30 ? 90   ASP A C     1 
ATOM   502  O O     . ASP A 1 63  ? 0.139   11.202  -1.261  1.00 14.80 ? 90   ASP A O     1 
ATOM   503  C CB    . ASP A 1 63  ? -0.145  10.290  1.907   1.00 15.18 ? 90   ASP A CB    1 
ATOM   504  C CG    . ASP A 1 63  ? -0.196  10.892  3.289   1.00 15.28 ? 90   ASP A CG    1 
ATOM   505  O OD1   . ASP A 1 63  ? 0.829   10.959  3.979   1.00 17.55 ? 90   ASP A OD1   1 
ATOM   506  O OD2   . ASP A 1 63  ? -1.298  11.280  3.703   1.00 18.51 ? 90   ASP A OD2   1 
ATOM   507  N N     . TYR A 1 64  ? 0.770   9.118   -0.599  1.00 11.77 ? 91   TYR A N     1 
ATOM   508  C CA    . TYR A 1 64  ? 0.416   8.391   -1.811  1.00 9.15  ? 91   TYR A CA    1 
ATOM   509  C C     . TYR A 1 64  ? -0.388  7.244   -1.236  1.00 8.78  ? 91   TYR A C     1 
ATOM   510  O O     . TYR A 1 64  ? -0.077  6.760   -0.160  1.00 7.54  ? 91   TYR A O     1 
ATOM   511  C CB    . TYR A 1 64  ? 1.627   7.803   -2.531  1.00 8.66  ? 91   TYR A CB    1 
ATOM   512  C CG    . TYR A 1 64  ? 2.217   8.669   -3.609  1.00 9.15  ? 91   TYR A CG    1 
ATOM   513  C CD1   . TYR A 1 64  ? 3.583   8.625   -3.854  1.00 7.63  ? 91   TYR A CD1   1 
ATOM   514  C CD2   . TYR A 1 64  ? 1.425   9.557   -4.375  1.00 8.19  ? 91   TYR A CD2   1 
ATOM   515  C CE1   . TYR A 1 64  ? 4.170   9.418   -4.797  1.00 5.69  ? 91   TYR A CE1   1 
ATOM   516  C CE2   . TYR A 1 64  ? 2.025   10.375  -5.355  1.00 9.32  ? 91   TYR A CE2   1 
ATOM   517  C CZ    . TYR A 1 64  ? 3.418   10.286  -5.541  1.00 8.90  ? 91   TYR A CZ    1 
ATOM   518  O OH    . TYR A 1 64  ? 4.103   11.070  -6.442  1.00 11.84 ? 91   TYR A OH    1 
ATOM   519  N N     . SER A 1 65  ? -1.418  6.822   -1.949  1.00 8.30  ? 92   SER A N     1 
ATOM   520  C CA    . SER A 1 65  ? -2.245  5.723   -1.494  1.00 10.64 ? 92   SER A CA    1 
ATOM   521  C C     . SER A 1 65  ? -2.669  4.873   -2.676  1.00 9.13  ? 92   SER A C     1 
ATOM   522  O O     . SER A 1 65  ? -3.107  5.402   -3.687  1.00 10.25 ? 92   SER A O     1 
ATOM   523  C CB    . SER A 1 65  ? -3.513  6.253   -0.783  1.00 11.92 ? 92   SER A CB    1 
ATOM   524  O OG    . SER A 1 65  ? -3.188  6.984   0.385   1.00 13.72 ? 92   SER A OG    1 
ATOM   525  N N     . LEU A 1 66  ? -2.528  3.560   -2.562  1.00 9.09  ? 93   LEU A N     1 
ATOM   526  C CA    . LEU A 1 66  ? -2.988  2.698   -3.643  1.00 9.34  ? 93   LEU A CA    1 
ATOM   527  C C     . LEU A 1 66  ? -4.086  1.817   -3.065  1.00 8.60  ? 93   LEU A C     1 
ATOM   528  O O     . LEU A 1 66  ? -3.823  0.992   -2.197  1.00 9.35  ? 93   LEU A O     1 
ATOM   529  C CB    . LEU A 1 66  ? -1.867  1.813   -4.193  1.00 8.28  ? 93   LEU A CB    1 
ATOM   530  C CG    . LEU A 1 66  ? -2.260  1.100   -5.504  1.00 10.71 ? 93   LEU A CG    1 
ATOM   531  C CD1   . LEU A 1 66  ? -2.367  2.127   -6.633  1.00 6.58  ? 93   LEU A CD1   1 
ATOM   532  C CD2   . LEU A 1 66  ? -1.223  0.049   -5.873  1.00 10.20 ? 93   LEU A CD2   1 
ATOM   533  N N     . PHE A 1 67  ? -5.313  1.988   -3.546  1.00 9.21  ? 94   PHE A N     1 
ATOM   534  C CA    . PHE A 1 67  ? -6.438  1.191   -3.059  1.00 9.48  ? 94   PHE A CA    1 
ATOM   535  C C     . PHE A 1 67  ? -7.266  0.538   -4.150  1.00 11.20 ? 94   PHE A C     1 
ATOM   536  O O     . PHE A 1 67  ? -7.314  1.009   -5.298  1.00 9.36  ? 94   PHE A O     1 
ATOM   537  C CB    . PHE A 1 67  ? -7.377  2.045   -2.177  1.00 7.87  ? 94   PHE A CB    1 
ATOM   538  C CG    . PHE A 1 67  ? -6.912  2.190   -0.764  1.00 7.39  ? 94   PHE A CG    1 
ATOM   539  C CD1   . PHE A 1 67  ? -5.738  2.866   -0.463  1.00 6.63  ? 94   PHE A CD1   1 
ATOM   540  C CD2   . PHE A 1 67  ? -7.623  1.578   0.279   1.00 7.45  ? 94   PHE A CD2   1 
ATOM   541  C CE1   . PHE A 1 67  ? -5.272  2.925   0.855   1.00 6.72  ? 94   PHE A CE1   1 
ATOM   542  C CE2   . PHE A 1 67  ? -7.165  1.639   1.584   1.00 7.62  ? 94   PHE A CE2   1 
ATOM   543  C CZ    . PHE A 1 67  ? -5.989  2.309   1.875   1.00 6.61  ? 94   PHE A CZ    1 
ATOM   544  N N     . LYS A 1 68  ? -7.939  -0.550  -3.784  1.00 12.02 ? 95   LYS A N     1 
ATOM   545  C CA    . LYS A 1 68  ? -8.782  -1.226  -4.753  1.00 14.25 ? 95   LYS A CA    1 
ATOM   546  C C     . LYS A 1 68  ? -9.843  -0.240  -5.154  1.00 13.82 ? 95   LYS A C     1 
ATOM   547  O O     . LYS A 1 68  ? -10.285 0.576   -4.341  1.00 15.17 ? 95   LYS A O     1 
ATOM   548  C CB    . LYS A 1 68  ? -9.415  -2.486  -4.165  1.00 14.08 ? 95   LYS A CB    1 
ATOM   549  C CG    . LYS A 1 68  ? -8.388  -3.539  -3.806  1.00 14.47 ? 95   LYS A CG    1 
ATOM   550  C CD    . LYS A 1 68  ? -9.029  -4.826  -3.329  1.00 16.99 ? 95   LYS A CD    1 
ATOM   551  C CE    . LYS A 1 68  ? -7.968  -5.833  -2.900  1.00 17.36 ? 95   LYS A CE    1 
ATOM   552  N NZ    . LYS A 1 68  ? -8.576  -7.041  -2.271  1.00 15.96 ? 95   LYS A NZ    1 
ATOM   553  N N     . ASP A 1 69  ? -10.228 -0.287  -6.416  1.00 13.90 ? 96   ASP A N     1 
ATOM   554  C CA    . ASP A 1 69  ? -11.242 0.625   -6.913  1.00 14.47 ? 96   ASP A CA    1 
ATOM   555  C C     . ASP A 1 69  ? -12.523 0.592   -6.049  1.00 14.36 ? 96   ASP A C     1 
ATOM   556  O O     . ASP A 1 69  ? -13.057 -0.478  -5.732  1.00 12.83 ? 96   ASP A O     1 
ATOM   557  C CB    . ASP A 1 69  ? -11.535 0.264   -8.364  1.00 16.81 ? 96   ASP A CB    1 
ATOM   558  C CG    . ASP A 1 69  ? -12.498 1.217   -9.016  1.00 18.41 ? 96   ASP A CG    1 
ATOM   559  O OD1   . ASP A 1 69  ? -12.455 2.415   -8.683  1.00 18.27 ? 96   ASP A OD1   1 
ATOM   560  O OD2   . ASP A 1 69  ? -13.279 0.772   -9.883  1.00 21.95 ? 96   ASP A OD2   1 
ATOM   561  N N     . GLY A 1 70  ? -12.993 1.766   -5.645  1.00 15.06 ? 97   GLY A N     1 
ATOM   562  C CA    . GLY A 1 70  ? -14.198 1.834   -4.835  1.00 16.10 ? 97   GLY A CA    1 
ATOM   563  C C     . GLY A 1 70  ? -13.965 1.918   -3.334  1.00 17.36 ? 97   GLY A C     1 
ATOM   564  O O     . GLY A 1 70  ? -14.907 2.052   -2.553  1.00 17.23 ? 97   GLY A O     1 
ATOM   565  N N     . ILE A 1 71  ? -12.716 1.814   -2.911  1.00 18.36 ? 98   ILE A N     1 
ATOM   566  C CA    . ILE A 1 71  ? -12.408 1.918   -1.496  1.00 18.27 ? 98   ILE A CA    1 
ATOM   567  C C     . ILE A 1 71  ? -11.608 3.207   -1.346  1.00 18.30 ? 98   ILE A C     1 
ATOM   568  O O     . ILE A 1 71  ? -10.524 3.329   -1.909  1.00 19.05 ? 98   ILE A O     1 
ATOM   569  C CB    . ILE A 1 71  ? -11.534 0.744   -1.012  1.00 18.18 ? 98   ILE A CB    1 
ATOM   570  C CG1   . ILE A 1 71  ? -12.229 -0.590  -1.289  1.00 17.24 ? 98   ILE A CG1   1 
ATOM   571  C CG2   . ILE A 1 71  ? -11.246 0.902   0.466   1.00 17.67 ? 98   ILE A CG2   1 
ATOM   572  C CD1   . ILE A 1 71  ? -11.327 -1.819  -1.186  1.00 20.33 ? 98   ILE A CD1   1 
ATOM   573  N N     . GLU A 1 72  ? -12.136 4.169   -0.601  1.00 17.87 ? 99   GLU A N     1 
ATOM   574  C CA    . GLU A 1 72  ? -11.426 5.423   -0.410  1.00 18.06 ? 99   GLU A CA    1 
ATOM   575  C C     . GLU A 1 72  ? -10.372 5.211   0.676   1.00 17.51 ? 99   GLU A C     1 
ATOM   576  O O     . GLU A 1 72  ? -10.635 4.569   1.687   1.00 16.21 ? 99   GLU A O     1 
ATOM   577  C CB    . GLU A 1 72  ? -12.404 6.543   -0.016  1.00 19.53 ? 99   GLU A CB    1 
ATOM   578  C CG    . GLU A 1 72  ? -13.602 6.717   -0.974  1.00 21.27 ? 99   GLU A CG    1 
ATOM   579  C CD    . GLU A 1 72  ? -14.408 7.988   -0.690  1.00 25.29 ? 99   GLU A CD    1 
ATOM   580  O OE1   . GLU A 1 72  ? -14.002 9.084   -1.143  1.00 26.96 ? 99   GLU A OE1   1 
ATOM   581  O OE2   . GLU A 1 72  ? -15.435 7.898   0.013   1.00 25.84 ? 99   GLU A OE2   1 
ATOM   582  N N     . PRO A 1 73  ? -9.152  5.740   0.464   1.00 18.81 ? 100  PRO A N     1 
ATOM   583  C CA    . PRO A 1 73  ? -8.050  5.601   1.424   1.00 18.52 ? 100  PRO A CA    1 
ATOM   584  C C     . PRO A 1 73  ? -8.280  6.311   2.754   1.00 18.04 ? 100  PRO A C     1 
ATOM   585  O O     . PRO A 1 73  ? -7.472  7.145   3.174   1.00 18.19 ? 100  PRO A O     1 
ATOM   586  C CB    . PRO A 1 73  ? -6.858  6.159   0.644   1.00 17.31 ? 100  PRO A CB    1 
ATOM   587  C CG    . PRO A 1 73  ? -7.505  7.252   -0.166  1.00 17.81 ? 100  PRO A CG    1 
ATOM   588  C CD    . PRO A 1 73  ? -8.691  6.484   -0.725  1.00 18.03 ? 100  PRO A CD    1 
ATOM   589  N N     . MET A 1 74  ? -9.373  5.961   3.423   1.00 17.65 ? 101  MET A N     1 
ATOM   590  C CA    . MET A 1 74  ? -9.722  6.587   4.696   1.00 18.11 ? 101  MET A CA    1 
ATOM   591  C C     . MET A 1 74  ? -10.400 5.606   5.658   1.00 17.97 ? 101  MET A C     1 
ATOM   592  O O     . MET A 1 74  ? -10.994 4.617   5.228   1.00 16.27 ? 101  MET A O     1 
ATOM   593  C CB    . MET A 1 74  ? -10.630 7.790   4.429   1.00 18.73 ? 101  MET A CB    1 
ATOM   594  C CG    . MET A 1 74  ? -11.939 7.430   3.749   1.00 23.27 ? 101  MET A CG    1 
ATOM   595  S SD    . MET A 1 74  ? -12.974 8.870   3.344   1.00 27.60 ? 101  MET A SD    1 
ATOM   596  C CE    . MET A 1 74  ? -14.474 8.018   2.746   1.00 26.20 ? 101  MET A CE    1 
ATOM   597  N N     . TRP A 1 75  ? -10.310 5.878   6.959   1.00 18.08 ? 102  TRP A N     1 
ATOM   598  C CA    . TRP A 1 75  ? -10.905 4.989   7.960   1.00 19.37 ? 102  TRP A CA    1 
ATOM   599  C C     . TRP A 1 75  ? -12.433 4.778   7.839   1.00 20.08 ? 102  TRP A C     1 
ATOM   600  O O     . TRP A 1 75  ? -12.928 3.661   8.017   1.00 18.86 ? 102  TRP A O     1 
ATOM   601  C CB    . TRP A 1 75  ? -10.597 5.495   9.383   1.00 19.71 ? 102  TRP A CB    1 
ATOM   602  C CG    . TRP A 1 75  ? -9.151  5.819   9.688   1.00 18.16 ? 102  TRP A CG    1 
ATOM   603  C CD1   . TRP A 1 75  ? -8.044  5.069   9.369   1.00 18.15 ? 102  TRP A CD1   1 
ATOM   604  C CD2   . TRP A 1 75  ? -8.666  6.937   10.448  1.00 19.38 ? 102  TRP A CD2   1 
ATOM   605  N NE1   . TRP A 1 75  ? -6.910  5.652   9.882   1.00 17.74 ? 102  TRP A NE1   1 
ATOM   606  C CE2   . TRP A 1 75  ? -7.261  6.798   10.549  1.00 18.91 ? 102  TRP A CE2   1 
ATOM   607  C CE3   . TRP A 1 75  ? -9.283  8.045   11.056  1.00 19.52 ? 102  TRP A CE3   1 
ATOM   608  C CZ2   . TRP A 1 75  ? -6.463  7.726   11.233  1.00 20.10 ? 102  TRP A CZ2   1 
ATOM   609  C CZ3   . TRP A 1 75  ? -8.490  8.967   11.736  1.00 19.22 ? 102  TRP A CZ3   1 
ATOM   610  C CH2   . TRP A 1 75  ? -7.092  8.800   11.818  1.00 20.58 ? 102  TRP A CH2   1 
ATOM   611  N N     . GLU A 1 76  ? -13.166 5.844   7.524   1.00 21.34 ? 103  GLU A N     1 
ATOM   612  C CA    . GLU A 1 76  ? -14.634 5.804   7.428   1.00 22.25 ? 103  GLU A CA    1 
ATOM   613  C C     . GLU A 1 76  ? -15.234 4.883   6.374   1.00 21.66 ? 103  GLU A C     1 
ATOM   614  O O     . GLU A 1 76  ? -16.382 4.469   6.499   1.00 21.12 ? 103  GLU A O     1 
ATOM   615  C CB    . GLU A 1 76  ? -15.208 7.215   7.224   1.00 23.67 ? 103  GLU A CB    1 
ATOM   616  C CG    . GLU A 1 76  ? -14.890 8.218   8.326   1.00 28.63 ? 103  GLU A CG    1 
ATOM   617  C CD    . GLU A 1 76  ? -13.411 8.589   8.392   1.00 31.47 ? 103  GLU A CD    1 
ATOM   618  O OE1   . GLU A 1 76  ? -12.574 7.725   8.729   1.00 33.65 ? 103  GLU A OE1   1 
ATOM   619  O OE2   . GLU A 1 76  ? -13.077 9.750   8.094   1.00 34.59 ? 103  GLU A OE2   1 
ATOM   620  N N     . ASP A 1 77  ? -14.475 4.571   5.331   1.00 21.14 ? 104  ASP A N     1 
ATOM   621  C CA    . ASP A 1 77  ? -14.973 3.682   4.303   1.00 19.26 ? 104  ASP A CA    1 
ATOM   622  C C     . ASP A 1 77  ? -15.438 2.409   5.014   1.00 19.92 ? 104  ASP A C     1 
ATOM   623  O O     . ASP A 1 77  ? -14.821 1.989   5.998   1.00 19.70 ? 104  ASP A O     1 
ATOM   624  C CB    . ASP A 1 77  ? -13.865 3.328   3.314   1.00 18.69 ? 104  ASP A CB    1 
ATOM   625  C CG    . ASP A 1 77  ? -14.405 2.675   2.050   1.00 19.05 ? 104  ASP A CG    1 
ATOM   626  O OD1   . ASP A 1 77  ? -14.563 3.387   1.038   1.00 18.08 ? 104  ASP A OD1   1 
ATOM   627  O OD2   . ASP A 1 77  ? -14.692 1.456   2.067   1.00 15.95 ? 104  ASP A OD2   1 
ATOM   628  N N     . GLU A 1 78  ? -16.521 1.809   4.520   1.00 19.58 ? 105  GLU A N     1 
ATOM   629  C CA    . GLU A 1 78  ? -17.076 0.582   5.085   1.00 19.80 ? 105  GLU A CA    1 
ATOM   630  C C     . GLU A 1 78  ? -16.090 -0.579  5.116   1.00 19.87 ? 105  GLU A C     1 
ATOM   631  O O     . GLU A 1 78  ? -16.200 -1.473  5.964   1.00 19.50 ? 105  GLU A O     1 
ATOM   632  C CB    . GLU A 1 78  ? -18.315 0.153   4.296   1.00 22.35 ? 105  GLU A CB    1 
ATOM   633  C CG    . GLU A 1 78  ? -19.609 0.778   4.782   1.00 24.65 ? 105  GLU A CG    1 
ATOM   634  C CD    . GLU A 1 78  ? -19.921 0.360   6.205   1.00 26.05 ? 105  GLU A CD    1 
ATOM   635  O OE1   . GLU A 1 78  ? -20.011 -0.861  6.474   1.00 26.82 ? 105  GLU A OE1   1 
ATOM   636  O OE2   . GLU A 1 78  ? -20.066 1.250   7.059   1.00 28.66 ? 105  GLU A OE2   1 
ATOM   637  N N     . LYS A 1 79  ? -15.141 -0.554  4.183   1.00 19.82 ? 106  LYS A N     1 
ATOM   638  C CA    . LYS A 1 79  ? -14.109 -1.583  4.042   1.00 20.56 ? 106  LYS A CA    1 
ATOM   639  C C     . LYS A 1 79  ? -12.888 -1.357  4.932   1.00 20.87 ? 106  LYS A C     1 
ATOM   640  O O     . LYS A 1 79  ? -12.008 -2.222  5.020   1.00 19.75 ? 106  LYS A O     1 
ATOM   641  C CB    . LYS A 1 79  ? -13.643 -1.648  2.584   1.00 21.52 ? 106  LYS A CB    1 
ATOM   642  C CG    . LYS A 1 79  ? -14.530 -2.443  1.644   1.00 22.49 ? 106  LYS A CG    1 
ATOM   643  C CD    . LYS A 1 79  ? -14.341 -3.923  1.951   1.00 23.70 ? 106  LYS A CD    1 
ATOM   644  C CE    . LYS A 1 79  ? -14.943 -4.823  0.904   1.00 23.15 ? 106  LYS A CE    1 
ATOM   645  N NZ    . LYS A 1 79  ? -14.620 -6.238  1.268   1.00 24.85 ? 106  LYS A NZ    1 
ATOM   646  N N     . ASN A 1 80  ? -12.826 -0.198  5.578   1.00 20.48 ? 107  ASN A N     1 
ATOM   647  C CA    . ASN A 1 80  ? -11.690 0.113   6.443   1.00 21.14 ? 107  ASN A CA    1 
ATOM   648  C C     . ASN A 1 80  ? -12.031 0.314   7.923   1.00 22.02 ? 107  ASN A C     1 
ATOM   649  O O     . ASN A 1 80  ? -11.173 0.112   8.785   1.00 23.30 ? 107  ASN A O     1 
ATOM   650  C CB    . ASN A 1 80  ? -10.961 1.386   5.964   1.00 19.36 ? 107  ASN A CB    1 
ATOM   651  C CG    . ASN A 1 80  ? -10.405 1.262   4.557   1.00 19.40 ? 107  ASN A CG    1 
ATOM   652  O OD1   . ASN A 1 80  ? -9.966  0.194   4.147   1.00 19.24 ? 107  ASN A OD1   1 
ATOM   653  N ND2   . ASN A 1 80  ? -10.383 2.374   3.825   1.00 18.86 ? 107  ASN A ND2   1 
ATOM   654  N N     . LYS A 1 81  ? -13.264 0.720   8.218   1.00 22.49 ? 108  LYS A N     1 
ATOM   655  C CA    . LYS A 1 81  ? -13.657 1.003   9.598   1.00 23.20 ? 108  LYS A CA    1 
ATOM   656  C C     . LYS A 1 81  ? -13.356 -0.100  10.598  1.00 22.21 ? 108  LYS A C     1 
ATOM   657  O O     . LYS A 1 81  ? -12.890 0.177   11.698  1.00 22.70 ? 108  LYS A O     1 
ATOM   658  C CB    . LYS A 1 81  ? -15.137 1.395   9.671   1.00 24.91 ? 108  LYS A CB    1 
ATOM   659  C CG    . LYS A 1 81  ? -16.075 0.421   9.017   1.00 26.85 ? 108  LYS A CG    1 
ATOM   660  C CD    . LYS A 1 81  ? -17.511 0.769   9.345   1.00 29.73 ? 108  LYS A CD    1 
ATOM   661  C CE    . LYS A 1 81  ? -17.898 2.142   8.853   1.00 31.30 ? 108  LYS A CE    1 
ATOM   662  N NZ    . LYS A 1 81  ? -19.286 2.460   9.297   1.00 32.83 ? 108  LYS A NZ    1 
ATOM   663  N N     . ARG A 1 82  ? -13.600 -1.347  10.221  1.00 21.33 ? 109  ARG A N     1 
ATOM   664  C CA    . ARG A 1 82  ? -13.310 -2.465  11.114  1.00 21.07 ? 109  ARG A CA    1 
ATOM   665  C C     . ARG A 1 82  ? -11.911 -3.064  10.871  1.00 20.81 ? 109  ARG A C     1 
ATOM   666  O O     . ARG A 1 82  ? -11.526 -4.050  11.502  1.00 18.71 ? 109  ARG A O     1 
ATOM   667  C CB    . ARG A 1 82  ? -14.383 -3.543  10.948  1.00 20.43 ? 109  ARG A CB    1 
ATOM   668  C CG    . ARG A 1 82  ? -15.790 -3.054  11.294  1.00 22.87 ? 109  ARG A CG    1 
ATOM   669  C CD    . ARG A 1 82  ? -16.846 -4.086  10.913  1.00 24.18 ? 109  ARG A CD    1 
ATOM   670  N NE    . ARG A 1 82  ? -16.832 -4.354  9.477   1.00 26.97 ? 109  ARG A NE    1 
ATOM   671  C CZ    . ARG A 1 82  ? -17.175 -3.470  8.545   1.00 28.20 ? 109  ARG A CZ    1 
ATOM   672  N NH1   . ARG A 1 82  ? -17.565 -2.258  8.897   1.00 29.47 ? 109  ARG A NH1   1 
ATOM   673  N NH2   . ARG A 1 82  ? -17.125 -3.796  7.257   1.00 28.73 ? 109  ARG A NH2   1 
ATOM   674  N N     . GLY A 1 83  ? -11.146 -2.455  9.968   1.00 20.69 ? 110  GLY A N     1 
ATOM   675  C CA    . GLY A 1 83  ? -9.825  -2.980  9.674   1.00 22.11 ? 110  GLY A CA    1 
ATOM   676  C C     . GLY A 1 83  ? -8.651  -2.349  10.419  1.00 22.30 ? 110  GLY A C     1 
ATOM   677  O O     . GLY A 1 83  ? -8.782  -1.856  11.550  1.00 22.37 ? 110  GLY A O     1 
ATOM   678  N N     . GLY A 1 84  ? -7.490  -2.374  9.765   1.00 20.99 ? 111  GLY A N     1 
ATOM   679  C CA    . GLY A 1 84  ? -6.280  -1.823  10.342  1.00 18.95 ? 111  GLY A CA    1 
ATOM   680  C C     . GLY A 1 84  ? -5.140  -2.058  9.376   1.00 18.27 ? 111  GLY A C     1 
ATOM   681  O O     . GLY A 1 84  ? -5.382  -2.338  8.195   1.00 15.98 ? 111  GLY A O     1 
ATOM   682  N N     . ARG A 1 85  ? -3.902  -1.939  9.852   1.00 18.13 ? 112  ARG A N     1 
ATOM   683  C CA    . ARG A 1 85  ? -2.772  -2.161  8.967   1.00 18.31 ? 112  ARG A CA    1 
ATOM   684  C C     . ARG A 1 85  ? -1.452  -2.585  9.591   1.00 17.87 ? 112  ARG A C     1 
ATOM   685  O O     . ARG A 1 85  ? -1.256  -2.512  10.808  1.00 16.72 ? 112  ARG A O     1 
ATOM   686  C CB    . ARG A 1 85  ? -2.497  -0.923  8.126   1.00 19.87 ? 112  ARG A CB    1 
ATOM   687  C CG    . ARG A 1 85  ? -1.769  0.223   8.827   1.00 23.07 ? 112  ARG A CG    1 
ATOM   688  C CD    . ARG A 1 85  ? -2.703  1.136   9.561   1.00 24.59 ? 112  ARG A CD    1 
ATOM   689  N NE    . ARG A 1 85  ? -2.140  2.478   9.668   1.00 24.21 ? 112  ARG A NE    1 
ATOM   690  C CZ    . ARG A 1 85  ? -1.095  2.800   10.416  1.00 25.12 ? 112  ARG A CZ    1 
ATOM   691  N NH1   . ARG A 1 85  ? -0.494  1.864   11.131  1.00 28.05 ? 112  ARG A NH1   1 
ATOM   692  N NH2   . ARG A 1 85  ? -0.648  4.049   10.442  1.00 22.34 ? 112  ARG A NH2   1 
ATOM   693  N N     . TRP A 1 86  ? -0.567  -3.065  8.718   1.00 16.48 ? 113  TRP A N     1 
ATOM   694  C CA    . TRP A 1 86  ? 0.785   -3.456  9.086   1.00 15.14 ? 113  TRP A CA    1 
ATOM   695  C C     . TRP A 1 86  ? 1.587   -2.198  8.781   1.00 15.47 ? 113  TRP A C     1 
ATOM   696  O O     . TRP A 1 86  ? 1.528   -1.675  7.665   1.00 15.22 ? 113  TRP A O     1 
ATOM   697  C CB    . TRP A 1 86  ? 1.292   -4.624  8.231   1.00 14.77 ? 113  TRP A CB    1 
ATOM   698  C CG    . TRP A 1 86  ? 0.774   -5.947  8.704   1.00 15.09 ? 113  TRP A CG    1 
ATOM   699  C CD1   . TRP A 1 86  ? -0.226  -6.693  8.150   1.00 13.70 ? 113  TRP A CD1   1 
ATOM   700  C CD2   . TRP A 1 86  ? 1.188   -6.642  9.885   1.00 14.78 ? 113  TRP A CD2   1 
ATOM   701  N NE1   . TRP A 1 86  ? -0.462  -7.811  8.918   1.00 14.88 ? 113  TRP A NE1   1 
ATOM   702  C CE2   . TRP A 1 86  ? 0.395   -7.803  9.987   1.00 14.97 ? 113  TRP A CE2   1 
ATOM   703  C CE3   . TRP A 1 86  ? 2.157   -6.392  10.870  1.00 15.42 ? 113  TRP A CE3   1 
ATOM   704  C CZ2   . TRP A 1 86  ? 0.542   -8.717  11.038  1.00 16.76 ? 113  TRP A CZ2   1 
ATOM   705  C CZ3   . TRP A 1 86  ? 2.300   -7.299  11.916  1.00 15.47 ? 113  TRP A CZ3   1 
ATOM   706  C CH2   . TRP A 1 86  ? 1.497   -8.446  11.990  1.00 15.42 ? 113  TRP A CH2   1 
ATOM   707  N N     . LEU A 1 87  ? 2.335   -1.723  9.770   1.00 15.99 ? 114  LEU A N     1 
ATOM   708  C CA    . LEU A 1 87  ? 3.104   -0.493  9.639   1.00 16.18 ? 114  LEU A CA    1 
ATOM   709  C C     . LEU A 1 87  ? 4.611   -0.733  9.564   1.00 16.61 ? 114  LEU A C     1 
ATOM   710  O O     . LEU A 1 87  ? 5.160   -1.546  10.310  1.00 15.09 ? 114  LEU A O     1 
ATOM   711  C CB    . LEU A 1 87  ? 2.823   0.390   10.856  1.00 16.61 ? 114  LEU A CB    1 
ATOM   712  C CG    . LEU A 1 87  ? 2.758   1.914   10.793  1.00 18.27 ? 114  LEU A CG    1 
ATOM   713  C CD1   . LEU A 1 87  ? 3.194   2.415   12.177  1.00 16.75 ? 114  LEU A CD1   1 
ATOM   714  C CD2   . LEU A 1 87  ? 3.654   2.500   9.717   1.00 17.78 ? 114  LEU A CD2   1 
ATOM   715  N N     . ILE A 1 88  ? 5.264   0.018   8.678   1.00 17.44 ? 115  ILE A N     1 
ATOM   716  C CA    . ILE A 1 88  ? 6.709   -0.024  8.485   1.00 17.06 ? 115  ILE A CA    1 
ATOM   717  C C     . ILE A 1 88  ? 7.159   1.398   8.790   1.00 18.60 ? 115  ILE A C     1 
ATOM   718  O O     . ILE A 1 88  ? 6.652   2.354   8.201   1.00 19.17 ? 115  ILE A O     1 
ATOM   719  C CB    . ILE A 1 88  ? 7.077   -0.349  7.028   1.00 18.03 ? 115  ILE A CB    1 
ATOM   720  C CG1   . ILE A 1 88  ? 6.455   -1.689  6.613   1.00 18.96 ? 115  ILE A CG1   1 
ATOM   721  C CG2   . ILE A 1 88  ? 8.579   -0.345  6.864   1.00 18.25 ? 115  ILE A CG2   1 
ATOM   722  C CD1   . ILE A 1 88  ? 6.906   -2.954  7.392   1.00 20.33 ? 115  ILE A CD1   1 
ATOM   723  N N     . THR A 1 89  ? 8.103   1.529   9.710   1.00 18.94 ? 116  THR A N     1 
ATOM   724  C CA    . THR A 1 89  ? 8.618   2.828   10.146  1.00 18.80 ? 116  THR A CA    1 
ATOM   725  C C     . THR A 1 89  ? 10.000  3.142   9.594   1.00 18.76 ? 116  THR A C     1 
ATOM   726  O O     . THR A 1 89  ? 10.874  2.278   9.568   1.00 17.95 ? 116  THR A O     1 
ATOM   727  C CB    . THR A 1 89  ? 8.650   2.881   11.694  1.00 18.96 ? 116  THR A CB    1 
ATOM   728  O OG1   . THR A 1 89  ? 7.309   3.044   12.179  1.00 22.98 ? 116  THR A OG1   1 
ATOM   729  C CG2   . THR A 1 89  ? 9.520   4.008   12.194  1.00 23.28 ? 116  THR A CG2   1 
ATOM   730  N N     . LEU A 1 90  ? 10.198  4.384   9.162   1.00 18.92 ? 117  LEU A N     1 
ATOM   731  C CA    . LEU A 1 90  ? 11.487  4.786   8.599   1.00 20.05 ? 117  LEU A CA    1 
ATOM   732  C C     . LEU A 1 90  ? 11.897  6.182   9.063   1.00 19.34 ? 117  LEU A C     1 
ATOM   733  O O     . LEU A 1 90  ? 11.089  7.106   9.004   1.00 17.63 ? 117  LEU A O     1 
ATOM   734  C CB    . LEU A 1 90  ? 11.417  4.808   7.067   1.00 21.62 ? 117  LEU A CB    1 
ATOM   735  C CG    . LEU A 1 90  ? 10.980  3.589   6.267   1.00 21.68 ? 117  LEU A CG    1 
ATOM   736  C CD1   . LEU A 1 90  ? 11.181  3.874   4.782   1.00 24.17 ? 117  LEU A CD1   1 
ATOM   737  C CD2   . LEU A 1 90  ? 11.816  2.398   6.659   1.00 23.32 ? 117  LEU A CD2   1 
ATOM   738  N N     . ASN A 1 91  ? 13.136  6.348   9.523   1.00 18.44 ? 118  ASN A N     1 
ATOM   739  C CA    . ASN A 1 91  ? 13.536  7.683   9.920   1.00 18.33 ? 118  ASN A CA    1 
ATOM   740  C C     . ASN A 1 91  ? 13.795  8.464   8.633   1.00 18.37 ? 118  ASN A C     1 
ATOM   741  O O     . ASN A 1 91  ? 13.978  7.870   7.556   1.00 16.92 ? 118  ASN A O     1 
ATOM   742  C CB    . ASN A 1 91  ? 14.777  7.677   10.838  1.00 20.53 ? 118  ASN A CB    1 
ATOM   743  C CG    . ASN A 1 91  ? 15.964  6.944   10.239  1.00 23.13 ? 118  ASN A CG    1 
ATOM   744  O OD1   . ASN A 1 91  ? 16.302  5.834   10.673  1.00 26.57 ? 118  ASN A OD1   1 
ATOM   745  N ND2   . ASN A 1 91  ? 16.606  7.553   9.242   1.00 22.19 ? 118  ASN A ND2   1 
ATOM   746  N N     . LYS A 1 92  ? 13.783  9.788   8.741   1.00 16.92 ? 119  LYS A N     1 
ATOM   747  C CA    . LYS A 1 92  ? 13.983  10.652  7.586   1.00 17.39 ? 119  LYS A CA    1 
ATOM   748  C C     . LYS A 1 92  ? 15.277  10.388  6.815   1.00 16.56 ? 119  LYS A C     1 
ATOM   749  O O     . LYS A 1 92  ? 15.324  10.605  5.608   1.00 15.70 ? 119  LYS A O     1 
ATOM   750  C CB    . LYS A 1 92  ? 13.912  12.128  8.018   1.00 15.85 ? 119  LYS A CB    1 
ATOM   751  N N     . GLN A 1 93  ? 16.317  9.916   7.503   1.00 16.80 ? 120  GLN A N     1 
ATOM   752  C CA    . GLN A 1 93  ? 17.605  9.650   6.856   1.00 15.96 ? 120  GLN A CA    1 
ATOM   753  C C     . GLN A 1 93  ? 17.576  8.492   5.857   1.00 16.22 ? 120  GLN A C     1 
ATOM   754  O O     . GLN A 1 93  ? 18.500  8.325   5.052   1.00 17.09 ? 120  GLN A O     1 
ATOM   755  C CB    . GLN A 1 93  ? 18.689  9.406   7.915   1.00 16.51 ? 120  GLN A CB    1 
ATOM   756  N N     . GLN A 1 94  ? 16.524  7.688   5.903   1.00 13.86 ? 121  GLN A N     1 
ATOM   757  C CA    . GLN A 1 94  ? 16.394  6.576   4.963   1.00 14.91 ? 121  GLN A CA    1 
ATOM   758  C C     . GLN A 1 94  ? 15.619  6.955   3.695   1.00 14.07 ? 121  GLN A C     1 
ATOM   759  O O     . GLN A 1 94  ? 15.494  6.142   2.785   1.00 14.46 ? 121  GLN A O     1 
ATOM   760  C CB    . GLN A 1 94  ? 15.662  5.411   5.631   1.00 14.70 ? 121  GLN A CB    1 
ATOM   761  C CG    . GLN A 1 94  ? 16.422  4.721   6.742   1.00 17.07 ? 121  GLN A CG    1 
ATOM   762  C CD    . GLN A 1 94  ? 15.544  3.732   7.485   1.00 17.09 ? 121  GLN A CD    1 
ATOM   763  O OE1   . GLN A 1 94  ? 14.878  4.084   8.462   1.00 14.72 ? 121  GLN A OE1   1 
ATOM   764  N NE2   . GLN A 1 94  ? 15.513  2.493   6.999   1.00 16.43 ? 121  GLN A NE2   1 
ATOM   765  N N     . ARG A 1 95  ? 15.110  8.180   3.629   1.00 13.78 ? 122  ARG A N     1 
ATOM   766  C CA    . ARG A 1 95  ? 14.287  8.601   2.495   1.00 15.14 ? 122  ARG A CA    1 
ATOM   767  C C     . ARG A 1 95  ? 14.831  8.371   1.073   1.00 15.18 ? 122  ARG A C     1 
ATOM   768  O O     . ARG A 1 95  ? 14.129  7.820   0.219   1.00 15.89 ? 122  ARG A O     1 
ATOM   769  C CB    . ARG A 1 95  ? 13.863  10.074  2.679   1.00 14.09 ? 122  ARG A CB    1 
ATOM   770  C CG    . ARG A 1 95  ? 12.736  10.551  1.745   1.00 14.66 ? 122  ARG A CG    1 
ATOM   771  C CD    . ARG A 1 95  ? 12.207  11.929  2.186   1.00 14.37 ? 122  ARG A CD    1 
ATOM   772  N NE    . ARG A 1 95  ? 11.625  11.884  3.531   1.00 12.55 ? 122  ARG A NE    1 
ATOM   773  C CZ    . ARG A 1 95  ? 11.596  12.922  4.363   1.00 12.64 ? 122  ARG A CZ    1 
ATOM   774  N NH1   . ARG A 1 95  ? 12.113  14.080  3.985   1.00 13.99 ? 122  ARG A NH1   1 
ATOM   775  N NH2   . ARG A 1 95  ? 11.093  12.803  5.584   1.00 11.42 ? 122  ARG A NH2   1 
ATOM   776  N N     . ARG A 1 96  ? 16.074  8.748   0.818   1.00 15.41 ? 123  ARG A N     1 
ATOM   777  C CA    . ARG A 1 96  ? 16.635  8.584   -0.518  1.00 15.80 ? 123  ARG A CA    1 
ATOM   778  C C     . ARG A 1 96  ? 17.221  7.218   -0.823  1.00 14.85 ? 123  ARG A C     1 
ATOM   779  O O     . ARG A 1 96  ? 17.611  6.968   -1.967  1.00 13.43 ? 123  ARG A O     1 
ATOM   780  C CB    . ARG A 1 96  ? 17.701  9.644   -0.771  1.00 16.44 ? 123  ARG A CB    1 
ATOM   781  C CG    . ARG A 1 96  ? 17.180  11.062  -0.765  1.00 19.26 ? 123  ARG A CG    1 
ATOM   782  C CD    . ARG A 1 96  ? 16.401  11.398  -2.009  1.00 19.78 ? 123  ARG A CD    1 
ATOM   783  N NE    . ARG A 1 96  ? 15.962  12.789  -1.980  1.00 19.80 ? 123  ARG A NE    1 
ATOM   784  C CZ    . ARG A 1 96  ? 15.247  13.368  -2.936  1.00 19.79 ? 123  ARG A CZ    1 
ATOM   785  N NH1   . ARG A 1 96  ? 14.892  12.680  -4.004  1.00 20.60 ? 123  ARG A NH1   1 
ATOM   786  N NH2   . ARG A 1 96  ? 14.842  14.619  -2.797  1.00 21.24 ? 123  ARG A NH2   1 
ATOM   787  N N     . SER A 1 97  ? 17.281  6.332   0.171   1.00 12.45 ? 124  SER A N     1 
ATOM   788  C CA    . SER A 1 97  ? 17.856  5.010   -0.066  1.00 11.71 ? 124  SER A CA    1 
ATOM   789  C C     . SER A 1 97  ? 16.932  3.812   0.220   1.00 12.29 ? 124  SER A C     1 
ATOM   790  O O     . SER A 1 97  ? 17.173  2.708   -0.281  1.00 10.10 ? 124  SER A O     1 
ATOM   791  C CB    . SER A 1 97  ? 19.152  4.861   0.745   1.00 11.29 ? 124  SER A CB    1 
ATOM   792  O OG    . SER A 1 97  ? 18.933  5.125   2.126   1.00 9.01  ? 124  SER A OG    1 
ATOM   793  N N     . ASP A 1 98  ? 15.888  4.010   1.025   1.00 12.34 ? 125  ASP A N     1 
ATOM   794  C CA    . ASP A 1 98  ? 14.970  2.903   1.319   1.00 13.42 ? 125  ASP A CA    1 
ATOM   795  C C     . ASP A 1 98  ? 13.491  3.107   0.989   1.00 12.91 ? 125  ASP A C     1 
ATOM   796  O O     . ASP A 1 98  ? 12.836  2.149   0.613   1.00 14.33 ? 125  ASP A O     1 
ATOM   797  C CB    . ASP A 1 98  ? 15.032  2.468   2.803   1.00 14.05 ? 125  ASP A CB    1 
ATOM   798  C CG    . ASP A 1 98  ? 16.397  1.947   3.226   1.00 13.94 ? 125  ASP A CG    1 
ATOM   799  O OD1   . ASP A 1 98  ? 17.049  1.238   2.436   1.00 15.33 ? 125  ASP A OD1   1 
ATOM   800  O OD2   . ASP A 1 98  ? 16.802  2.224   4.377   1.00 15.59 ? 125  ASP A OD2   1 
ATOM   801  N N     . LEU A 1 99  ? 12.964  4.324   1.144   1.00 12.27 ? 126  LEU A N     1 
ATOM   802  C CA    . LEU A 1 99  ? 11.529  4.577   0.929   1.00 11.85 ? 126  LEU A CA    1 
ATOM   803  C C     . LEU A 1 99  ? 10.927  4.108   -0.382  1.00 11.93 ? 126  LEU A C     1 
ATOM   804  O O     . LEU A 1 99  ? 9.938   3.381   -0.374  1.00 11.12 ? 126  LEU A O     1 
ATOM   805  C CB    . LEU A 1 99  ? 11.181  6.065   1.107   1.00 10.68 ? 126  LEU A CB    1 
ATOM   806  C CG    . LEU A 1 99  ? 9.690   6.367   1.292   1.00 9.08  ? 126  LEU A CG    1 
ATOM   807  C CD1   . LEU A 1 99  ? 9.242   5.719   2.594   1.00 9.66  ? 126  LEU A CD1   1 
ATOM   808  C CD2   . LEU A 1 99  ? 9.408   7.874   1.364   1.00 9.20  ? 126  LEU A CD2   1 
ATOM   809  N N     . ASP A 1 100 ? 11.506  4.522   -1.504  1.00 11.23 ? 127  ASP A N     1 
ATOM   810  C CA    . ASP A 1 100 ? 10.970  4.118   -2.798  1.00 12.28 ? 127  ASP A CA    1 
ATOM   811  C C     . ASP A 1 100 ? 10.990  2.608   -2.934  1.00 13.42 ? 127  ASP A C     1 
ATOM   812  O O     . ASP A 1 100 ? 10.027  1.997   -3.426  1.00 13.25 ? 127  ASP A O     1 
ATOM   813  C CB    . ASP A 1 100 ? 11.775  4.748   -3.945  1.00 11.04 ? 127  ASP A CB    1 
ATOM   814  C CG    . ASP A 1 100 ? 11.722  6.259   -3.914  1.00 13.40 ? 127  ASP A CG    1 
ATOM   815  O OD1   . ASP A 1 100 ? 10.595  6.784   -3.735  1.00 13.30 ? 127  ASP A OD1   1 
ATOM   816  O OD2   . ASP A 1 100 ? 12.788  6.914   -4.066  1.00 10.19 ? 127  ASP A OD2   1 
ATOM   817  N N     . ARG A 1 101 ? 12.111  2.037   -2.503  1.00 13.31 ? 128  ARG A N     1 
ATOM   818  C CA    . ARG A 1 101 ? 12.401  0.602   -2.514  1.00 14.20 ? 128  ARG A CA    1 
ATOM   819  C C     . ARG A 1 101 ? 11.259  -0.191  -1.838  1.00 13.03 ? 128  ARG A C     1 
ATOM   820  O O     . ARG A 1 101 ? 10.675  -1.116  -2.405  1.00 13.59 ? 128  ARG A O     1 
ATOM   821  C CB    . ARG A 1 101 ? 13.753  0.411   -1.766  1.00 15.78 ? 128  ARG A CB    1 
ATOM   822  C CG    . ARG A 1 101 ? 14.333  -0.977  -1.689  1.00 16.71 ? 128  ARG A CG    1 
ATOM   823  C CD    . ARG A 1 101 ? 15.854  -0.890  -1.418  1.00 16.11 ? 128  ARG A CD    1 
ATOM   824  N NE    . ARG A 1 101 ? 16.244  -0.677  -0.022  1.00 15.09 ? 128  ARG A NE    1 
ATOM   825  C CZ    . ARG A 1 101 ? 16.116  -1.605  0.923   1.00 16.31 ? 128  ARG A CZ    1 
ATOM   826  N NH1   . ARG A 1 101 ? 15.612  -2.800  0.617   1.00 16.17 ? 128  ARG A NH1   1 
ATOM   827  N NH2   . ARG A 1 101 ? 16.496  -1.356  2.163   1.00 14.60 ? 128  ARG A NH2   1 
ATOM   828  N N     . PHE A 1 102 ? 10.937  0.206   -0.621  1.00 12.49 ? 129  PHE A N     1 
ATOM   829  C CA    . PHE A 1 102 ? 9.900   -0.451  0.150   1.00 12.84 ? 129  PHE A CA    1 
ATOM   830  C C     . PHE A 1 102 ? 8.514   -0.205  -0.436  1.00 11.86 ? 129  PHE A C     1 
ATOM   831  O O     . PHE A 1 102 ? 7.666   -1.105  -0.419  1.00 13.08 ? 129  PHE A O     1 
ATOM   832  C CB    . PHE A 1 102 ? 9.989   0.037   1.601   1.00 12.78 ? 129  PHE A CB    1 
ATOM   833  C CG    . PHE A 1 102 ? 11.191  -0.505  2.351   1.00 15.16 ? 129  PHE A CG    1 
ATOM   834  C CD1   . PHE A 1 102 ? 11.593  0.058   3.557   1.00 15.00 ? 129  PHE A CD1   1 
ATOM   835  C CD2   . PHE A 1 102 ? 11.868  -1.633  1.890   1.00 15.08 ? 129  PHE A CD2   1 
ATOM   836  C CE1   . PHE A 1 102 ? 12.645  -0.498  4.293   1.00 15.42 ? 129  PHE A CE1   1 
ATOM   837  C CE2   . PHE A 1 102 ? 12.922  -2.196  2.622   1.00 14.65 ? 129  PHE A CE2   1 
ATOM   838  C CZ    . PHE A 1 102 ? 13.306  -1.628  3.820   1.00 16.45 ? 129  PHE A CZ    1 
ATOM   839  N N     . TRP A 1 103 ? 8.298   0.997   -0.977  1.00 10.60 ? 130  TRP A N     1 
ATOM   840  C CA    . TRP A 1 103 ? 7.003   1.368   -1.568  1.00 11.09 ? 130  TRP A CA    1 
ATOM   841  C C     . TRP A 1 103 ? 6.703   0.517   -2.795  1.00 11.28 ? 130  TRP A C     1 
ATOM   842  O O     . TRP A 1 103 ? 5.659   -0.116  -2.872  1.00 13.54 ? 130  TRP A O     1 
ATOM   843  C CB    . TRP A 1 103 ? 6.974   2.852   -1.968  1.00 10.14 ? 130  TRP A CB    1 
ATOM   844  C CG    . TRP A 1 103 ? 5.626   3.304   -2.522  1.00 11.39 ? 130  TRP A CG    1 
ATOM   845  C CD1   . TRP A 1 103 ? 5.390   3.958   -3.716  1.00 11.17 ? 130  TRP A CD1   1 
ATOM   846  C CD2   . TRP A 1 103 ? 4.338   3.168   -1.882  1.00 9.21  ? 130  TRP A CD2   1 
ATOM   847  N NE1   . TRP A 1 103 ? 4.033   4.238   -3.847  1.00 10.72 ? 130  TRP A NE1   1 
ATOM   848  C CE2   . TRP A 1 103 ? 3.371   3.768   -2.741  1.00 8.53  ? 130  TRP A CE2   1 
ATOM   849  C CE3   . TRP A 1 103 ? 3.907   2.604   -0.670  1.00 8.19  ? 130  TRP A CE3   1 
ATOM   850  C CZ2   . TRP A 1 103 ? 1.997   3.816   -2.415  1.00 10.65 ? 130  TRP A CZ2   1 
ATOM   851  C CZ3   . TRP A 1 103 ? 2.522   2.657   -0.344  1.00 7.50  ? 130  TRP A CZ3   1 
ATOM   852  C CH2   . TRP A 1 103 ? 1.596   3.259   -1.215  1.00 6.42  ? 130  TRP A CH2   1 
ATOM   853  N N     . LEU A 1 104 ? 7.620   0.491   -3.753  1.00 11.01 ? 131  LEU A N     1 
ATOM   854  C CA    . LEU A 1 104 ? 7.410   -0.318  -4.950  1.00 10.64 ? 131  LEU A CA    1 
ATOM   855  C C     . LEU A 1 104 ? 7.116   -1.796  -4.627  1.00 8.82  ? 131  LEU A C     1 
ATOM   856  O O     . LEU A 1 104 ? 6.235   -2.410  -5.219  1.00 7.94  ? 131  LEU A O     1 
ATOM   857  C CB    . LEU A 1 104 ? 8.637   -0.230  -5.865  1.00 9.41  ? 131  LEU A CB    1 
ATOM   858  C CG    . LEU A 1 104 ? 8.592   -1.053  -7.164  1.00 9.91  ? 131  LEU A CG    1 
ATOM   859  C CD1   . LEU A 1 104 ? 7.328   -0.694  -7.969  1.00 3.19  ? 131  LEU A CD1   1 
ATOM   860  C CD2   . LEU A 1 104 ? 9.874   -0.790  -7.987  1.00 7.22  ? 131  LEU A CD2   1 
ATOM   861  N N     . GLU A 1 105 ? 7.874   -2.361  -3.699  1.00 7.93  ? 132  GLU A N     1 
ATOM   862  C CA    . GLU A 1 105 ? 7.698   -3.757  -3.307  1.00 7.26  ? 132  GLU A CA    1 
ATOM   863  C C     . GLU A 1 105 ? 6.282   -3.942  -2.742  1.00 8.30  ? 132  GLU A C     1 
ATOM   864  O O     . GLU A 1 105 ? 5.598   -4.929  -3.004  1.00 7.01  ? 132  GLU A O     1 
ATOM   865  C CB    . GLU A 1 105 ? 8.734   -4.113  -2.243  1.00 8.14  ? 132  GLU A CB    1 
ATOM   866  C CG    . GLU A 1 105 ? 9.105   -5.568  -2.232  1.00 14.11 ? 132  GLU A CG    1 
ATOM   867  C CD    . GLU A 1 105 ? 9.700   -5.987  -3.574  1.00 15.32 ? 132  GLU A CD    1 
ATOM   868  O OE1   . GLU A 1 105 ? 10.679  -5.362  -4.017  1.00 15.31 ? 132  GLU A OE1   1 
ATOM   869  O OE2   . GLU A 1 105 ? 9.184   -6.936  -4.189  1.00 19.74 ? 132  GLU A OE2   1 
ATOM   870  N N     . THR A 1 106 ? 5.865   -2.982  -1.932  1.00 9.12  ? 133  THR A N     1 
ATOM   871  C CA    . THR A 1 106 ? 4.534   -3.001  -1.352  1.00 9.75  ? 133  THR A CA    1 
ATOM   872  C C     . THR A 1 106 ? 3.519   -2.998  -2.496  1.00 10.26 ? 133  THR A C     1 
ATOM   873  O O     . THR A 1 106 ? 2.617   -3.828  -2.531  1.00 7.97  ? 133  THR A O     1 
ATOM   874  C CB    . THR A 1 106 ? 4.347   -1.769  -0.448  1.00 9.79  ? 133  THR A CB    1 
ATOM   875  O OG1   . THR A 1 106 ? 5.280   -1.850  0.636   1.00 8.87  ? 133  THR A OG1   1 
ATOM   876  C CG2   . THR A 1 106 ? 2.939   -1.694  0.087   1.00 6.53  ? 133  THR A CG2   1 
ATOM   877  N N     . LEU A 1 107 ? 3.695   -2.079  -3.443  1.00 10.19 ? 134  LEU A N     1 
ATOM   878  C CA    . LEU A 1 107 ? 2.789   -1.997  -4.578  1.00 11.93 ? 134  LEU A CA    1 
ATOM   879  C C     . LEU A 1 107 ? 2.741   -3.312  -5.360  1.00 12.57 ? 134  LEU A C     1 
ATOM   880  O O     . LEU A 1 107 ? 1.676   -3.715  -5.814  1.00 14.54 ? 134  LEU A O     1 
ATOM   881  C CB    . LEU A 1 107 ? 3.185   -0.852  -5.525  1.00 11.98 ? 134  LEU A CB    1 
ATOM   882  C CG    . LEU A 1 107 ? 3.168   0.590   -4.979  1.00 13.74 ? 134  LEU A CG    1 
ATOM   883  C CD1   . LEU A 1 107 ? 3.600   1.554   -6.093  1.00 14.44 ? 134  LEU A CD1   1 
ATOM   884  C CD2   . LEU A 1 107 ? 1.773   0.968   -4.487  1.00 14.07 ? 134  LEU A CD2   1 
ATOM   885  N N     . LEU A 1 108 ? 3.877   -3.989  -5.514  1.00 11.73 ? 135  LEU A N     1 
ATOM   886  C CA    . LEU A 1 108 ? 3.893   -5.241  -6.259  1.00 10.50 ? 135  LEU A CA    1 
ATOM   887  C C     . LEU A 1 108 ? 3.140   -6.363  -5.529  1.00 10.94 ? 135  LEU A C     1 
ATOM   888  O O     . LEU A 1 108 ? 2.501   -7.212  -6.171  1.00 10.26 ? 135  LEU A O     1 
ATOM   889  C CB    . LEU A 1 108 ? 5.351   -5.657  -6.579  1.00 10.02 ? 135  LEU A CB    1 
ATOM   890  C CG    . LEU A 1 108 ? 6.119   -4.638  -7.446  1.00 10.50 ? 135  LEU A CG    1 
ATOM   891  C CD1   . LEU A 1 108 ? 7.521   -5.112  -7.767  1.00 7.22  ? 135  LEU A CD1   1 
ATOM   892  C CD2   . LEU A 1 108 ? 5.357   -4.403  -8.738  1.00 10.16 ? 135  LEU A CD2   1 
ATOM   893  N N     . CYS A 1 109 ? 3.205   -6.375  -4.196  1.00 11.13 ? 136  CYS A N     1 
ATOM   894  C CA    . CYS A 1 109 ? 2.486   -7.398  -3.429  1.00 11.69 ? 136  CYS A CA    1 
ATOM   895  C C     . CYS A 1 109 ? 0.987   -7.220  -3.653  1.00 10.83 ? 136  CYS A C     1 
ATOM   896  O O     . CYS A 1 109 ? 0.253   -8.200  -3.795  1.00 9.80  ? 136  CYS A O     1 
ATOM   897  C CB    . CYS A 1 109 ? 2.793   -7.300  -1.922  1.00 11.56 ? 136  CYS A CB    1 
ATOM   898  S SG    . CYS A 1 109 ? 4.479   -7.808  -1.453  1.00 15.44 ? 136  CYS A SG    1 
ATOM   899  N N     . LEU A 1 110 ? 0.542   -5.964  -3.700  1.00 10.56 ? 137  LEU A N     1 
ATOM   900  C CA    . LEU A 1 110 ? -0.871  -5.679  -3.904  1.00 10.05 ? 137  LEU A CA    1 
ATOM   901  C C     . LEU A 1 110 ? -1.412  -6.089  -5.259  1.00 9.68  ? 137  LEU A C     1 
ATOM   902  O O     . LEU A 1 110 ? -2.271  -6.965  -5.339  1.00 11.45 ? 137  LEU A O     1 
ATOM   903  C CB    . LEU A 1 110 ? -1.181  -4.197  -3.699  1.00 10.82 ? 137  LEU A CB    1 
ATOM   904  C CG    . LEU A 1 110 ? -0.795  -3.513  -2.388  1.00 12.35 ? 137  LEU A CG    1 
ATOM   905  C CD1   . LEU A 1 110 ? -1.571  -2.190  -2.289  1.00 8.88  ? 137  LEU A CD1   1 
ATOM   906  C CD2   . LEU A 1 110 ? -1.087  -4.415  -1.192  1.00 10.18 ? 137  LEU A CD2   1 
ATOM   907  N N     . ILE A 1 111 ? -0.902  -5.481  -6.329  1.00 9.12  ? 138  ILE A N     1 
ATOM   908  C CA    . ILE A 1 111 ? -1.418  -5.785  -7.659  1.00 9.04  ? 138  ILE A CA    1 
ATOM   909  C C     . ILE A 1 111 ? -1.189  -7.231  -8.073  1.00 9.02  ? 138  ILE A C     1 
ATOM   910  O O     . ILE A 1 111 ? -1.927  -7.775  -8.892  1.00 9.67  ? 138  ILE A O     1 
ATOM   911  C CB    . ILE A 1 111 ? -0.831  -4.822  -8.738  1.00 9.46  ? 138  ILE A CB    1 
ATOM   912  C CG1   . ILE A 1 111 ? 0.668   -5.057  -8.942  1.00 9.43  ? 138  ILE A CG1   1 
ATOM   913  C CG2   . ILE A 1 111 ? -1.019  -3.386  -8.295  1.00 9.04  ? 138  ILE A CG2   1 
ATOM   914  C CD1   . ILE A 1 111 ? 1.007   -6.167  -9.913  1.00 20.33 ? 138  ILE A CD1   1 
ATOM   915  N N     . GLY A 1 112 ? -0.178  -7.850  -7.478  1.00 9.98  ? 139  GLY A N     1 
ATOM   916  C CA    . GLY A 1 112 ? 0.162   -9.225  -7.788  1.00 9.45  ? 139  GLY A CA    1 
ATOM   917  C C     . GLY A 1 112 ? -0.579  -10.263 -6.970  1.00 10.54 ? 139  GLY A C     1 
ATOM   918  O O     . GLY A 1 112 ? -0.340  -11.454 -7.166  1.00 12.52 ? 139  GLY A O     1 
ATOM   919  N N     . GLU A 1 113 ? -1.457  -9.830  -6.059  1.00 9.89  ? 140  GLU A N     1 
ATOM   920  C CA    . GLU A 1 113 ? -2.246  -10.746 -5.225  1.00 9.20  ? 140  GLU A CA    1 
ATOM   921  C C     . GLU A 1 113 ? -1.313  -11.746 -4.530  1.00 9.53  ? 140  GLU A C     1 
ATOM   922  O O     . GLU A 1 113 ? -1.534  -12.953 -4.588  1.00 10.33 ? 140  GLU A O     1 
ATOM   923  C CB    . GLU A 1 113 ? -3.258  -11.509 -6.105  1.00 9.39  ? 140  GLU A CB    1 
ATOM   924  C CG    . GLU A 1 113 ? -4.242  -10.637 -6.914  1.00 11.27 ? 140  GLU A CG    1 
ATOM   925  C CD    . GLU A 1 113 ? -5.195  -9.796  -6.049  1.00 12.01 ? 140  GLU A CD    1 
ATOM   926  O OE1   . GLU A 1 113 ? -5.834  -10.364 -5.143  1.00 12.44 ? 140  GLU A OE1   1 
ATOM   927  O OE2   . GLU A 1 113 ? -5.325  -8.574  -6.286  1.00 12.99 ? 140  GLU A OE2   1 
ATOM   928  N N     . SER A 1 114 ? -0.282  -11.220 -3.874  1.00 9.35  ? 141  SER A N     1 
ATOM   929  C CA    . SER A 1 114 ? 0.762   -12.006 -3.216  1.00 8.96  ? 141  SER A CA    1 
ATOM   930  C C     . SER A 1 114 ? 0.431   -12.748 -1.923  1.00 11.04 ? 141  SER A C     1 
ATOM   931  O O     . SER A 1 114 ? 1.275   -13.481 -1.413  1.00 9.43  ? 141  SER A O     1 
ATOM   932  C CB    . SER A 1 114 ? 1.986   -11.106 -2.949  1.00 9.11  ? 141  SER A CB    1 
ATOM   933  O OG    . SER A 1 114 ? 2.425   -10.436 -4.126  1.00 8.43  ? 141  SER A OG    1 
ATOM   934  N N     . PHE A 1 115 ? -0.771  -12.568 -1.380  1.00 13.32 ? 142  PHE A N     1 
ATOM   935  C CA    . PHE A 1 115 ? -1.125  -13.252 -0.140  1.00 14.77 ? 142  PHE A CA    1 
ATOM   936  C C     . PHE A 1 115 ? -2.215  -14.307 -0.374  1.00 17.32 ? 142  PHE A C     1 
ATOM   937  O O     . PHE A 1 115 ? -3.086  -14.515 0.472   1.00 19.09 ? 142  PHE A O     1 
ATOM   938  C CB    . PHE A 1 115 ? -1.578  -12.229 0.915   1.00 13.81 ? 142  PHE A CB    1 
ATOM   939  C CG    . PHE A 1 115 ? -0.768  -10.955 0.916   1.00 12.46 ? 142  PHE A CG    1 
ATOM   940  C CD1   . PHE A 1 115 ? -1.234  -9.820  0.264   1.00 13.11 ? 142  PHE A CD1   1 
ATOM   941  C CD2   . PHE A 1 115 ? 0.470   -10.900 1.535   1.00 11.79 ? 142  PHE A CD2   1 
ATOM   942  C CE1   . PHE A 1 115 ? -0.479  -8.650  0.234   1.00 13.71 ? 142  PHE A CE1   1 
ATOM   943  C CE2   . PHE A 1 115 ? 1.234   -9.730  1.509   1.00 12.58 ? 142  PHE A CE2   1 
ATOM   944  C CZ    . PHE A 1 115 ? 0.761   -8.603  0.861   1.00 10.17 ? 142  PHE A CZ    1 
ATOM   945  N N     . ASP A 1 116 ? -2.163  -14.971 -1.526  1.00 20.59 ? 143  ASP A N     1 
ATOM   946  C CA    . ASP A 1 116 ? -3.146  -16.002 -1.870  1.00 21.92 ? 143  ASP A CA    1 
ATOM   947  C C     . ASP A 1 116 ? -4.559  -15.439 -1.704  1.00 23.16 ? 143  ASP A C     1 
ATOM   948  O O     . ASP A 1 116 ? -4.786  -14.252 -1.932  1.00 23.30 ? 143  ASP A O     1 
ATOM   949  C CB    . ASP A 1 116 ? -2.968  -17.231 -0.967  1.00 23.80 ? 143  ASP A CB    1 
ATOM   950  C CG    . ASP A 1 116 ? -1.629  -17.960 -1.191  1.00 25.77 ? 143  ASP A CG    1 
ATOM   951  O OD1   . ASP A 1 116 ? -1.371  -18.935 -0.452  1.00 28.27 ? 143  ASP A OD1   1 
ATOM   952  O OD2   . ASP A 1 116 ? -0.844  -17.579 -2.093  1.00 24.75 ? 143  ASP A OD2   1 
ATOM   953  N N     . ASP A 1 117 ? -5.502  -16.286 -1.306  1.00 22.54 ? 144  ASP A N     1 
ATOM   954  C CA    . ASP A 1 117 ? -6.879  -15.847 -1.119  1.00 24.55 ? 144  ASP A CA    1 
ATOM   955  C C     . ASP A 1 117 ? -6.971  -14.703 -0.102  1.00 23.85 ? 144  ASP A C     1 
ATOM   956  O O     . ASP A 1 117 ? -7.919  -13.905 -0.124  1.00 22.73 ? 144  ASP A O     1 
ATOM   957  C CB    . ASP A 1 117 ? -7.751  -17.038 -0.690  1.00 26.66 ? 144  ASP A CB    1 
ATOM   958  C CG    . ASP A 1 117 ? -7.804  -18.133 -1.759  1.00 30.23 ? 144  ASP A CG    1 
ATOM   959  O OD1   . ASP A 1 117 ? -6.768  -18.366 -2.417  1.00 33.40 ? 144  ASP A OD1   1 
ATOM   960  O OD2   . ASP A 1 117 ? -8.857  -18.776 -1.933  1.00 31.50 ? 144  ASP A OD2   1 
ATOM   961  N N     . TYR A 1 118 ? -5.981  -14.616 0.779   1.00 22.78 ? 145  TYR A N     1 
ATOM   962  C CA    . TYR A 1 118 ? -5.960  -13.548 1.771   1.00 22.00 ? 145  TYR A CA    1 
ATOM   963  C C     . TYR A 1 118 ? -5.775  -12.150 1.148   1.00 21.22 ? 145  TYR A C     1 
ATOM   964  O O     . TYR A 1 118 ? -5.936  -11.142 1.835   1.00 20.62 ? 145  TYR A O     1 
ATOM   965  C CB    . TYR A 1 118 ? -4.890  -13.834 2.827   1.00 23.89 ? 145  TYR A CB    1 
ATOM   966  C CG    . TYR A 1 118 ? -5.220  -15.050 3.681   1.00 25.87 ? 145  TYR A CG    1 
ATOM   967  C CD1   . TYR A 1 118 ? -4.211  -15.871 4.178   1.00 26.97 ? 145  TYR A CD1   1 
ATOM   968  C CD2   . TYR A 1 118 ? -6.549  -15.405 3.951   1.00 26.67 ? 145  TYR A CD2   1 
ATOM   969  C CE1   . TYR A 1 118 ? -4.514  -17.027 4.914   1.00 29.14 ? 145  TYR A CE1   1 
ATOM   970  C CE2   . TYR A 1 118 ? -6.863  -16.553 4.684   1.00 26.78 ? 145  TYR A CE2   1 
ATOM   971  C CZ    . TYR A 1 118 ? -5.845  -17.361 5.156   1.00 28.34 ? 145  TYR A CZ    1 
ATOM   972  O OH    . TYR A 1 118 ? -6.147  -18.522 5.831   1.00 29.61 ? 145  TYR A OH    1 
ATOM   973  N N     . SER A 1 119 ? -5.447  -12.080 -0.139  1.00 18.46 ? 146  SER A N     1 
ATOM   974  C CA    . SER A 1 119 ? -5.323  -10.772 -0.774  1.00 18.57 ? 146  SER A CA    1 
ATOM   975  C C     . SER A 1 119 ? -6.708  -10.093 -0.823  1.00 19.26 ? 146  SER A C     1 
ATOM   976  O O     . SER A 1 119 ? -6.802  -8.876  -0.987  1.00 19.54 ? 146  SER A O     1 
ATOM   977  C CB    . SER A 1 119 ? -4.759  -10.883 -2.195  1.00 16.34 ? 146  SER A CB    1 
ATOM   978  O OG    . SER A 1 119 ? -3.384  -11.202 -2.184  1.00 14.09 ? 146  SER A OG    1 
ATOM   979  N N     . ASP A 1 120 ? -7.779  -10.870 -0.683  1.00 18.46 ? 147  ASP A N     1 
ATOM   980  C CA    . ASP A 1 120 ? -9.097  -10.257 -0.702  1.00 19.67 ? 147  ASP A CA    1 
ATOM   981  C C     . ASP A 1 120 ? -9.266  -9.300  0.479   1.00 19.63 ? 147  ASP A C     1 
ATOM   982  O O     . ASP A 1 120 ? -9.999  -8.318  0.379   1.00 20.52 ? 147  ASP A O     1 
ATOM   983  C CB    . ASP A 1 120 ? -10.221 -11.301 -0.676  1.00 20.89 ? 147  ASP A CB    1 
ATOM   984  C CG    . ASP A 1 120 ? -10.356 -12.054 -1.989  1.00 22.84 ? 147  ASP A CG    1 
ATOM   985  O OD1   . ASP A 1 120 ? -10.074 -11.462 -3.061  1.00 21.22 ? 147  ASP A OD1   1 
ATOM   986  O OD2   . ASP A 1 120 ? -10.778 -13.230 -1.952  1.00 25.56 ? 147  ASP A OD2   1 
ATOM   987  N N     . ASP A 1 121 ? -8.578  -9.584  1.580   1.00 18.02 ? 148  ASP A N     1 
ATOM   988  C CA    . ASP A 1 121 ? -8.649  -8.751  2.772   1.00 18.46 ? 148  ASP A CA    1 
ATOM   989  C C     . ASP A 1 121 ? -7.896  -7.443  2.615   1.00 18.19 ? 148  ASP A C     1 
ATOM   990  O O     . ASP A 1 121 ? -8.184  -6.467  3.312   1.00 18.62 ? 148  ASP A O     1 
ATOM   991  C CB    . ASP A 1 121 ? -8.112  -9.512  3.992   1.00 20.37 ? 148  ASP A CB    1 
ATOM   992  C CG    . ASP A 1 121 ? -9.189  -10.310 4.709   1.00 18.27 ? 148  ASP A CG    1 
ATOM   993  O OD1   . ASP A 1 121 ? -9.893  -11.102 4.061   1.00 21.93 ? 148  ASP A OD1   1 
ATOM   994  O OD2   . ASP A 1 121 ? -9.326  -10.144 5.932   1.00 20.57 ? 148  ASP A OD2   1 
ATOM   995  N N     . VAL A 1 122 ? -6.918  -7.431  1.712   1.00 16.67 ? 149  VAL A N     1 
ATOM   996  C CA    . VAL A 1 122 ? -6.144  -6.223  1.456   1.00 15.05 ? 149  VAL A CA    1 
ATOM   997  C C     . VAL A 1 122 ? -7.089  -5.165  0.869   1.00 16.05 ? 149  VAL A C     1 
ATOM   998  O O     . VAL A 1 122 ? -7.936  -5.484  0.042   1.00 16.17 ? 149  VAL A O     1 
ATOM   999  C CB    . VAL A 1 122 ? -4.983  -6.516  0.462   1.00 14.19 ? 149  VAL A CB    1 
ATOM   1000 C CG1   . VAL A 1 122 ? -4.351  -5.216  -0.043  1.00 9.68  ? 149  VAL A CG1   1 
ATOM   1001 C CG2   . VAL A 1 122 ? -3.919  -7.376  1.157   1.00 12.11 ? 149  VAL A CG2   1 
ATOM   1002 N N     . CYS A 1 123 ? -6.952  -3.920  1.326   1.00 14.53 ? 150  CYS A N     1 
ATOM   1003 C CA    . CYS A 1 123 ? -7.775  -2.822  0.841   1.00 14.15 ? 150  CYS A CA    1 
ATOM   1004 C C     . CYS A 1 123 ? -6.891  -1.890  0.026   1.00 14.83 ? 150  CYS A C     1 
ATOM   1005 O O     . CYS A 1 123 ? -7.290  -1.423  -1.036  1.00 17.51 ? 150  CYS A O     1 
ATOM   1006 C CB    . CYS A 1 123 ? -8.414  -2.054  2.013   1.00 15.01 ? 150  CYS A CB    1 
ATOM   1007 S SG    . CYS A 1 123 ? -9.620  -3.012  3.014   1.00 15.05 ? 150  CYS A SG    1 
ATOM   1008 N N     . GLY A 1 124 ? -5.688  -1.631  0.529   1.00 13.31 ? 151  GLY A N     1 
ATOM   1009 C CA    . GLY A 1 124 ? -4.751  -0.766  -0.160  1.00 12.03 ? 151  GLY A CA    1 
ATOM   1010 C C     . GLY A 1 124 ? -3.511  -0.508  0.682   1.00 11.87 ? 151  GLY A C     1 
ATOM   1011 O O     . GLY A 1 124 ? -3.307  -1.148  1.721   1.00 11.44 ? 151  GLY A O     1 
ATOM   1012 N N     . ALA A 1 125 ? -2.686  0.433   0.239   1.00 11.57 ? 152  ALA A N     1 
ATOM   1013 C CA    . ALA A 1 125 ? -1.458  0.780   0.957   1.00 11.42 ? 152  ALA A CA    1 
ATOM   1014 C C     . ALA A 1 125 ? -1.250  2.279   0.922   1.00 10.12 ? 152  ALA A C     1 
ATOM   1015 O O     . ALA A 1 125 ? -1.706  2.965   -0.005  1.00 9.02  ? 152  ALA A O     1 
ATOM   1016 C CB    . ALA A 1 125 ? -0.248  0.063   0.338   1.00 13.06 ? 152  ALA A CB    1 
ATOM   1017 N N     . VAL A 1 126 ? -0.543  2.769   1.933   1.00 9.61  ? 153  VAL A N     1 
ATOM   1018 C CA    . VAL A 1 126 ? -0.272  4.188   2.108   1.00 8.95  ? 153  VAL A CA    1 
ATOM   1019 C C     . VAL A 1 126 ? 1.176   4.452   2.511   1.00 10.26 ? 153  VAL A C     1 
ATOM   1020 O O     . VAL A 1 126 ? 1.732   3.732   3.337   1.00 10.85 ? 153  VAL A O     1 
ATOM   1021 C CB    . VAL A 1 126 ? -1.163  4.800   3.265   1.00 9.50  ? 153  VAL A CB    1 
ATOM   1022 C CG1   . VAL A 1 126 ? -0.978  6.313   3.322   1.00 6.03  ? 153  VAL A CG1   1 
ATOM   1023 C CG2   . VAL A 1 126 ? -2.617  4.430   3.080   1.00 7.95  ? 153  VAL A CG2   1 
ATOM   1024 N N     . VAL A 1 127 ? 1.781   5.486   1.924   1.00 10.50 ? 154  VAL A N     1 
ATOM   1025 C CA    . VAL A 1 127 ? 3.129   5.896   2.294   1.00 10.14 ? 154  VAL A CA    1 
ATOM   1026 C C     . VAL A 1 127 ? 2.995   7.357   2.749   1.00 11.83 ? 154  VAL A C     1 
ATOM   1027 O O     . VAL A 1 127 ? 2.371   8.177   2.068   1.00 12.55 ? 154  VAL A O     1 
ATOM   1028 C CB    . VAL A 1 127 ? 4.166   5.792   1.122   1.00 9.42  ? 154  VAL A CB    1 
ATOM   1029 C CG1   . VAL A 1 127 ? 3.648   6.487   -0.152  1.00 8.08  ? 154  VAL A CG1   1 
ATOM   1030 C CG2   . VAL A 1 127 ? 5.485   6.460   1.557   1.00 7.56  ? 154  VAL A CG2   1 
ATOM   1031 N N     . ASN A 1 128 ? 3.547   7.667   3.915   1.00 11.45 ? 155  ASN A N     1 
ATOM   1032 C CA    . ASN A 1 128 ? 3.485   9.019   4.461   1.00 12.35 ? 155  ASN A CA    1 
ATOM   1033 C C     . ASN A 1 128 ? 4.869   9.614   4.606   1.00 12.39 ? 155  ASN A C     1 
ATOM   1034 O O     . ASN A 1 128 ? 5.743   9.009   5.226   1.00 14.27 ? 155  ASN A O     1 
ATOM   1035 C CB    . ASN A 1 128 ? 2.862   9.038   5.875   1.00 12.59 ? 155  ASN A CB    1 
ATOM   1036 C CG    . ASN A 1 128 ? 1.530   8.327   5.959   1.00 13.05 ? 155  ASN A CG    1 
ATOM   1037 O OD1   . ASN A 1 128 ? 1.416   7.301   6.631   1.00 14.57 ? 155  ASN A OD1   1 
ATOM   1038 N ND2   . ASN A 1 128 ? 0.515   8.865   5.287   1.00 10.48 ? 155  ASN A ND2   1 
ATOM   1039 N N     . VAL A 1 129 ? 5.072   10.800  4.051   1.00 12.81 ? 156  VAL A N     1 
ATOM   1040 C CA    . VAL A 1 129 ? 6.347   11.488  4.214   1.00 13.46 ? 156  VAL A CA    1 
ATOM   1041 C C     . VAL A 1 129 ? 6.113   12.617  5.214   1.00 15.72 ? 156  VAL A C     1 
ATOM   1042 O O     . VAL A 1 129 ? 5.271   13.503  4.994   1.00 15.45 ? 156  VAL A O     1 
ATOM   1043 C CB    . VAL A 1 129 ? 6.872   12.065  2.891   1.00 12.33 ? 156  VAL A CB    1 
ATOM   1044 C CG1   . VAL A 1 129 ? 8.145   12.893  3.146   1.00 11.87 ? 156  VAL A CG1   1 
ATOM   1045 C CG2   . VAL A 1 129 ? 7.169   10.911  1.933   1.00 12.51 ? 156  VAL A CG2   1 
ATOM   1046 N N     . ARG A 1 130 ? 6.853   12.565  6.320   1.00 15.57 ? 157  ARG A N     1 
ATOM   1047 C CA    . ARG A 1 130 ? 6.732   13.546  7.381   1.00 18.53 ? 157  ARG A CA    1 
ATOM   1048 C C     . ARG A 1 130 ? 8.122   13.986  7.840   1.00 19.83 ? 157  ARG A C     1 
ATOM   1049 O O     . ARG A 1 130 ? 9.065   13.193  7.851   1.00 19.74 ? 157  ARG A O     1 
ATOM   1050 C CB    . ARG A 1 130 ? 5.962   12.942  8.566   1.00 18.01 ? 157  ARG A CB    1 
ATOM   1051 C CG    . ARG A 1 130 ? 4.528   12.500  8.264   1.00 19.02 ? 157  ARG A CG    1 
ATOM   1052 C CD    . ARG A 1 130 ? 3.666   13.691  7.872   1.00 18.80 ? 157  ARG A CD    1 
ATOM   1053 N NE    . ARG A 1 130 ? 2.260   13.342  7.648   1.00 17.17 ? 157  ARG A NE    1 
ATOM   1054 C CZ    . ARG A 1 130 ? 1.768   12.790  6.542   1.00 18.28 ? 157  ARG A CZ    1 
ATOM   1055 N NH1   . ARG A 1 130 ? 2.556   12.508  5.511   1.00 17.03 ? 157  ARG A NH1   1 
ATOM   1056 N NH2   . ARG A 1 130 ? 0.472   12.506  6.477   1.00 16.50 ? 157  ARG A NH2   1 
ATOM   1057 N N     . ALA A 1 131 ? 8.248   15.252  8.218   1.00 20.65 ? 158  ALA A N     1 
ATOM   1058 C CA    . ALA A 1 131 ? 9.533   15.765  8.679   1.00 22.66 ? 158  ALA A CA    1 
ATOM   1059 C C     . ALA A 1 131 ? 10.077  14.929  9.841   1.00 23.66 ? 158  ALA A C     1 
ATOM   1060 O O     . ALA A 1 131 ? 11.287  14.838  10.032  1.00 25.83 ? 158  ALA A O     1 
ATOM   1061 C CB    . ALA A 1 131 ? 9.394   17.232  9.107   1.00 20.76 ? 158  ALA A CB    1 
ATOM   1062 N N     . LYS A 1 132 ? 9.187   14.304  10.602  1.00 24.01 ? 159  LYS A N     1 
ATOM   1063 C CA    . LYS A 1 132 ? 9.597   13.493  11.751  1.00 25.94 ? 159  LYS A CA    1 
ATOM   1064 C C     . LYS A 1 132 ? 9.950   12.039  11.431  1.00 26.51 ? 159  LYS A C     1 
ATOM   1065 O O     . LYS A 1 132 ? 10.514  11.334  12.267  1.00 26.19 ? 159  LYS A O     1 
ATOM   1066 C CB    . LYS A 1 132 ? 8.489   13.500  12.806  1.00 26.29 ? 159  LYS A CB    1 
ATOM   1067 C CG    . LYS A 1 132 ? 7.159   12.971  12.289  1.00 27.27 ? 159  LYS A CG    1 
ATOM   1068 C CD    . LYS A 1 132 ? 6.123   12.887  13.396  1.00 28.47 ? 159  LYS A CD    1 
ATOM   1069 C CE    . LYS A 1 132 ? 4.777   12.365  12.868  1.00 28.93 ? 159  LYS A CE    1 
ATOM   1070 N NZ    . LYS A 1 132 ? 4.138   13.316  11.925  1.00 26.89 ? 159  LYS A NZ    1 
ATOM   1071 N N     . GLY A 1 133 ? 9.613   11.592  10.226  1.00 26.63 ? 160  GLY A N     1 
ATOM   1072 C CA    . GLY A 1 133 ? 9.884   10.214  9.847   1.00 25.82 ? 160  GLY A CA    1 
ATOM   1073 C C     . GLY A 1 133 ? 8.837   9.811   8.832   1.00 24.85 ? 160  GLY A C     1 
ATOM   1074 O O     . GLY A 1 133 ? 7.819   10.486  8.726   1.00 25.13 ? 160  GLY A O     1 
ATOM   1075 N N     . ASP A 1 134 ? 9.071   8.735   8.086   1.00 22.43 ? 161  ASP A N     1 
ATOM   1076 C CA    . ASP A 1 134 ? 8.115   8.315   7.076   1.00 20.11 ? 161  ASP A CA    1 
ATOM   1077 C C     . ASP A 1 134 ? 7.440   7.009   7.442   1.00 19.52 ? 161  ASP A C     1 
ATOM   1078 O O     . ASP A 1 134 ? 7.935   6.252   8.272   1.00 18.86 ? 161  ASP A O     1 
ATOM   1079 C CB    . ASP A 1 134 ? 8.799   8.164   5.715   1.00 19.45 ? 161  ASP A CB    1 
ATOM   1080 C CG    . ASP A 1 134 ? 9.497   9.430   5.266   1.00 19.21 ? 161  ASP A CG    1 
ATOM   1081 O OD1   . ASP A 1 134 ? 8.938   10.534  5.463   1.00 19.60 ? 161  ASP A OD1   1 
ATOM   1082 O OD2   . ASP A 1 134 ? 10.601  9.325   4.689   1.00 19.96 ? 161  ASP A OD2   1 
ATOM   1083 N N     . LYS A 1 135 ? 6.309   6.739   6.807   1.00 18.35 ? 162  LYS A N     1 
ATOM   1084 C CA    . LYS A 1 135 ? 5.576   5.517   7.090   1.00 16.97 ? 162  LYS A CA    1 
ATOM   1085 C C     . LYS A 1 135 ? 5.009   4.849   5.850   1.00 16.39 ? 162  LYS A C     1 
ATOM   1086 O O     . LYS A 1 135 ? 4.638   5.515   4.880   1.00 14.81 ? 162  LYS A O     1 
ATOM   1087 C CB    . LYS A 1 135 ? 4.434   5.798   8.071   1.00 17.67 ? 162  LYS A CB    1 
ATOM   1088 C CG    . LYS A 1 135 ? 4.862   6.031   9.510   1.00 19.89 ? 162  LYS A CG    1 
ATOM   1089 C CD    . LYS A 1 135 ? 3.673   6.453   10.396  1.00 21.52 ? 162  LYS A CD    1 
ATOM   1090 C CE    . LYS A 1 135 ? 3.124   7.807   9.956   1.00 23.17 ? 162  LYS A CE    1 
ATOM   1091 N NZ    . LYS A 1 135 ? 2.046   8.336   10.844  1.00 22.72 ? 162  LYS A NZ    1 
ATOM   1092 N N     . ILE A 1 136 ? 4.970   3.519   5.892   1.00 15.04 ? 163  ILE A N     1 
ATOM   1093 C CA    . ILE A 1 136 ? 4.411   2.718   4.814   1.00 15.51 ? 163  ILE A CA    1 
ATOM   1094 C C     . ILE A 1 136 ? 3.594   1.631   5.484   1.00 14.61 ? 163  ILE A C     1 
ATOM   1095 O O     . ILE A 1 136 ? 4.075   0.956   6.397   1.00 14.39 ? 163  ILE A O     1 
ATOM   1096 C CB    . ILE A 1 136 ? 5.511   2.052   3.937   1.00 15.81 ? 163  ILE A CB    1 
ATOM   1097 C CG1   . ILE A 1 136 ? 6.294   3.123   3.167   1.00 14.29 ? 163  ILE A CG1   1 
ATOM   1098 C CG2   . ILE A 1 136 ? 4.878   1.039   2.999   1.00 15.55 ? 163  ILE A CG2   1 
ATOM   1099 C CD1   . ILE A 1 136 ? 7.598   2.639   2.538   1.00 20.33 ? 163  ILE A CD1   1 
ATOM   1100 N N     . ALA A 1 137 ? 2.358   1.461   5.038   1.00 13.76 ? 164  ALA A N     1 
ATOM   1101 C CA    . ALA A 1 137 ? 1.494   0.445   5.621   1.00 13.23 ? 164  ALA A CA    1 
ATOM   1102 C C     . ALA A 1 137 ? 0.527   -0.188  4.631   1.00 13.48 ? 164  ALA A C     1 
ATOM   1103 O O     . ALA A 1 137 ? 0.186   0.398   3.597   1.00 11.99 ? 164  ALA A O     1 
ATOM   1104 C CB    . ALA A 1 137 ? 0.716   1.039   6.777   1.00 11.65 ? 164  ALA A CB    1 
ATOM   1105 N N     . ILE A 1 138 ? 0.107   -1.408  4.956   1.00 14.36 ? 165  ILE A N     1 
ATOM   1106 C CA    . ILE A 1 138 ? -0.869  -2.123  4.157   1.00 14.09 ? 165  ILE A CA    1 
ATOM   1107 C C     . ILE A 1 138 ? -2.136  -2.246  5.010   1.00 15.67 ? 165  ILE A C     1 
ATOM   1108 O O     . ILE A 1 138 ? -2.118  -2.791  6.126   1.00 15.38 ? 165  ILE A O     1 
ATOM   1109 C CB    . ILE A 1 138 ? -0.389  -3.535  3.743   1.00 13.87 ? 165  ILE A CB    1 
ATOM   1110 C CG1   . ILE A 1 138 ? 0.766   -3.427  2.744   1.00 13.84 ? 165  ILE A CG1   1 
ATOM   1111 C CG2   . ILE A 1 138 ? -1.562  -4.328  3.165   1.00 11.96 ? 165  ILE A CG2   1 
ATOM   1112 C CD1   . ILE A 1 138 ? 1.505   -4.734  2.471   1.00 20.33 ? 165  ILE A CD1   1 
ATOM   1113 N N     . TRP A 1 139 ? -3.227  -1.734  4.466   1.00 14.97 ? 166  TRP A N     1 
ATOM   1114 C CA    . TRP A 1 139 ? -4.527  -1.745  5.118   1.00 15.67 ? 166  TRP A CA    1 
ATOM   1115 C C     . TRP A 1 139 ? -5.322  -3.013  4.788   1.00 16.31 ? 166  TRP A C     1 
ATOM   1116 O O     . TRP A 1 139 ? -5.455  -3.365  3.618   1.00 18.77 ? 166  TRP A O     1 
ATOM   1117 C CB    . TRP A 1 139 ? -5.319  -0.519  4.654   1.00 13.73 ? 166  TRP A CB    1 
ATOM   1118 C CG    . TRP A 1 139 ? -4.840  0.790   5.202   1.00 12.25 ? 166  TRP A CG    1 
ATOM   1119 C CD1   . TRP A 1 139 ? -3.557  1.149   5.460   1.00 12.20 ? 166  TRP A CD1   1 
ATOM   1120 C CD2   . TRP A 1 139 ? -5.642  1.952   5.472   1.00 13.78 ? 166  TRP A CD2   1 
ATOM   1121 N NE1   . TRP A 1 139 ? -3.497  2.456   5.873   1.00 11.92 ? 166  TRP A NE1   1 
ATOM   1122 C CE2   . TRP A 1 139 ? -4.764  2.976   5.888   1.00 13.10 ? 166  TRP A CE2   1 
ATOM   1123 C CE3   . TRP A 1 139 ? -7.020  2.226   5.401   1.00 13.07 ? 166  TRP A CE3   1 
ATOM   1124 C CZ2   . TRP A 1 139 ? -5.216  4.264   6.234   1.00 13.65 ? 166  TRP A CZ2   1 
ATOM   1125 C CZ3   . TRP A 1 139 ? -7.472  3.509   5.740   1.00 11.74 ? 166  TRP A CZ3   1 
ATOM   1126 C CH2   . TRP A 1 139 ? -6.568  4.511   6.151   1.00 12.20 ? 166  TRP A CH2   1 
ATOM   1127 N N     . THR A 1 140 ? -5.841  -3.694  5.813   1.00 16.46 ? 167  THR A N     1 
ATOM   1128 C CA    . THR A 1 140 ? -6.655  -4.891  5.617   1.00 16.73 ? 167  THR A CA    1 
ATOM   1129 C C     . THR A 1 140 ? -8.059  -4.562  6.151   1.00 18.42 ? 167  THR A C     1 
ATOM   1130 O O     . THR A 1 140 ? -8.220  -3.700  7.031   1.00 18.52 ? 167  THR A O     1 
ATOM   1131 C CB    . THR A 1 140 ? -6.077  -6.147  6.329   1.00 15.96 ? 167  THR A CB    1 
ATOM   1132 O OG1   . THR A 1 140 ? -6.117  -5.978  7.749   1.00 18.61 ? 167  THR A OG1   1 
ATOM   1133 C CG2   . THR A 1 140 ? -4.649  -6.385  5.898   1.00 14.16 ? 167  THR A CG2   1 
ATOM   1134 N N     . THR A 1 141 ? -9.064  -5.247  5.615   1.00 18.91 ? 168  THR A N     1 
ATOM   1135 C CA    . THR A 1 141 ? -10.451 -4.972  5.955   1.00 20.81 ? 168  THR A CA    1 
ATOM   1136 C C     . THR A 1 141 ? -10.974 -5.311  7.360   1.00 22.15 ? 168  THR A C     1 
ATOM   1137 O O     . THR A 1 141 ? -11.814 -4.583  7.890   1.00 22.13 ? 168  THR A O     1 
ATOM   1138 C CB    . THR A 1 141 ? -11.387 -5.602  4.877   1.00 21.19 ? 168  THR A CB    1 
ATOM   1139 O OG1   . THR A 1 141 ? -12.678 -4.992  4.959   1.00 22.61 ? 168  THR A OG1   1 
ATOM   1140 C CG2   . THR A 1 141 ? -11.527 -7.112  5.073   1.00 18.98 ? 168  THR A CG2   1 
ATOM   1141 N N     . GLU A 1 142 ? -10.469 -6.387  7.966   1.00 24.31 ? 169  GLU A N     1 
ATOM   1142 C CA    . GLU A 1 142 ? -10.906 -6.826  9.302   1.00 25.24 ? 169  GLU A CA    1 
ATOM   1143 C C     . GLU A 1 142 ? -9.740  -7.111  10.237  1.00 26.52 ? 169  GLU A C     1 
ATOM   1144 O O     . GLU A 1 142 ? -8.992  -8.065  10.008  1.00 26.42 ? 169  GLU A O     1 
ATOM   1145 C CB    . GLU A 1 142 ? -11.719 -8.122  9.211   1.00 26.09 ? 169  GLU A CB    1 
ATOM   1146 C CG    . GLU A 1 142 ? -13.154 -8.008  8.761   1.00 28.88 ? 169  GLU A CG    1 
ATOM   1147 C CD    . GLU A 1 142 ? -13.996 -7.175  9.709   1.00 30.24 ? 169  GLU A CD    1 
ATOM   1148 O OE1   . GLU A 1 142 ? -13.815 -7.319  10.943  1.00 30.99 ? 169  GLU A OE1   1 
ATOM   1149 O OE2   . GLU A 1 142 ? -14.848 -6.399  9.217   1.00 28.58 ? 169  GLU A OE2   1 
ATOM   1150 N N     . CYS A 1 143 ? -9.582  -6.324  11.300  1.00 28.26 ? 170  CYS A N     1 
ATOM   1151 C CA    . CYS A 1 143 ? -8.488  -6.604  12.220  1.00 30.88 ? 170  CYS A CA    1 
ATOM   1152 C C     . CYS A 1 143 ? -8.869  -7.827  13.064  1.00 30.57 ? 170  CYS A C     1 
ATOM   1153 O O     . CYS A 1 143 ? -8.098  -8.272  13.914  1.00 30.62 ? 170  CYS A O     1 
ATOM   1154 C CB    . CYS A 1 143 ? -8.160  -5.382  13.109  1.00 31.81 ? 170  CYS A CB    1 
ATOM   1155 S SG    . CYS A 1 143 ? -9.431  -4.813  14.259  1.00 38.47 ? 170  CYS A SG    1 
ATOM   1156 N N     . GLU A 1 144 ? -10.047 -8.385  12.777  1.00 30.79 ? 171  GLU A N     1 
ATOM   1157 C CA    . GLU A 1 144 ? -10.571 -9.557  13.478  1.00 30.64 ? 171  GLU A CA    1 
ATOM   1158 C C     . GLU A 1 144 ? -10.223 -10.853 12.734  1.00 29.72 ? 171  GLU A C     1 
ATOM   1159 O O     . GLU A 1 144 ? -10.354 -11.945 13.284  1.00 29.27 ? 171  GLU A O     1 
ATOM   1160 C CB    . GLU A 1 144 ? -12.098 -9.451  13.600  1.00 34.10 ? 171  GLU A CB    1 
ATOM   1161 C CG    . GLU A 1 144 ? -12.705 -10.042 14.866  1.00 36.36 ? 171  GLU A CG    1 
ATOM   1162 C CD    . GLU A 1 144 ? -12.454 -9.175  16.090  1.00 38.80 ? 171  GLU A CD    1 
ATOM   1163 O OE1   . GLU A 1 144 ? -11.279 -8.986  16.471  1.00 40.39 ? 171  GLU A OE1   1 
ATOM   1164 O OE2   . GLU A 1 144 ? -13.438 -8.670  16.671  1.00 40.39 ? 171  GLU A OE2   1 
ATOM   1165 N N     . ASN A 1 145 ? -9.810  -10.737 11.475  1.00 29.20 ? 172  ASN A N     1 
ATOM   1166 C CA    . ASN A 1 145 ? -9.429  -11.906 10.682  1.00 27.87 ? 172  ASN A CA    1 
ATOM   1167 C C     . ASN A 1 145 ? -7.974  -12.282 11.020  1.00 27.14 ? 172  ASN A C     1 
ATOM   1168 O O     . ASN A 1 145 ? -7.054  -11.918 10.291  1.00 26.10 ? 172  ASN A O     1 
ATOM   1169 C CB    . ASN A 1 145 ? -9.536  -11.613 9.174   1.00 29.22 ? 172  ASN A CB    1 
ATOM   1170 C CG    . ASN A 1 145 ? -10.980 -11.445 8.690   1.00 31.92 ? 172  ASN A CG    1 
ATOM   1171 O OD1   . ASN A 1 145 ? -11.886 -12.172 9.112   1.00 33.07 ? 172  ASN A OD1   1 
ATOM   1172 N ND2   . ASN A 1 145 ? -11.187 -10.511 7.763   1.00 32.44 ? 172  ASN A ND2   1 
ATOM   1173 N N     . ARG A 1 146 ? -7.777  -13.024 12.110  1.00 26.82 ? 173  ARG A N     1 
ATOM   1174 C CA    . ARG A 1 146 ? -6.437  -13.405 12.560  1.00 27.52 ? 173  ARG A CA    1 
ATOM   1175 C C     . ARG A 1 146 ? -5.585  -14.127 11.522  1.00 27.12 ? 173  ARG A C     1 
ATOM   1176 O O     . ARG A 1 146 ? -4.452  -13.733 11.268  1.00 27.62 ? 173  ARG A O     1 
ATOM   1177 C CB    . ARG A 1 146 ? -6.500  -14.271 13.828  1.00 29.48 ? 173  ARG A CB    1 
ATOM   1178 C CG    . ARG A 1 146 ? -5.103  -14.543 14.392  1.00 33.23 ? 173  ARG A CG    1 
ATOM   1179 C CD    . ARG A 1 146 ? -5.039  -15.613 15.476  1.00 34.75 ? 173  ARG A CD    1 
ATOM   1180 N NE    . ARG A 1 146 ? -3.640  -15.928 15.807  1.00 37.91 ? 173  ARG A NE    1 
ATOM   1181 C CZ    . ARG A 1 146 ? -2.800  -15.092 16.420  1.00 38.53 ? 173  ARG A CZ    1 
ATOM   1182 N NH1   . ARG A 1 146 ? -3.208  -13.883 16.781  1.00 39.36 ? 173  ARG A NH1   1 
ATOM   1183 N NH2   . ARG A 1 146 ? -1.543  -15.457 16.664  1.00 38.38 ? 173  ARG A NH2   1 
ATOM   1184 N N     . ASP A 1 147 ? -6.123  -15.189 10.935  1.00 26.55 ? 174  ASP A N     1 
ATOM   1185 C CA    . ASP A 1 147 ? -5.404  -15.964 9.927   1.00 26.63 ? 174  ASP A CA    1 
ATOM   1186 C C     . ASP A 1 147 ? -4.990  -15.144 8.693   1.00 25.95 ? 174  ASP A C     1 
ATOM   1187 O O     . ASP A 1 147 ? -3.882  -15.307 8.170   1.00 24.97 ? 174  ASP A O     1 
ATOM   1188 C CB    . ASP A 1 147 ? -6.264  -17.165 9.506   1.00 29.66 ? 174  ASP A CB    1 
ATOM   1189 C CG    . ASP A 1 147 ? -6.239  -18.304 10.536  1.00 31.46 ? 174  ASP A CG    1 
ATOM   1190 O OD1   . ASP A 1 147 ? -5.933  -18.047 11.722  1.00 32.70 ? 174  ASP A OD1   1 
ATOM   1191 O OD2   . ASP A 1 147 ? -6.548  -19.457 10.157  1.00 32.01 ? 174  ASP A OD2   1 
ATOM   1192 N N     . ALA A 1 148 ? -5.875  -14.271 8.223   1.00 22.97 ? 175  ALA A N     1 
ATOM   1193 C CA    . ALA A 1 148 ? -5.566  -13.451 7.057   1.00 21.08 ? 175  ALA A CA    1 
ATOM   1194 C C     . ALA A 1 148 ? -4.540  -12.369 7.408   1.00 19.61 ? 175  ALA A C     1 
ATOM   1195 O O     . ALA A 1 148 ? -3.542  -12.207 6.713   1.00 19.75 ? 175  ALA A O     1 
ATOM   1196 C CB    . ALA A 1 148 ? -6.845  -12.813 6.506   1.00 20.49 ? 175  ALA A CB    1 
ATOM   1197 N N     . VAL A 1 149 ? -4.789  -11.634 8.485   1.00 18.55 ? 176  VAL A N     1 
ATOM   1198 C CA    . VAL A 1 149 ? -3.879  -10.583 8.923   1.00 18.05 ? 176  VAL A CA    1 
ATOM   1199 C C     . VAL A 1 149 ? -2.480  -11.157 9.159   1.00 19.56 ? 176  VAL A C     1 
ATOM   1200 O O     . VAL A 1 149 ? -1.473  -10.590 8.716   1.00 20.41 ? 176  VAL A O     1 
ATOM   1201 C CB    . VAL A 1 149 ? -4.389  -9.920  10.229  1.00 17.38 ? 176  VAL A CB    1 
ATOM   1202 C CG1   . VAL A 1 149 ? -3.331  -8.985  10.798  1.00 14.60 ? 176  VAL A CG1   1 
ATOM   1203 C CG2   . VAL A 1 149 ? -5.669  -9.151  9.950   1.00 15.76 ? 176  VAL A CG2   1 
ATOM   1204 N N     . THR A 1 150 ? -2.429  -12.280 9.866   1.00 19.26 ? 177  THR A N     1 
ATOM   1205 C CA    . THR A 1 150 ? -1.172  -12.954 10.166  1.00 19.83 ? 177  THR A CA    1 
ATOM   1206 C C     . THR A 1 150 ? -0.402  -13.318 8.880   1.00 19.39 ? 177  THR A C     1 
ATOM   1207 O O     . THR A 1 150 ? 0.763   -12.955 8.721   1.00 19.01 ? 177  THR A O     1 
ATOM   1208 C CB    . THR A 1 150 ? -1.453  -14.227 11.037  1.00 21.06 ? 177  THR A CB    1 
ATOM   1209 O OG1   . THR A 1 150 ? -1.688  -13.823 12.394  1.00 24.80 ? 177  THR A OG1   1 
ATOM   1210 C CG2   . THR A 1 150 ? -0.303  -15.203 10.996  1.00 24.25 ? 177  THR A CG2   1 
ATOM   1211 N N     . HIS A 1 151 ? -1.064  -14.021 7.965   1.00 18.08 ? 178  HIS A N     1 
ATOM   1212 C CA    . HIS A 1 151 ? -0.444  -14.443 6.721   1.00 16.96 ? 178  HIS A CA    1 
ATOM   1213 C C     . HIS A 1 151 ? 0.066   -13.242 5.935   1.00 15.58 ? 178  HIS A C     1 
ATOM   1214 O O     . HIS A 1 151 ? 1.223   -13.209 5.503   1.00 16.28 ? 178  HIS A O     1 
ATOM   1215 C CB    . HIS A 1 151 ? -1.448  -15.269 5.913   1.00 16.22 ? 178  HIS A CB    1 
ATOM   1216 C CG    . HIS A 1 151 ? -0.907  -15.787 4.616   1.00 17.84 ? 178  HIS A CG    1 
ATOM   1217 N ND1   . HIS A 1 151 ? -1.131  -15.157 3.408   1.00 17.53 ? 178  HIS A ND1   1 
ATOM   1218 C CD2   . HIS A 1 151 ? -0.152  -16.875 4.337   1.00 16.21 ? 178  HIS A CD2   1 
ATOM   1219 C CE1   . HIS A 1 151 ? -0.542  -15.839 2.443   1.00 15.53 ? 178  HIS A CE1   1 
ATOM   1220 N NE2   . HIS A 1 151 ? 0.059   -16.884 2.981   1.00 17.18 ? 178  HIS A NE2   1 
ATOM   1221 N N     . ILE A 1 152 ? -0.798  -12.247 5.772   1.00 14.30 ? 179  ILE A N     1 
ATOM   1222 C CA    . ILE A 1 152 ? -0.438  -11.031 5.061   1.00 12.01 ? 179  ILE A CA    1 
ATOM   1223 C C     . ILE A 1 152 ? 0.870   -10.462 5.622   1.00 12.07 ? 179  ILE A C     1 
ATOM   1224 O O     . ILE A 1 152 ? 1.808   -10.182 4.867   1.00 11.95 ? 179  ILE A O     1 
ATOM   1225 C CB    . ILE A 1 152 ? -1.588  -9.984  5.164   1.00 10.09 ? 179  ILE A CB    1 
ATOM   1226 C CG1   . ILE A 1 152 ? -2.771  -10.442 4.300   1.00 10.60 ? 179  ILE A CG1   1 
ATOM   1227 C CG2   . ILE A 1 152 ? -1.116  -8.603  4.729   1.00 9.89  ? 179  ILE A CG2   1 
ATOM   1228 C CD1   . ILE A 1 152 ? -2.967  -9.868  2.922   1.00 20.33 ? 179  ILE A CD1   1 
ATOM   1229 N N     . GLY A 1 153 ? 0.943   -10.328 6.941   1.00 11.10 ? 180  GLY A N     1 
ATOM   1230 C CA    . GLY A 1 153 ? 2.132   -9.779  7.581   1.00 13.94 ? 180  GLY A CA    1 
ATOM   1231 C C     . GLY A 1 153 ? 3.436   -10.552 7.401   1.00 16.12 ? 180  GLY A C     1 
ATOM   1232 O O     . GLY A 1 153 ? 4.516   -9.956  7.263   1.00 12.55 ? 180  GLY A O     1 
ATOM   1233 N N     . ARG A 1 154 ? 3.333   -11.882 7.416   1.00 18.43 ? 181  ARG A N     1 
ATOM   1234 C CA    . ARG A 1 154 ? 4.493   -12.755 7.266   1.00 20.39 ? 181  ARG A CA    1 
ATOM   1235 C C     . ARG A 1 154 ? 5.082   -12.535 5.881   1.00 18.73 ? 181  ARG A C     1 
ATOM   1236 O O     . ARG A 1 154 ? 6.248   -12.206 5.746   1.00 20.75 ? 181  ARG A O     1 
ATOM   1237 C CB    . ARG A 1 154 ? 4.090   -14.239 7.403   1.00 24.33 ? 181  ARG A CB    1 
ATOM   1238 C CG    . ARG A 1 154 ? 3.050   -14.543 8.497   1.00 30.72 ? 181  ARG A CG    1 
ATOM   1239 C CD    . ARG A 1 154 ? 2.683   -16.038 8.572   1.00 34.82 ? 181  ARG A CD    1 
ATOM   1240 N NE    . ARG A 1 154 ? 3.628   -16.794 9.392   1.00 39.47 ? 181  ARG A NE    1 
ATOM   1241 C CZ    . ARG A 1 154 ? 3.589   -16.844 10.726  1.00 43.08 ? 181  ARG A CZ    1 
ATOM   1242 N NH1   . ARG A 1 154 ? 2.642   -16.182 11.396  1.00 42.94 ? 181  ARG A NH1   1 
ATOM   1243 N NH2   . ARG A 1 154 ? 4.509   -17.536 11.398  1.00 41.88 ? 181  ARG A NH2   1 
ATOM   1244 N N     . VAL A 1 155 ? 4.256   -12.711 4.854   1.00 18.41 ? 182  VAL A N     1 
ATOM   1245 C CA    . VAL A 1 155 ? 4.699   -12.556 3.475   1.00 17.82 ? 182  VAL A CA    1 
ATOM   1246 C C     . VAL A 1 155 ? 5.266   -11.151 3.221   1.00 17.71 ? 182  VAL A C     1 
ATOM   1247 O O     . VAL A 1 155 ? 6.331   -10.990 2.629   1.00 19.51 ? 182  VAL A O     1 
ATOM   1248 C CB    . VAL A 1 155 ? 3.538   -12.813 2.479   1.00 17.89 ? 182  VAL A CB    1 
ATOM   1249 C CG1   . VAL A 1 155 ? 4.051   -12.730 1.070   1.00 15.16 ? 182  VAL A CG1   1 
ATOM   1250 C CG2   . VAL A 1 155 ? 2.908   -14.195 2.727   1.00 18.74 ? 182  VAL A CG2   1 
ATOM   1251 N N     . TYR A 1 156 ? 4.551   -10.144 3.683   1.00 16.54 ? 183  TYR A N     1 
ATOM   1252 C CA    . TYR A 1 156 ? 4.957   -8.774  3.489   1.00 16.15 ? 183  TYR A CA    1 
ATOM   1253 C C     . TYR A 1 156 ? 6.343   -8.498  4.066   1.00 16.15 ? 183  TYR A C     1 
ATOM   1254 O O     . TYR A 1 156 ? 7.181   -7.901  3.397   1.00 14.09 ? 183  TYR A O     1 
ATOM   1255 C CB    . TYR A 1 156 ? 3.896   -7.847  4.102   1.00 15.72 ? 183  TYR A CB    1 
ATOM   1256 C CG    . TYR A 1 156 ? 4.156   -6.359  3.927   1.00 15.81 ? 183  TYR A CG    1 
ATOM   1257 C CD1   . TYR A 1 156 ? 4.620   -5.838  2.712   1.00 12.65 ? 183  TYR A CD1   1 
ATOM   1258 C CD2   . TYR A 1 156 ? 3.852   -5.467  4.947   1.00 12.62 ? 183  TYR A CD2   1 
ATOM   1259 C CE1   . TYR A 1 156 ? 4.766   -4.459  2.527   1.00 12.91 ? 183  TYR A CE1   1 
ATOM   1260 C CE2   . TYR A 1 156 ? 3.992   -4.104  4.770   1.00 12.76 ? 183  TYR A CE2   1 
ATOM   1261 C CZ    . TYR A 1 156 ? 4.443   -3.603  3.562   1.00 12.19 ? 183  TYR A CZ    1 
ATOM   1262 O OH    . TYR A 1 156 ? 4.530   -2.241  3.406   1.00 13.17 ? 183  TYR A OH    1 
ATOM   1263 N N     . LYS A 1 157 ? 6.590   -8.934  5.297   1.00 18.21 ? 184  LYS A N     1 
ATOM   1264 C CA    . LYS A 1 157 ? 7.892   -8.708  5.915   1.00 20.86 ? 184  LYS A CA    1 
ATOM   1265 C C     . LYS A 1 157 ? 8.959   -9.459  5.128   1.00 20.99 ? 184  LYS A C     1 
ATOM   1266 O O     . LYS A 1 157 ? 10.078  -8.975  4.985   1.00 20.82 ? 184  LYS A O     1 
ATOM   1267 C CB    . LYS A 1 157 ? 7.895   -9.171  7.371   1.00 22.24 ? 184  LYS A CB    1 
ATOM   1268 C CG    . LYS A 1 157 ? 9.207   -8.923  8.094   1.00 25.11 ? 184  LYS A CG    1 
ATOM   1269 C CD    . LYS A 1 157 ? 9.127   -9.352  9.558   1.00 28.82 ? 184  LYS A CD    1 
ATOM   1270 C CE    . LYS A 1 157 ? 10.455  -9.148  10.297  1.00 29.71 ? 184  LYS A CE    1 
ATOM   1271 N NZ    . LYS A 1 157 ? 10.872  -7.730  10.350  1.00 31.69 ? 184  LYS A NZ    1 
ATOM   1272 N N     . GLU A 1 158 ? 8.608   -10.633 4.611   1.00 22.49 ? 185  GLU A N     1 
ATOM   1273 C CA    . GLU A 1 158 ? 9.549   -11.414 3.822   1.00 22.47 ? 185  GLU A CA    1 
ATOM   1274 C C     . GLU A 1 158 ? 9.838   -10.681 2.517   1.00 20.59 ? 185  GLU A C     1 
ATOM   1275 O O     . GLU A 1 158 ? 10.989  -10.593 2.094   1.00 19.80 ? 185  GLU A O     1 
ATOM   1276 C CB    . GLU A 1 158 ? 8.978   -12.793 3.510   1.00 25.87 ? 185  GLU A CB    1 
ATOM   1277 C CG    . GLU A 1 158 ? 8.692   -13.645 4.724   1.00 32.32 ? 185  GLU A CG    1 
ATOM   1278 C CD    . GLU A 1 158 ? 9.928   -13.917 5.566   1.00 35.51 ? 185  GLU A CD    1 
ATOM   1279 O OE1   . GLU A 1 158 ? 10.931  -14.425 5.012   1.00 36.71 ? 185  GLU A OE1   1 
ATOM   1280 O OE2   . GLU A 1 158 ? 9.891   -13.632 6.786   1.00 37.09 ? 185  GLU A OE2   1 
ATOM   1281 N N     . ARG A 1 159 ? 8.787   -10.158 1.883   1.00 19.33 ? 186  ARG A N     1 
ATOM   1282 C CA    . ARG A 1 159 ? 8.937   -9.421  0.626   1.00 19.46 ? 186  ARG A CA    1 
ATOM   1283 C C     . ARG A 1 159 ? 9.754   -8.128  0.758   1.00 19.89 ? 186  ARG A C     1 
ATOM   1284 O O     . ARG A 1 159 ? 10.418  -7.689  -0.190  1.00 20.28 ? 186  ARG A O     1 
ATOM   1285 C CB    . ARG A 1 159 ? 7.566   -9.080  0.054   1.00 20.32 ? 186  ARG A CB    1 
ATOM   1286 C CG    . ARG A 1 159 ? 6.924   -10.196 -0.743  1.00 20.74 ? 186  ARG A CG    1 
ATOM   1287 C CD    . ARG A 1 159 ? 7.789   -10.564 -1.935  1.00 18.97 ? 186  ARG A CD    1 
ATOM   1288 N NE    . ARG A 1 159 ? 6.950   -10.841 -3.088  1.00 20.57 ? 186  ARG A NE    1 
ATOM   1289 C CZ    . ARG A 1 159 ? 6.437   -9.919  -3.888  1.00 19.77 ? 186  ARG A CZ    1 
ATOM   1290 N NH1   . ARG A 1 159 ? 6.672   -8.631  -3.689  1.00 24.68 ? 186  ARG A NH1   1 
ATOM   1291 N NH2   . ARG A 1 159 ? 5.635   -10.283 -4.857  1.00 21.60 ? 186  ARG A NH2   1 
ATOM   1292 N N     . LEU A 1 160 ? 9.698   -7.509  1.929   1.00 18.50 ? 187  LEU A N     1 
ATOM   1293 C CA    . LEU A 1 160 ? 10.441  -6.282  2.139   1.00 19.79 ? 187  LEU A CA    1 
ATOM   1294 C C     . LEU A 1 160 ? 11.905  -6.585  2.355   1.00 19.56 ? 187  LEU A C     1 
ATOM   1295 O O     . LEU A 1 160 ? 12.747  -5.757  2.068   1.00 19.42 ? 187  LEU A O     1 
ATOM   1296 C CB    . LEU A 1 160 ? 9.906   -5.520  3.356   1.00 19.75 ? 187  LEU A CB    1 
ATOM   1297 C CG    . LEU A 1 160 ? 8.491   -4.952  3.275   1.00 20.03 ? 187  LEU A CG    1 
ATOM   1298 C CD1   . LEU A 1 160 ? 8.112   -4.363  4.613   1.00 20.34 ? 187  LEU A CD1   1 
ATOM   1299 C CD2   . LEU A 1 160 ? 8.410   -3.900  2.171   1.00 19.66 ? 187  LEU A CD2   1 
ATOM   1300 N N     . GLY A 1 161 ? 12.199  -7.774  2.868   1.00 20.52 ? 188  GLY A N     1 
ATOM   1301 C CA    . GLY A 1 161 ? 13.579  -8.131  3.132   1.00 22.39 ? 188  GLY A CA    1 
ATOM   1302 C C     . GLY A 1 161 ? 14.103  -7.619  4.468   1.00 23.85 ? 188  GLY A C     1 
ATOM   1303 O O     . GLY A 1 161 ? 15.307  -7.639  4.713   1.00 24.03 ? 188  GLY A O     1 
ATOM   1304 N N     . LEU A 1 162 ? 13.199  -7.163  5.335   1.00 25.92 ? 189  LEU A N     1 
ATOM   1305 C CA    . LEU A 1 162 ? 13.567  -6.654  6.656   1.00 26.82 ? 189  LEU A CA    1 
ATOM   1306 C C     . LEU A 1 162 ? 14.240  -7.706  7.537   1.00 28.99 ? 189  LEU A C     1 
ATOM   1307 O O     . LEU A 1 162 ? 13.789  -8.844  7.615   1.00 29.37 ? 189  LEU A O     1 
ATOM   1308 C CB    . LEU A 1 162 ? 12.326  -6.113  7.367   1.00 25.76 ? 189  LEU A CB    1 
ATOM   1309 C CG    . LEU A 1 162 ? 11.756  -4.843  6.747   1.00 25.06 ? 189  LEU A CG    1 
ATOM   1310 C CD1   . LEU A 1 162 ? 10.367  -4.561  7.289   1.00 24.40 ? 189  LEU A CD1   1 
ATOM   1311 C CD2   . LEU A 1 162 ? 12.716  -3.697  7.020   1.00 23.74 ? 189  LEU A CD2   1 
ATOM   1312 N N     . PRO A 1 163 ? 15.323  -7.322  8.229   1.00 31.32 ? 190  PRO A N     1 
ATOM   1313 C CA    . PRO A 1 163 ? 16.082  -8.205  9.114   1.00 34.29 ? 190  PRO A CA    1 
ATOM   1314 C C     . PRO A 1 163 ? 15.231  -9.120  9.983   1.00 36.42 ? 190  PRO A C     1 
ATOM   1315 O O     . PRO A 1 163 ? 14.074  -8.822  10.269  1.00 37.11 ? 190  PRO A O     1 
ATOM   1316 C CB    . PRO A 1 163 ? 16.924  -7.214  9.911   1.00 34.76 ? 190  PRO A CB    1 
ATOM   1317 C CG    . PRO A 1 163 ? 17.315  -6.255  8.811   1.00 34.26 ? 190  PRO A CG    1 
ATOM   1318 C CD    . PRO A 1 163 ? 15.915  -5.973  8.247   1.00 32.23 ? 190  PRO A CD    1 
ATOM   1319 N N     . PRO A 1 164 ? 15.823  -10.226 10.457  1.00 39.07 ? 191  PRO A N     1 
ATOM   1320 C CA    . PRO A 1 164 ? 15.159  -11.225 11.294  1.00 39.49 ? 191  PRO A CA    1 
ATOM   1321 C C     . PRO A 1 164 ? 14.193  -10.604 12.281  1.00 40.63 ? 191  PRO A C     1 
ATOM   1322 O O     . PRO A 1 164 ? 13.080  -11.103 12.468  1.00 42.83 ? 191  PRO A O     1 
ATOM   1323 C CB    . PRO A 1 164 ? 16.340  -11.946 11.962  1.00 40.73 ? 191  PRO A CB    1 
ATOM   1324 C CG    . PRO A 1 164 ? 17.518  -10.939 11.801  1.00 39.61 ? 191  PRO A CG    1 
ATOM   1325 C CD    . PRO A 1 164 ? 17.253  -10.547 10.370  1.00 40.06 ? 191  PRO A CD    1 
ATOM   1326 N N     . LYS A 1 165 ? 14.601  -9.508  12.904  1.00 41.03 ? 192  LYS A N     1 
ATOM   1327 C CA    . LYS A 1 165 ? 13.719  -8.852  13.844  1.00 41.41 ? 192  LYS A CA    1 
ATOM   1328 C C     . LYS A 1 165 ? 13.762  -7.344  13.942  1.00 41.62 ? 192  LYS A C     1 
ATOM   1329 O O     . LYS A 1 165 ? 14.449  -6.775  14.798  1.00 41.60 ? 192  LYS A O     1 
ATOM   1330 C CB    . LYS A 1 165 ? 13.876  -9.451  15.243  1.00 43.15 ? 192  LYS A CB    1 
ATOM   1331 C CG    . LYS A 1 165 ? 13.142  -10.772 15.409  1.00 43.88 ? 192  LYS A CG    1 
ATOM   1332 C CD    . LYS A 1 165 ? 11.654  -10.572 15.161  1.00 44.30 ? 192  LYS A CD    1 
ATOM   1333 C CE    . LYS A 1 165 ? 10.884  -11.860 15.295  1.00 44.42 ? 192  LYS A CE    1 
ATOM   1334 N NZ    . LYS A 1 165 ? 9.436   -11.593 15.095  1.00 44.96 ? 192  LYS A NZ    1 
ATOM   1335 N N     . ILE A 1 166 ? 13.022  -6.709  13.036  1.00 41.41 ? 193  ILE A N     1 
ATOM   1336 C CA    . ILE A 1 166 ? 12.851  -5.262  13.029  1.00 40.08 ? 193  ILE A CA    1 
ATOM   1337 C C     . ILE A 1 166 ? 11.536  -5.142  13.811  1.00 38.59 ? 193  ILE A C     1 
ATOM   1338 O O     . ILE A 1 166 ? 11.262  -4.133  14.458  1.00 39.77 ? 193  ILE A O     1 
ATOM   1339 C CB    . ILE A 1 166 ? 12.633  -4.693  11.596  1.00 40.01 ? 193  ILE A CB    1 
ATOM   1340 C CG1   . ILE A 1 166 ? 13.944  -4.704  10.810  1.00 40.60 ? 193  ILE A CG1   1 
ATOM   1341 C CG2   . ILE A 1 166 ? 12.085  -3.268  11.675  1.00 40.07 ? 193  ILE A CG2   1 
ATOM   1342 C CD1   . ILE A 1 166 ? 15.135  -3.891  11.390  1.00 20.33 ? 193  ILE A CD1   1 
ATOM   1343 N N     . VAL A 1 167 ? 10.748  -6.215  13.760  1.00 36.00 ? 194  VAL A N     1 
ATOM   1344 C CA    . VAL A 1 167 ? 9.461   -6.283  14.439  1.00 32.63 ? 194  VAL A CA    1 
ATOM   1345 C C     . VAL A 1 167 ? 8.515   -5.200  13.955  1.00 29.51 ? 194  VAL A C     1 
ATOM   1346 O O     . VAL A 1 167 ? 8.633   -4.037  14.328  1.00 27.73 ? 194  VAL A O     1 
ATOM   1347 C CB    . VAL A 1 167 ? 9.610   -6.157  15.972  1.00 33.29 ? 194  VAL A CB    1 
ATOM   1348 C CG1   . VAL A 1 167 ? 8.234   -6.035  16.621  1.00 32.49 ? 194  VAL A CG1   1 
ATOM   1349 C CG2   . VAL A 1 167 ? 10.335  -7.375  16.525  1.00 32.97 ? 194  VAL A CG2   1 
ATOM   1350 N N     . ILE A 1 168 ? 7.572   -5.597  13.117  1.00 27.64 ? 195  ILE A N     1 
ATOM   1351 C CA    . ILE A 1 168 ? 6.593   -4.659  12.609  1.00 24.90 ? 195  ILE A CA    1 
ATOM   1352 C C     . ILE A 1 168 ? 5.258   -5.031  13.234  1.00 23.76 ? 195  ILE A C     1 
ATOM   1353 O O     . ILE A 1 168 ? 4.945   -6.218  13.406  1.00 21.70 ? 195  ILE A O     1 
ATOM   1354 C CB    . ILE A 1 168 ? 6.504   -4.706  11.073  1.00 24.69 ? 195  ILE A CB    1 
ATOM   1355 C CG1   . ILE A 1 168 ? 5.906   -6.022  10.605  1.00 23.27 ? 195  ILE A CG1   1 
ATOM   1356 C CG2   . ILE A 1 168 ? 7.902   -4.550  10.482  1.00 25.31 ? 195  ILE A CG2   1 
ATOM   1357 C CD1   . ILE A 1 168 ? 5.418   -6.030  9.157   1.00 20.33 ? 195  ILE A CD1   1 
ATOM   1358 N N     . GLY A 1 169 ? 4.488   -4.007  13.592  1.00 22.87 ? 196  GLY A N     1 
ATOM   1359 C CA    . GLY A 1 169 ? 3.200   -4.229  14.221  1.00 20.76 ? 196  GLY A CA    1 
ATOM   1360 C C     . GLY A 1 169 ? 1.989   -3.900  13.377  1.00 19.51 ? 196  GLY A C     1 
ATOM   1361 O O     . GLY A 1 169 ? 2.075   -3.175  12.391  1.00 18.28 ? 196  GLY A O     1 
ATOM   1362 N N     . TYR A 1 170 ? 0.854   -4.456  13.789  1.00 19.67 ? 197  TYR A N     1 
ATOM   1363 C CA    . TYR A 1 170 ? -0.435  -4.260  13.135  1.00 19.84 ? 197  TYR A CA    1 
ATOM   1364 C C     . TYR A 1 170 ? -1.377  -3.601  14.147  1.00 20.48 ? 197  TYR A C     1 
ATOM   1365 O O     . TYR A 1 170 ? -1.586  -4.162  15.213  1.00 20.86 ? 197  TYR A O     1 
ATOM   1366 C CB    . TYR A 1 170 ? -1.023  -5.620  12.739  1.00 18.95 ? 197  TYR A CB    1 
ATOM   1367 C CG    . TYR A 1 170 ? -2.389  -5.563  12.065  1.00 16.79 ? 197  TYR A CG    1 
ATOM   1368 C CD1   . TYR A 1 170 ? -2.504  -5.509  10.677  1.00 16.33 ? 197  TYR A CD1   1 
ATOM   1369 C CD2   . TYR A 1 170 ? -3.555  -5.514  12.819  1.00 15.73 ? 197  TYR A CD2   1 
ATOM   1370 C CE1   . TYR A 1 170 ? -3.744  -5.407  10.063  1.00 16.69 ? 197  TYR A CE1   1 
ATOM   1371 C CE2   . TYR A 1 170 ? -4.799  -5.409  12.215  1.00 16.20 ? 197  TYR A CE2   1 
ATOM   1372 C CZ    . TYR A 1 170 ? -4.890  -5.355  10.839  1.00 15.71 ? 197  TYR A CZ    1 
ATOM   1373 O OH    . TYR A 1 170 ? -6.123  -5.254  10.238  1.00 16.72 ? 197  TYR A OH    1 
ATOM   1374 N N     . GLN A 1 171 ? -1.922  -2.424  13.840  1.00 21.76 ? 198  GLN A N     1 
ATOM   1375 C CA    . GLN A 1 171 ? -2.878  -1.776  14.752  1.00 23.00 ? 198  GLN A CA    1 
ATOM   1376 C C     . GLN A 1 171 ? -4.197  -1.547  14.005  1.00 22.58 ? 198  GLN A C     1 
ATOM   1377 O O     . GLN A 1 171 ? -4.204  -1.309  12.788  1.00 20.92 ? 198  GLN A O     1 
ATOM   1378 C CB    . GLN A 1 171 ? -2.414  -0.395  15.252  1.00 24.94 ? 198  GLN A CB    1 
ATOM   1379 C CG    . GLN A 1 171 ? -0.932  -0.067  15.208  1.00 28.80 ? 198  GLN A CG    1 
ATOM   1380 C CD    . GLN A 1 171 ? -0.504  0.442   13.846  1.00 29.11 ? 198  GLN A CD    1 
ATOM   1381 O OE1   . GLN A 1 171 ? -0.519  -0.303  12.868  1.00 31.35 ? 198  GLN A OE1   1 
ATOM   1382 N NE2   . GLN A 1 171 ? -0.142  1.722   13.772  1.00 28.03 ? 198  GLN A NE2   1 
ATOM   1383 N N     . SER A 1 172 ? -5.308  -1.604  14.732  1.00 22.17 ? 199  SER A N     1 
ATOM   1384 C CA    . SER A 1 172 ? -6.615  -1.379  14.120  1.00 22.04 ? 199  SER A CA    1 
ATOM   1385 C C     . SER A 1 172 ? -6.740  0.115   13.861  1.00 21.58 ? 199  SER A C     1 
ATOM   1386 O O     . SER A 1 172 ? -6.162  0.917   14.601  1.00 22.17 ? 199  SER A O     1 
ATOM   1387 C CB    . SER A 1 172 ? -7.739  -1.824  15.058  1.00 21.69 ? 199  SER A CB    1 
ATOM   1388 O OG    . SER A 1 172 ? -7.833  -0.980  16.192  1.00 20.03 ? 199  SER A OG    1 
ATOM   1389 N N     . HIS A 1 173 ? -7.470  0.494   12.815  1.00 21.22 ? 200  HIS A N     1 
ATOM   1390 C CA    . HIS A 1 173 ? -7.649  1.919   12.512  1.00 22.68 ? 200  HIS A CA    1 
ATOM   1391 C C     . HIS A 1 173 ? -8.342  2.655   13.648  1.00 22.35 ? 200  HIS A C     1 
ATOM   1392 O O     . HIS A 1 173 ? -8.122  3.851   13.849  1.00 21.54 ? 200  HIS A O     1 
ATOM   1393 C CB    . HIS A 1 173 ? -8.448  2.111   11.215  1.00 21.64 ? 200  HIS A CB    1 
ATOM   1394 C CG    . HIS A 1 173 ? -7.754  1.576   10.007  1.00 23.12 ? 200  HIS A CG    1 
ATOM   1395 N ND1   . HIS A 1 173 ? -6.465  1.935   9.674   1.00 22.09 ? 200  HIS A ND1   1 
ATOM   1396 C CD2   . HIS A 1 173 ? -8.163  0.709   9.050   1.00 22.59 ? 200  HIS A CD2   1 
ATOM   1397 C CE1   . HIS A 1 173 ? -6.110  1.312   8.566   1.00 23.36 ? 200  HIS A CE1   1 
ATOM   1398 N NE2   . HIS A 1 173 ? -7.122  0.562   8.165   1.00 22.85 ? 200  HIS A NE2   1 
ATOM   1399 N N     . ALA A 1 174 ? -9.176  1.928   14.387  1.00 23.75 ? 201  ALA A N     1 
ATOM   1400 C CA    . ALA A 1 174 ? -9.903  2.496   15.516  1.00 25.84 ? 201  ALA A CA    1 
ATOM   1401 C C     . ALA A 1 174 ? -8.930  3.017   16.575  1.00 26.96 ? 201  ALA A C     1 
ATOM   1402 O O     . ALA A 1 174 ? -9.051  4.156   17.035  1.00 26.81 ? 201  ALA A O     1 
ATOM   1403 C CB    . ALA A 1 174 ? -10.835 1.448   16.116  1.00 27.02 ? 201  ALA A CB    1 
ATOM   1404 N N     . ASP A 1 175 ? -7.960  2.189   16.962  1.00 28.88 ? 202  ASP A N     1 
ATOM   1405 C CA    . ASP A 1 175 ? -6.977  2.614   17.948  1.00 29.44 ? 202  ASP A CA    1 
ATOM   1406 C C     . ASP A 1 175 ? -6.271  3.845   17.435  1.00 31.32 ? 202  ASP A C     1 
ATOM   1407 O O     . ASP A 1 175 ? -6.312  4.890   18.071  1.00 33.63 ? 202  ASP A O     1 
ATOM   1408 C CB    . ASP A 1 175 ? -5.940  1.529   18.202  1.00 30.33 ? 202  ASP A CB    1 
ATOM   1409 C CG    . ASP A 1 175 ? -6.533  0.303   18.830  1.00 31.32 ? 202  ASP A CG    1 
ATOM   1410 O OD1   . ASP A 1 175 ? -7.366  0.470   19.739  1.00 30.87 ? 202  ASP A OD1   1 
ATOM   1411 O OD2   . ASP A 1 175 ? -6.155  -0.822  18.434  1.00 32.89 ? 202  ASP A OD2   1 
ATOM   1412 N N     . THR A 1 176 ? -5.623  3.717   16.279  1.00 32.70 ? 203  THR A N     1 
ATOM   1413 C CA    . THR A 1 176 ? -4.902  4.829   15.669  1.00 33.36 ? 203  THR A CA    1 
ATOM   1414 C C     . THR A 1 176 ? -5.756  6.097   15.676  1.00 35.23 ? 203  THR A C     1 
ATOM   1415 O O     . THR A 1 176 ? -5.235  7.201   15.831  1.00 36.23 ? 203  THR A O     1 
ATOM   1416 C CB    . THR A 1 176 ? -4.530  4.533   14.199  1.00 32.60 ? 203  THR A CB    1 
ATOM   1417 O OG1   . THR A 1 176 ? -3.830  3.288   14.113  1.00 31.65 ? 203  THR A OG1   1 
ATOM   1418 C CG2   . THR A 1 176 ? -3.644  5.635   13.657  1.00 30.94 ? 203  THR A CG2   1 
ATOM   1419 N N     . ALA A 1 177 ? -7.066  5.936   15.498  1.00 36.05 ? 204  ALA A N     1 
ATOM   1420 C CA    . ALA A 1 177 ? -7.985  7.073   15.483  1.00 37.75 ? 204  ALA A CA    1 
ATOM   1421 C C     . ALA A 1 177 ? -8.222  7.670   16.878  1.00 38.72 ? 204  ALA A C     1 
ATOM   1422 O O     . ALA A 1 177 ? -8.631  8.825   17.000  1.00 38.57 ? 204  ALA A O     1 
ATOM   1423 C CB    . ALA A 1 177 ? -9.313  6.666   14.849  1.00 37.52 ? 204  ALA A CB    1 
ATOM   1424 N N     . THR A 1 178 ? -7.987  6.888   17.928  1.00 39.59 ? 205  THR A N     1 
ATOM   1425 C CA    . THR A 1 178 ? -8.157  7.409   19.281  1.00 40.64 ? 205  THR A CA    1 
ATOM   1426 C C     . THR A 1 178 ? -6.868  7.223   20.074  1.00 41.25 ? 205  THR A C     1 
ATOM   1427 O O     . THR A 1 178 ? -6.857  6.495   21.093  1.00 20.33 ? 205  THR A O     1 
ATOM   1428 C CB    . THR A 1 178 ? -9.327  6.715   20.037  1.00 40.97 ? 205  THR A CB    1 
ATOM   1429 O OG1   . THR A 1 178 ? -9.090  5.301   20.128  1.00 41.15 ? 205  THR A OG1   1 
ATOM   1430 C CG2   . THR A 1 178 ? -10.646 6.967   19.317  1.00 41.15 ? 205  THR A CG2   1 
ATOM   1431 N N     . ASN A 1 186 ? -0.104  -2.974  19.515  1.00 28.97 ? 213  ASN A N     1 
ATOM   1432 C CA    . ASN A 1 186 ? -0.227  -3.886  18.341  1.00 29.23 ? 213  ASN A CA    1 
ATOM   1433 C C     . ASN A 1 186 ? -1.063  -5.124  18.627  1.00 29.01 ? 213  ASN A C     1 
ATOM   1434 O O     . ASN A 1 186 ? -0.899  -5.782  19.652  1.00 30.35 ? 213  ASN A O     1 
ATOM   1435 C CB    . ASN A 1 186 ? 1.153   -4.342  17.839  1.00 30.15 ? 213  ASN A CB    1 
ATOM   1436 C CG    . ASN A 1 186 ? 2.045   -3.181  17.416  1.00 31.11 ? 213  ASN A CG    1 
ATOM   1437 O OD1   . ASN A 1 186 ? 1.609   -2.263  16.717  1.00 29.79 ? 213  ASN A OD1   1 
ATOM   1438 N ND2   . ASN A 1 186 ? 3.310   -3.233  17.820  1.00 30.92 ? 213  ASN A ND2   1 
ATOM   1439 N N     . ARG A 1 187 ? -1.948  -5.441  17.694  1.00 29.01 ? 214  ARG A N     1 
ATOM   1440 C CA    . ARG A 1 187 ? -2.814  -6.601  17.795  1.00 28.40 ? 214  ARG A CA    1 
ATOM   1441 C C     . ARG A 1 187 ? -2.028  -7.811  17.293  1.00 27.54 ? 214  ARG A C     1 
ATOM   1442 O O     . ARG A 1 187 ? -2.386  -8.959  17.575  1.00 27.20 ? 214  ARG A O     1 
ATOM   1443 C CB    . ARG A 1 187 ? -4.069  -6.377  16.945  1.00 31.20 ? 214  ARG A CB    1 
ATOM   1444 C CG    . ARG A 1 187 ? -4.802  -5.066  17.258  1.00 33.69 ? 214  ARG A CG    1 
ATOM   1445 C CD    . ARG A 1 187 ? -5.060  -4.952  18.759  1.00 35.98 ? 214  ARG A CD    1 
ATOM   1446 N NE    . ARG A 1 187 ? -5.952  -3.860  19.149  1.00 37.84 ? 214  ARG A NE    1 
ATOM   1447 C CZ    . ARG A 1 187 ? -7.228  -3.749  18.776  1.00 38.29 ? 214  ARG A CZ    1 
ATOM   1448 N NH1   . ARG A 1 187 ? -7.788  -4.664  17.986  1.00 37.79 ? 214  ARG A NH1   1 
ATOM   1449 N NH2   . ARG A 1 187 ? -7.961  -2.736  19.225  1.00 38.72 ? 214  ARG A NH2   1 
ATOM   1450 N N     . PHE A 1 188 ? -0.971  -7.537  16.525  1.00 25.69 ? 215  PHE A N     1 
ATOM   1451 C CA    . PHE A 1 188 ? -0.077  -8.571  16.004  1.00 24.66 ? 215  PHE A CA    1 
ATOM   1452 C C     . PHE A 1 188 ? 1.315   -7.981  15.712  1.00 24.51 ? 215  PHE A C     1 
ATOM   1453 O O     . PHE A 1 188 ? 1.471   -6.769  15.555  1.00 24.35 ? 215  PHE A O     1 
ATOM   1454 C CB    . PHE A 1 188 ? -0.598  -9.201  14.693  1.00 24.63 ? 215  PHE A CB    1 
ATOM   1455 C CG    . PHE A 1 188 ? -2.043  -9.640  14.726  1.00 22.51 ? 215  PHE A CG    1 
ATOM   1456 C CD1   . PHE A 1 188 ? -3.049  -8.791  14.271  1.00 22.97 ? 215  PHE A CD1   1 
ATOM   1457 C CD2   . PHE A 1 188 ? -2.393  -10.909 15.182  1.00 22.54 ? 215  PHE A CD2   1 
ATOM   1458 C CE1   . PHE A 1 188 ? -4.389  -9.204  14.258  1.00 23.08 ? 215  PHE A CE1   1 
ATOM   1459 C CE2   . PHE A 1 188 ? -3.726  -11.335 15.178  1.00 22.12 ? 215  PHE A CE2   1 
ATOM   1460 C CZ    . PHE A 1 188 ? -4.730  -10.480 14.711  1.00 22.91 ? 215  PHE A CZ    1 
ATOM   1461 N N     . VAL A 1 189 ? 2.322   -8.848  15.659  1.00 25.14 ? 216  VAL A N     1 
ATOM   1462 C CA    . VAL A 1 189 ? 3.691   -8.456  15.326  1.00 25.50 ? 216  VAL A CA    1 
ATOM   1463 C C     . VAL A 1 189 ? 4.307   -9.568  14.484  1.00 25.74 ? 216  VAL A C     1 
ATOM   1464 O O     . VAL A 1 189 ? 3.789   -10.687 14.451  1.00 24.67 ? 216  VAL A O     1 
ATOM   1465 C CB    . VAL A 1 189 ? 4.590   -8.220  16.580  1.00 25.65 ? 216  VAL A CB    1 
ATOM   1466 C CG1   . VAL A 1 189 ? 4.109   -7.010  17.342  1.00 24.82 ? 216  VAL A CG1   1 
ATOM   1467 C CG2   . VAL A 1 189 ? 4.605   -9.454  17.472  1.00 24.67 ? 216  VAL A CG2   1 
ATOM   1468 N N     . VAL A 1 190 ? 5.406   -9.251  13.800  1.00 26.68 ? 217  VAL A N     1 
ATOM   1469 C CA    . VAL A 1 190 ? 6.110   -10.213 12.948  1.00 27.43 ? 217  VAL A CA    1 
ATOM   1470 C C     . VAL A 1 190 ? 7.598   -9.892  12.916  1.00 27.94 ? 217  VAL A C     1 
ATOM   1471 O O     . VAL A 1 190 ? 7.957   -8.774  13.341  1.00 20.33 ? 217  VAL A O     1 
ATOM   1472 C CB    . VAL A 1 190 ? 5.628   -10.188 11.478  1.00 28.71 ? 217  VAL A CB    1 
ATOM   1473 C CG1   . VAL A 1 190 ? 6.281   -11.341 10.719  1.00 30.04 ? 217  VAL A CG1   1 
ATOM   1474 C CG2   . VAL A 1 190 ? 4.121   -10.289 11.393  1.00 29.24 ? 217  VAL A CG2   1 
ATOM   1475 O OXT   . VAL A 1 190 ? 8.394   -10.747 12.472  1.00 20.33 ? 217  VAL A OXT   1 
ATOM   1476 N N     . ARG B 2 1   ? -8.340  -16.728 -9.764  1.00 13.70 ? 51   ARG B N     1 
ATOM   1477 C CA    . ARG B 2 1   ? -7.581  -15.559 -9.241  1.00 16.11 ? 51   ARG B CA    1 
ATOM   1478 C C     . ARG B 2 1   ? -6.317  -15.336 -10.065 1.00 15.28 ? 51   ARG B C     1 
ATOM   1479 O O     . ARG B 2 1   ? -5.617  -16.286 -10.417 1.00 15.84 ? 51   ARG B O     1 
ATOM   1480 C CB    . ARG B 2 1   ? -7.201  -15.762 -7.762  1.00 17.58 ? 51   ARG B CB    1 
ATOM   1481 C CG    . ARG B 2 1   ? -6.406  -14.577 -7.163  1.00 22.17 ? 51   ARG B CG    1 
ATOM   1482 C CD    . ARG B 2 1   ? -6.049  -14.820 -5.697  1.00 25.19 ? 51   ARG B CD    1 
ATOM   1483 N NE    . ARG B 2 1   ? -7.252  -14.977 -4.883  1.00 26.67 ? 51   ARG B NE    1 
ATOM   1484 C CZ    . ARG B 2 1   ? -8.006  -13.976 -4.444  1.00 26.08 ? 51   ARG B CZ    1 
ATOM   1485 N NH1   . ARG B 2 1   ? -7.697  -12.714 -4.726  1.00 25.37 ? 51   ARG B NH1   1 
ATOM   1486 N NH2   . ARG B 2 1   ? -9.093  -14.248 -3.737  1.00 27.23 ? 51   ARG B NH2   1 
ATOM   1487 N N     . ILE B 2 2   ? -6.043  -14.074 -10.366 1.00 15.31 ? 52   ILE B N     1 
ATOM   1488 C CA    . ILE B 2 2   ? -4.875  -13.696 -11.156 1.00 15.35 ? 52   ILE B CA    1 
ATOM   1489 C C     . ILE B 2 2   ? -3.711  -13.308 -10.253 1.00 15.36 ? 52   ILE B C     1 
ATOM   1490 O O     . ILE B 2 2   ? -3.722  -12.254 -9.606  1.00 14.08 ? 52   ILE B O     1 
ATOM   1491 C CB    . ILE B 2 2   ? -5.181  -12.498 -12.096 1.00 13.94 ? 52   ILE B CB    1 
ATOM   1492 C CG1   . ILE B 2 2   ? -6.307  -12.866 -13.064 1.00 14.61 ? 52   ILE B CG1   1 
ATOM   1493 C CG2   . ILE B 2 2   ? -3.935  -12.114 -12.860 1.00 13.55 ? 52   ILE B CG2   1 
ATOM   1494 C CD1   . ILE B 2 2   ? -6.073  -14.073 -14.017 1.00 20.33 ? 52   ILE B CD1   1 
ATOM   1495 N N     . ILE B 2 3   ? -2.702  -14.167 -10.235 1.00 14.69 ? 53   ILE B N     1 
ATOM   1496 C CA    . ILE B 2 3   ? -1.522  -13.934 -9.435  1.00 16.52 ? 53   ILE B CA    1 
ATOM   1497 C C     . ILE B 2 3   ? -0.322  -13.699 -10.340 1.00 17.45 ? 53   ILE B C     1 
ATOM   1498 O O     . ILE B 2 3   ? -0.227  -14.271 -11.424 1.00 17.23 ? 53   ILE B O     1 
ATOM   1499 C CB    . ILE B 2 3   ? -1.205  -15.136 -8.550  1.00 17.64 ? 53   ILE B CB    1 
ATOM   1500 C CG1   . ILE B 2 3   ? -2.397  -15.452 -7.642  1.00 19.11 ? 53   ILE B CG1   1 
ATOM   1501 C CG2   . ILE B 2 3   ? 0.049   -14.848 -7.730  1.00 18.51 ? 53   ILE B CG2   1 
ATOM   1502 C CD1   . ILE B 2 3   ? -3.533  -16.212 -8.316  1.00 20.33 ? 53   ILE B CD1   1 
ATOM   1503 N N     . TYR B 2 4   ? 0.590   -12.854 -9.873  1.00 18.03 ? 54   TYR B N     1 
ATOM   1504 C CA    . TYR B 2 4   ? 1.807   -12.546 -10.602 1.00 19.55 ? 54   TYR B CA    1 
ATOM   1505 C C     . TYR B 2 4   ? 2.995   -12.529 -9.667  1.00 21.12 ? 54   TYR B C     1 
ATOM   1506 O O     . TYR B 2 4   ? 2.935   -12.007 -8.544  1.00 20.62 ? 54   TYR B O     1 
ATOM   1507 C CB    . TYR B 2 4   ? 1.732   -11.189 -11.297 1.00 16.44 ? 54   TYR B CB    1 
ATOM   1508 C CG    . TYR B 2 4   ? 0.772   -11.136 -12.457 1.00 15.84 ? 54   TYR B CG    1 
ATOM   1509 C CD1   . TYR B 2 4   ? -0.317  -10.292 -12.428 1.00 13.28 ? 54   TYR B CD1   1 
ATOM   1510 C CD2   . TYR B 2 4   ? 0.970   -11.927 -13.596 1.00 15.41 ? 54   TYR B CD2   1 
ATOM   1511 C CE1   . TYR B 2 4   ? -1.195  -10.219 -13.490 1.00 14.18 ? 54   TYR B CE1   1 
ATOM   1512 C CE2   . TYR B 2 4   ? 0.096   -11.868 -14.678 1.00 13.47 ? 54   TYR B CE2   1 
ATOM   1513 C CZ    . TYR B 2 4   ? -0.989  -11.006 -14.610 1.00 14.29 ? 54   TYR B CZ    1 
ATOM   1514 O OH    . TYR B 2 4   ? -1.869  -10.917 -15.647 1.00 11.75 ? 54   TYR B OH    1 
ATOM   1515 N N     . ASP B 2 5   ? 4.067   -13.105 -10.189 1.00 22.41 ? 55   ASP B N     1 
ATOM   1516 C CA    . ASP B 2 5   ? 5.372   -13.234 -9.558  1.00 22.47 ? 55   ASP B CA    1 
ATOM   1517 C C     . ASP B 2 5   ? 6.069   -11.872 -9.490  1.00 20.46 ? 55   ASP B C     1 
ATOM   1518 O O     . ASP B 2 5   ? 5.825   -11.004 -10.323 1.00 19.24 ? 55   ASP B O     1 
ATOM   1519 C CB    . ASP B 2 5   ? 6.245   -14.138 -10.448 1.00 23.59 ? 55   ASP B CB    1 
ATOM   1520 C CG    . ASP B 2 5   ? 7.034   -15.097 -9.674  1.00 26.15 ? 55   ASP B CG    1 
ATOM   1521 O OD1   . ASP B 2 5   ? 7.592   -14.675 -8.641  1.00 33.04 ? 55   ASP B OD1   1 
ATOM   1522 O OD2   . ASP B 2 5   ? 7.113   -16.269 -10.086 1.00 28.55 ? 55   ASP B OD2   1 
ATOM   1523 N N     . ARG B 2 6   ? 6.971   -11.728 -8.527  1.00 19.46 ? 56   ARG B N     1 
ATOM   1524 C CA    . ARG B 2 6   ? 7.784   -10.530 -8.384  1.00 19.56 ? 56   ARG B CA    1 
ATOM   1525 C C     . ARG B 2 6   ? 8.572   -10.429 -9.695  1.00 18.71 ? 56   ARG B C     1 
ATOM   1526 O O     . ARG B 2 6   ? 8.579   -9.388  -10.358 1.00 17.88 ? 56   ARG B O     1 
ATOM   1527 C CB    . ARG B 2 6   ? 8.728   -10.721 -7.179  1.00 21.48 ? 56   ARG B CB    1 
ATOM   1528 C CG    . ARG B 2 6   ? 9.956   -9.791  -7.026  1.00 24.63 ? 56   ARG B CG    1 
ATOM   1529 C CD    . ARG B 2 6   ? 9.609   -8.359  -6.718  1.00 27.40 ? 56   ARG B CD    1 
ATOM   1530 N NE    . ARG B 2 6   ? 10.725  -7.543  -6.206  1.00 26.90 ? 56   ARG B NE    1 
ATOM   1531 C CZ    . ARG B 2 6   ? 11.894  -7.340  -6.816  1.00 27.37 ? 56   ARG B CZ    1 
ATOM   1532 N NH1   . ARG B 2 6   ? 12.163  -7.894  -7.985  1.00 28.76 ? 56   ARG B NH1   1 
ATOM   1533 N NH2   . ARG B 2 6   ? 12.779  -6.507  -6.290  1.00 28.76 ? 56   ARG B NH2   1 
ATOM   1534 N N     . LYS B 2 7   ? 9.212   -11.534 -10.074 1.00 17.23 ? 57   LYS B N     1 
ATOM   1535 C CA    . LYS B 2 7   ? 10.015  -11.598 -11.292 1.00 16.52 ? 57   LYS B CA    1 
ATOM   1536 C C     . LYS B 2 7   ? 9.217   -11.315 -12.557 1.00 16.21 ? 57   LYS B C     1 
ATOM   1537 O O     . LYS B 2 7   ? 9.654   -10.525 -13.390 1.00 17.21 ? 57   LYS B O     1 
ATOM   1538 C CB    . LYS B 2 7   ? 10.687  -12.960 -11.405 1.00 17.45 ? 57   LYS B CB    1 
ATOM   1539 N N     . PHE B 2 8   ? 8.057   -11.949 -12.708 1.00 15.30 ? 58   PHE B N     1 
ATOM   1540 C CA    . PHE B 2 8   ? 7.236   -11.720 -13.890 1.00 13.10 ? 58   PHE B CA    1 
ATOM   1541 C C     . PHE B 2 8   ? 6.755   -10.272 -13.954 1.00 13.36 ? 58   PHE B C     1 
ATOM   1542 O O     . PHE B 2 8   ? 6.747   -9.663  -15.023 1.00 12.90 ? 58   PHE B O     1 
ATOM   1543 C CB    . PHE B 2 8   ? 6.019   -12.636 -13.924 1.00 13.75 ? 58   PHE B CB    1 
ATOM   1544 C CG    . PHE B 2 8   ? 5.218   -12.499 -15.188 1.00 15.83 ? 58   PHE B CG    1 
ATOM   1545 C CD1   . PHE B 2 8   ? 5.765   -12.873 -16.412 1.00 15.62 ? 58   PHE B CD1   1 
ATOM   1546 C CD2   . PHE B 2 8   ? 3.952   -11.933 -15.172 1.00 15.96 ? 58   PHE B CD2   1 
ATOM   1547 C CE1   . PHE B 2 8   ? 5.059   -12.678 -17.595 1.00 16.41 ? 58   PHE B CE1   1 
ATOM   1548 C CE2   . PHE B 2 8   ? 3.241   -11.739 -16.360 1.00 16.47 ? 58   PHE B CE2   1 
ATOM   1549 C CZ    . PHE B 2 8   ? 3.800   -12.113 -17.565 1.00 16.63 ? 58   PHE B CZ    1 
ATOM   1550 N N     . LEU B 2 9   ? 6.336   -9.723  -12.817 1.00 12.87 ? 59   LEU B N     1 
ATOM   1551 C CA    . LEU B 2 9   ? 5.894   -8.335  -12.806 1.00 14.01 ? 59   LEU B CA    1 
ATOM   1552 C C     . LEU B 2 9   ? 7.026   -7.425  -13.309 1.00 14.41 ? 59   LEU B C     1 
ATOM   1553 O O     . LEU B 2 9   ? 6.796   -6.483  -14.066 1.00 15.03 ? 59   LEU B O     1 
ATOM   1554 C CB    . LEU B 2 9   ? 5.462   -7.925  -11.399 1.00 13.23 ? 59   LEU B CB    1 
ATOM   1555 C CG    . LEU B 2 9   ? 4.141   -8.509  -10.888 1.00 12.94 ? 59   LEU B CG    1 
ATOM   1556 C CD1   . LEU B 2 9   ? 3.933   -8.129  -9.423  1.00 13.53 ? 59   LEU B CD1   1 
ATOM   1557 C CD2   . LEU B 2 9   ? 2.983   -7.998  -11.754 1.00 11.94 ? 59   LEU B CD2   1 
ATOM   1558 N N     . MET B 2 10  ? 8.249   -7.723  -12.897 1.00 15.31 ? 60   MET B N     1 
ATOM   1559 C CA    . MET B 2 10  ? 9.410   -6.944  -13.314 1.00 15.11 ? 60   MET B CA    1 
ATOM   1560 C C     . MET B 2 10  ? 9.657   -7.065  -14.820 1.00 14.82 ? 60   MET B C     1 
ATOM   1561 O O     . MET B 2 10  ? 10.051  -6.102  -15.486 1.00 8.67  ? 60   MET B O     1 
ATOM   1562 C CB    . MET B 2 10  ? 10.643  -7.399  -12.521 1.00 15.81 ? 60   MET B CB    1 
ATOM   1563 C CG    . MET B 2 10  ? 10.576  -7.011  -11.051 1.00 15.28 ? 60   MET B CG    1 
ATOM   1564 S SD    . MET B 2 10  ? 10.578  -5.202  -10.971 1.00 18.37 ? 60   MET B SD    1 
ATOM   1565 C CE    . MET B 2 10  ? 10.550  -4.899  -9.237  1.00 17.78 ? 60   MET B CE    1 
ATOM   1566 N N     . GLU B 2 11  ? 9.408   -8.259  -15.351 1.00 16.99 ? 61   GLU B N     1 
ATOM   1567 C CA    . GLU B 2 11  ? 9.579   -8.509  -16.772 1.00 18.69 ? 61   GLU B CA    1 
ATOM   1568 C C     . GLU B 2 11  ? 8.574   -7.729  -17.595 1.00 19.03 ? 61   GLU B C     1 
ATOM   1569 O O     . GLU B 2 11  ? 8.866   -7.351  -18.727 1.00 16.81 ? 61   GLU B O     1 
ATOM   1570 C CB    . GLU B 2 11  ? 9.371   -9.988  -17.106 1.00 21.30 ? 61   GLU B CB    1 
ATOM   1571 C CG    . GLU B 2 11  ? 10.315  -10.934 -16.462 1.00 24.49 ? 61   GLU B CG    1 
ATOM   1572 C CD    . GLU B 2 11  ? 10.758  -11.992 -17.441 1.00 28.29 ? 61   GLU B CD    1 
ATOM   1573 O OE1   . GLU B 2 11  ? 9.873   -12.594 -18.106 1.00 26.60 ? 61   GLU B OE1   1 
ATOM   1574 O OE2   . GLU B 2 11  ? 11.995  -12.207 -17.544 1.00 30.32 ? 61   GLU B OE2   1 
ATOM   1575 N N     . CYS B 2 12  ? 7.386   -7.509  -17.037 1.00 20.17 ? 62   CYS B N     1 
ATOM   1576 C CA    . CYS B 2 12  ? 6.342   -6.783  -17.758 1.00 23.96 ? 62   CYS B CA    1 
ATOM   1577 C C     . CYS B 2 12  ? 6.585   -5.294  -18.023 1.00 27.39 ? 62   CYS B C     1 
ATOM   1578 O O     . CYS B 2 12  ? 5.805   -4.656  -18.736 1.00 30.47 ? 62   CYS B O     1 
ATOM   1579 C CB    . CYS B 2 12  ? 4.991   -6.963  -17.064 1.00 22.52 ? 62   CYS B CB    1 
ATOM   1580 S SG    . CYS B 2 12  ? 4.301   -8.638  -17.201 1.00 17.59 ? 62   CYS B SG    1 
ATOM   1581 N N     . ARG B 2 13  ? 7.641   -4.723  -17.452 1.00 30.63 ? 63   ARG B N     1 
ATOM   1582 C CA    . ARG B 2 13  ? 7.913   -3.317  -17.736 1.00 34.50 ? 63   ARG B CA    1 
ATOM   1583 C C     . ARG B 2 13  ? 8.510   -3.196  -19.139 1.00 37.00 ? 63   ARG B C     1 
ATOM   1584 O O     . ARG B 2 13  ? 8.718   -2.103  -19.641 1.00 38.75 ? 63   ARG B O     1 
ATOM   1585 C CB    . ARG B 2 13  ? 8.807   -2.695  -16.656 1.00 32.87 ? 63   ARG B CB    1 
ATOM   1586 C CG    . ARG B 2 13  ? 9.915   -3.576  -16.231 1.00 33.64 ? 63   ARG B CG    1 
ATOM   1587 C CD    . ARG B 2 13  ? 10.632  -3.116  -14.966 1.00 31.07 ? 63   ARG B CD    1 
ATOM   1588 N NE    . ARG B 2 13  ? 11.602  -4.153  -14.648 1.00 29.67 ? 63   ARG B NE    1 
ATOM   1589 C CZ    . ARG B 2 13  ? 12.714  -3.991  -13.957 1.00 28.50 ? 63   ARG B CZ    1 
ATOM   1590 N NH1   . ARG B 2 13  ? 13.052  -2.802  -13.466 1.00 27.81 ? 63   ARG B NH1   1 
ATOM   1591 N NH2   . ARG B 2 13  ? 13.505  -5.041  -13.788 1.00 28.96 ? 63   ARG B NH2   1 
ATOM   1592 N N     . ASN B 2 14  ? 8.743   -4.346  -19.770 1.00 39.94 ? 64   ASN B N     1 
ATOM   1593 C CA    . ASN B 2 14  ? 9.248   -4.426  -21.141 1.00 43.85 ? 64   ASN B CA    1 
ATOM   1594 C C     . ASN B 2 14  ? 8.391   -5.395  -21.960 1.00 46.27 ? 64   ASN B C     1 
ATOM   1595 O O     . ASN B 2 14  ? 8.902   -6.428  -22.451 1.00 20.33 ? 64   ASN B O     1 
ATOM   1596 C CB    . ASN B 2 14  ? 10.704  -4.894  -21.178 1.00 44.07 ? 64   ASN B CB    1 
ATOM   1597 C CG    . ASN B 2 14  ? 11.670  -3.801  -20.793 1.00 45.23 ? 64   ASN B CG    1 
ATOM   1598 O OD1   . ASN B 2 14  ? 11.630  -2.702  -21.357 1.00 45.10 ? 64   ASN B OD1   1 
ATOM   1599 N ND2   . ASN B 2 14  ? 12.558  -4.095  -19.844 1.00 45.28 ? 64   ASN B ND2   1 
HETATM 1600 P PA    . M7G C 3 .   ? -1.596  10.947  9.593   1.00 37.60 ? 1000 M7G A PA    1 
HETATM 1601 O O1A   . M7G C 3 .   ? -1.554  11.651  8.288   1.00 38.00 ? 1000 M7G A O1A   1 
HETATM 1602 O O2A   . M7G C 3 .   ? -2.158  9.591   9.371   1.00 36.18 ? 1000 M7G A O2A   1 
HETATM 1603 O O3A   . M7G C 3 .   ? -0.102  10.801  10.205  1.00 39.31 ? 1000 M7G A O3A   1 
HETATM 1604 O "O5'" . M7G C 3 .   ? -2.518  11.767  10.642  1.00 34.25 ? 1000 M7G A "O5'" 1 
HETATM 1605 P PB    . M7G C 3 .   ? 0.645   12.015  10.937  1.00 42.26 ? 1000 M7G A PB    1 
HETATM 1606 O O1B   . M7G C 3 .   ? 0.675   13.193  10.025  1.00 39.64 ? 1000 M7G A O1B   1 
HETATM 1607 O O2B   . M7G C 3 .   ? 2.022   11.586  11.256  1.00 40.79 ? 1000 M7G A O2B   1 
HETATM 1608 O O3B   . M7G C 3 .   ? -0.078  12.345  12.201  1.00 40.98 ? 1000 M7G A O3B   1 
HETATM 1609 C "C5'" . M7G C 3 .   ? -2.822  13.140  10.469  1.00 31.43 ? 1000 M7G A "C5'" 1 
HETATM 1610 C "C4'" . M7G C 3 .   ? -4.210  13.518  10.834  1.00 27.94 ? 1000 M7G A "C4'" 1 
HETATM 1611 O "O4'" . M7G C 3 .   ? -4.977  13.301  9.646   1.00 27.47 ? 1000 M7G A "O4'" 1 
HETATM 1612 C "C3'" . M7G C 3 .   ? -4.935  12.599  11.773  1.00 25.75 ? 1000 M7G A "C3'" 1 
HETATM 1613 O "O3'" . M7G C 3 .   ? -4.683  12.932  13.147  1.00 25.53 ? 1000 M7G A "O3'" 1 
HETATM 1614 C "C2'" . M7G C 3 .   ? -6.414  12.942  11.468  1.00 24.78 ? 1000 M7G A "C2'" 1 
HETATM 1615 O "O2'" . M7G C 3 .   ? -6.781  14.279  11.994  1.00 23.38 ? 1000 M7G A "O2'" 1 
HETATM 1616 C "C1'" . M7G C 3 .   ? -6.336  12.926  9.950   1.00 23.27 ? 1000 M7G A "C1'" 1 
HETATM 1617 N N9    . M7G C 3 .   ? -6.386  11.632  9.229   1.00 21.63 ? 1000 M7G A N9    1 
HETATM 1618 C C8    . M7G C 3 .   ? -5.436  10.767  8.769   1.00 19.85 ? 1000 M7G A C8    1 
HETATM 1619 N N7    . M7G C 3 .   ? -6.025  9.750   8.198   1.00 20.46 ? 1000 M7G A N7    1 
HETATM 1620 C CM7   . M7G C 3 .   ? -5.330  8.617   7.588   1.00 19.36 ? 1000 M7G A CM7   1 
HETATM 1621 C C5    . M7G C 3 .   ? -7.548  9.879   8.246   1.00 19.60 ? 1000 M7G A C5    1 
HETATM 1622 C C6    . M7G C 3 .   ? -8.592  9.207   7.864   1.00 20.28 ? 1000 M7G A C6    1 
HETATM 1623 O O6    . M7G C 3 .   ? -8.543  8.092   7.268   1.00 20.04 ? 1000 M7G A O6    1 
HETATM 1624 N N1    . M7G C 3 .   ? -9.813  9.856   8.192   1.00 21.14 ? 1000 M7G A N1    1 
HETATM 1625 C C2    . M7G C 3 .   ? -9.938  11.063  8.842   1.00 21.86 ? 1000 M7G A C2    1 
HETATM 1626 N N2    . M7G C 3 .   ? -11.141 11.526  9.069   1.00 21.65 ? 1000 M7G A N2    1 
HETATM 1627 N N3    . M7G C 3 .   ? -8.855  11.771  9.251   1.00 20.87 ? 1000 M7G A N3    1 
HETATM 1628 C C4    . M7G C 3 .   ? -7.635  11.150  8.937   1.00 20.37 ? 1000 M7G A C4    1 
HETATM 1629 O O     . HOH D 4 .   ? 1.560   4.426   6.041   1.00 13.83 ? 1001 HOH A O     1 
HETATM 1630 O O     . HOH D 4 .   ? -4.489  -7.047  -8.468  1.00 8.72  ? 1002 HOH A O     1 
HETATM 1631 O O     . HOH D 4 .   ? 7.450   6.954   -9.285  1.00 9.42  ? 1003 HOH A O     1 
HETATM 1632 O O     . HOH D 4 .   ? -8.361  -0.831  6.270   1.00 19.63 ? 1004 HOH A O     1 
HETATM 1633 O O     . HOH D 4 .   ? 14.051  6.072   -1.728  1.00 11.00 ? 1005 HOH A O     1 
HETATM 1634 O O     . HOH D 4 .   ? -4.792  7.684   3.143   1.00 14.20 ? 1006 HOH A O     1 
HETATM 1635 O O     . HOH D 4 .   ? -13.973 -2.944  7.711   1.00 17.57 ? 1007 HOH A O     1 
HETATM 1636 O O     . HOH D 4 .   ? 5.585   6.074   -18.215 1.00 14.40 ? 1008 HOH A O     1 
HETATM 1637 O O     . HOH D 4 .   ? -3.962  10.148  2.325   1.00 12.73 ? 1009 HOH A O     1 
HETATM 1638 O O     . HOH D 4 .   ? 14.367  3.066   -1.840  1.00 13.43 ? 1010 HOH A O     1 
HETATM 1639 O O     . HOH D 4 .   ? 5.770   7.123   -7.072  1.00 8.87  ? 1011 HOH A O     1 
HETATM 1640 O O     . HOH D 4 .   ? 4.106   13.156  -9.758  1.00 14.33 ? 1012 HOH A O     1 
HETATM 1641 O O     . HOH D 4 .   ? 3.278   5.802   -6.013  1.00 11.46 ? 1013 HOH A O     1 
HETATM 1642 O O     . HOH D 4 .   ? 4.310   -9.464  -6.694  1.00 25.44 ? 1014 HOH A O     1 
HETATM 1643 O O     . HOH D 4 .   ? -11.552 -3.269  -14.514 1.00 18.02 ? 1015 HOH A O     1 
HETATM 1644 O O     . HOH D 4 .   ? -9.721  3.536   -4.288  1.00 13.08 ? 1016 HOH A O     1 
HETATM 1645 O O     . HOH D 4 .   ? -15.536 0.747   -0.386  1.00 21.89 ? 1017 HOH A O     1 
HETATM 1646 O O     . HOH D 4 .   ? -3.389  6.231   10.246  1.00 48.97 ? 1018 HOH A O     1 
HETATM 1647 O O     . HOH D 4 .   ? -8.036  -9.486  -3.934  1.00 15.16 ? 1019 HOH A O     1 
HETATM 1648 O O     . HOH D 4 .   ? 11.183  14.947  -0.219  1.00 22.35 ? 1020 HOH A O     1 
HETATM 1649 O O     . HOH D 4 .   ? -7.850  -0.872  -18.479 1.00 20.72 ? 1021 HOH A O     1 
HETATM 1650 O O     . HOH D 4 .   ? 5.579   -13.574 -2.569  1.00 18.83 ? 1022 HOH A O     1 
HETATM 1651 O O     . HOH D 4 .   ? 0.009   22.060  2.114   1.00 23.83 ? 1023 HOH A O     1 
HETATM 1652 O O     . HOH D 4 .   ? -0.625  4.170   -16.589 1.00 3.52  ? 1024 HOH A O     1 
HETATM 1653 O O     . HOH D 4 .   ? 13.394  14.926  1.748   1.00 23.34 ? 1025 HOH A O     1 
HETATM 1654 O O     . HOH D 4 .   ? -2.880  7.517   11.019  1.00 24.80 ? 1026 HOH A O     1 
HETATM 1655 O O     . HOH D 4 .   ? -10.787 -0.432  13.150  1.00 18.90 ? 1027 HOH A O     1 
HETATM 1656 O O     . HOH D 4 .   ? -4.494  3.258   10.917  1.00 14.51 ? 1028 HOH A O     1 
HETATM 1657 O O     . HOH D 4 .   ? -2.183  6.511   7.102   1.00 16.03 ? 1029 HOH A O     1 
HETATM 1658 O O     . HOH D 4 .   ? -12.269 -10.108 2.527   1.00 24.06 ? 1030 HOH A O     1 
HETATM 1659 O O     . HOH D 4 .   ? 10.674  7.011   -15.516 1.00 28.65 ? 1031 HOH A O     1 
HETATM 1660 O O     . HOH D 4 .   ? -5.337  -18.032 -4.550  1.00 24.81 ? 1032 HOH A O     1 
HETATM 1661 O O     . HOH D 4 .   ? -4.802  -7.434  -3.153  1.00 22.06 ? 1033 HOH A O     1 
HETATM 1662 O O     . HOH D 4 .   ? -8.810  -14.209 9.049   1.00 42.13 ? 1034 HOH A O     1 
HETATM 1663 O O     . HOH D 4 .   ? -3.207  9.350   -0.314  1.00 15.73 ? 1035 HOH A O     1 
HETATM 1664 O O     . HOH D 4 .   ? 13.889  0.484   7.753   1.00 26.38 ? 1036 HOH A O     1 
HETATM 1665 O O     . HOH D 4 .   ? 7.807   5.954   -4.872  1.00 21.12 ? 1037 HOH A O     1 
HETATM 1666 O O     . HOH D 4 .   ? -10.375 -5.768  -13.111 1.00 48.96 ? 1038 HOH A O     1 
HETATM 1667 O O     . HOH D 4 .   ? -6.177  -19.299 0.786   1.00 33.21 ? 1039 HOH A O     1 
HETATM 1668 O O     . HOH D 4 .   ? 6.826   13.019  -13.120 1.00 18.41 ? 1040 HOH A O     1 
HETATM 1669 O O     . HOH D 4 .   ? 12.326  7.280   4.807   1.00 20.25 ? 1041 HOH A O     1 
HETATM 1670 O O     . HOH D 4 .   ? -11.050 -14.937 -9.004  1.00 21.47 ? 1042 HOH A O     1 
HETATM 1671 O O     . HOH D 4 .   ? -10.275 -12.076 -11.947 1.00 18.42 ? 1043 HOH A O     1 
HETATM 1672 O O     . HOH D 4 .   ? -5.081  3.654   -17.202 1.00 31.08 ? 1044 HOH A O     1 
HETATM 1673 O O     . HOH D 4 .   ? 19.035  -0.126  3.755   1.00 40.48 ? 1045 HOH A O     1 
HETATM 1674 O O     . HOH D 4 .   ? -11.096 -1.311  -18.004 1.00 27.03 ? 1046 HOH A O     1 
HETATM 1675 O O     . HOH D 4 .   ? 10.552  11.672  -8.242  1.00 23.42 ? 1047 HOH A O     1 
HETATM 1676 O O     . HOH D 4 .   ? 11.769  15.953  5.921   1.00 33.65 ? 1048 HOH A O     1 
HETATM 1677 O O     . HOH D 4 .   ? 5.731   16.877  8.399   1.00 29.17 ? 1049 HOH A O     1 
HETATM 1678 O O     . HOH D 4 .   ? 4.152   -0.084  -19.455 1.00 25.41 ? 1050 HOH A O     1 
HETATM 1679 O O     . HOH D 4 .   ? 12.280  -10.088 6.093   1.00 31.30 ? 1051 HOH A O     1 
HETATM 1680 O O     . HOH D 4 .   ? -11.611 -4.407  -8.301  1.00 32.41 ? 1052 HOH A O     1 
HETATM 1681 O O     . HOH D 4 .   ? 11.052  1.638   -13.769 1.00 18.97 ? 1053 HOH A O     1 
HETATM 1682 O O     . HOH D 4 .   ? -10.518 -5.778  0.889   1.00 18.24 ? 1054 HOH A O     1 
HETATM 1683 O O     . HOH D 4 .   ? 9.417   -0.676  9.967   1.00 36.11 ? 1055 HOH A O     1 
HETATM 1684 O O     . HOH D 4 .   ? 17.194  10.015  10.128  1.00 27.69 ? 1056 HOH A O     1 
HETATM 1685 O O     . HOH D 4 .   ? -2.439  -8.433  -2.287  1.00 22.68 ? 1057 HOH A O     1 
HETATM 1686 O O     . HOH D 4 .   ? 15.719  4.075   14.333  1.00 38.13 ? 1058 HOH A O     1 
HETATM 1687 O O     . HOH D 4 .   ? -8.109  -8.408  7.384   1.00 26.43 ? 1059 HOH A O     1 
HETATM 1688 O O     . HOH D 4 .   ? -9.589  -14.755 2.494   1.00 30.81 ? 1060 HOH A O     1 
HETATM 1689 O O     . HOH D 4 .   ? 5.408   -16.151 4.706   1.00 40.17 ? 1061 HOH A O     1 
HETATM 1690 O O     . HOH D 4 .   ? -12.524 -13.371 0.381   1.00 43.02 ? 1062 HOH A O     1 
HETATM 1691 O O     . HOH D 4 .   ? -5.861  -0.005  -17.132 1.00 33.43 ? 1063 HOH A O     1 
HETATM 1692 O O     . HOH D 4 .   ? -6.132  -11.473 18.117  1.00 37.94 ? 1064 HOH A O     1 
HETATM 1693 O O     . HOH D 4 .   ? -11.225 -7.577  -2.568  1.00 35.30 ? 1065 HOH A O     1 
HETATM 1694 O O     . HOH D 4 .   ? 1.142   -15.748 -0.183  1.00 31.88 ? 1066 HOH A O     1 
HETATM 1695 O O     . HOH D 4 .   ? -8.984  -11.071 -18.486 1.00 20.01 ? 1067 HOH A O     1 
HETATM 1696 O O     . HOH D 4 .   ? -10.453 12.825  -6.863  1.00 39.25 ? 1068 HOH A O     1 
HETATM 1697 O O     . HOH D 4 .   ? -12.677 -13.555 12.178  1.00 47.96 ? 1069 HOH A O     1 
HETATM 1698 O O     . HOH D 4 .   ? -2.773  9.988   6.528   1.00 42.75 ? 1070 HOH A O     1 
HETATM 1699 O O     . HOH D 4 .   ? -1.295  4.689   7.056   1.00 17.50 ? 1071 HOH A O     1 
HETATM 1700 O O     . HOH D 4 .   ? 7.785   -12.834 7.720   1.00 21.36 ? 1072 HOH A O     1 
HETATM 1701 O O     . HOH E 4 .   ? -2.785  -16.716 -11.465 1.00 15.42 ? 65   HOH B O     1 
HETATM 1702 O O     . HOH E 4 .   ? -3.234  -9.850  -10.305 1.00 22.13 ? 66   HOH B O     1 
HETATM 1703 O O     . HOH E 4 .   ? -1.683  -15.126 -13.557 1.00 20.63 ? 67   HOH B O     1 
HETATM 1704 O O     . HOH E 4 .   ? 7.643   -13.252 -5.922  1.00 25.25 ? 68   HOH B O     1 
HETATM 1705 O O     . HOH E 4 .   ? -3.235  -14.295 -15.905 1.00 22.04 ? 69   HOH B O     1 
HETATM 1706 O O     . HOH E 4 .   ? 12.174  -10.250 -8.761  1.00 22.47 ? 70   HOH B O     1 
HETATM 1707 O O     . HOH E 4 .   ? 7.666   -0.379  -22.375 1.00 31.06 ? 71   HOH B O     1 
HETATM 1708 O O     . HOH E 4 .   ? 6.974   -0.315  -18.389 1.00 17.99 ? 72   HOH B O     1 
HETATM 1709 O O     . HOH E 4 .   ? 5.311   -6.900  -21.351 1.00 28.24 ? 73   HOH B O     1 
HETATM 1710 O O     . HOH E 4 .   ? 11.493  -13.099 -6.938  1.00 25.74 ? 74   HOH B O     1 
HETATM 1711 O O     . HOH E 4 .   ? 10.113  -13.586 -15.242 1.00 31.51 ? 75   HOH B O     1 
HETATM 1712 O O     . HOH E 4 .   ? -1.853  -12.738 -17.659 1.00 17.95 ? 76   HOH B O     1 
HETATM 1713 O O     . HOH E 4 .   ? 13.491  -9.380  -11.104 1.00 31.38 ? 77   HOH B O     1 
# 
